data_2V5T
# 
_entry.id   2V5T 
# 
_audit_conform.dict_name       mmcif_pdbx.dic 
_audit_conform.dict_version    5.399 
_audit_conform.dict_location   http://mmcif.pdb.org/dictionaries/ascii/mmcif_pdbx.dic 
# 
loop_
_database_2.database_id 
_database_2.database_code 
_database_2.pdbx_database_accession 
_database_2.pdbx_DOI 
PDB   2V5T         pdb_00002v5t 10.2210/pdb2v5t/pdb 
PDBE  EBI-33154    ?            ?                   
WWPDB D_1290033154 ?            ?                   
# 
loop_
_pdbx_audit_revision_history.ordinal 
_pdbx_audit_revision_history.data_content_type 
_pdbx_audit_revision_history.major_revision 
_pdbx_audit_revision_history.minor_revision 
_pdbx_audit_revision_history.revision_date 
1 'Structure model' 1 0 2008-07-29 
2 'Structure model' 1 1 2011-05-08 
3 'Structure model' 1 2 2011-07-13 
4 'Structure model' 1 3 2020-07-29 
5 'Structure model' 1 4 2024-05-01 
6 'Structure model' 1 5 2024-11-20 
# 
loop_
_pdbx_audit_revision_details.ordinal 
_pdbx_audit_revision_details.revision_ordinal 
_pdbx_audit_revision_details.data_content_type 
_pdbx_audit_revision_details.provider 
_pdbx_audit_revision_details.type 
_pdbx_audit_revision_details.description 
_pdbx_audit_revision_details.details 
1 1 'Structure model' repository 'Initial release' ?                          ? 
2 4 'Structure model' repository Remediation       'Carbohydrate remediation' ? 
# 
loop_
_pdbx_audit_revision_group.ordinal 
_pdbx_audit_revision_group.revision_ordinal 
_pdbx_audit_revision_group.data_content_type 
_pdbx_audit_revision_group.group 
1  2 'Structure model' 'Version format compliance' 
2  3 'Structure model' 'Version format compliance' 
3  4 'Structure model' 'Data collection'           
4  4 'Structure model' 'Derived calculations'      
5  4 'Structure model' Other                       
6  4 'Structure model' 'Structure summary'         
7  5 'Structure model' 'Data collection'           
8  5 'Structure model' 'Database references'       
9  5 'Structure model' 'Refinement description'    
10 5 'Structure model' 'Structure summary'         
11 6 'Structure model' 'Structure summary'         
# 
loop_
_pdbx_audit_revision_category.ordinal 
_pdbx_audit_revision_category.revision_ordinal 
_pdbx_audit_revision_category.data_content_type 
_pdbx_audit_revision_category.category 
1  4 'Structure model' chem_comp                     
2  4 'Structure model' entity                        
3  4 'Structure model' pdbx_chem_comp_identifier     
4  4 'Structure model' pdbx_database_status          
5  4 'Structure model' pdbx_entity_nonpoly           
6  4 'Structure model' struct_site                   
7  4 'Structure model' struct_site_gen               
8  5 'Structure model' chem_comp                     
9  5 'Structure model' chem_comp_atom                
10 5 'Structure model' chem_comp_bond                
11 5 'Structure model' database_2                    
12 5 'Structure model' pdbx_initial_refinement_model 
13 6 'Structure model' pdbx_entry_details            
14 6 'Structure model' pdbx_modification_feature     
# 
loop_
_pdbx_audit_revision_item.ordinal 
_pdbx_audit_revision_item.revision_ordinal 
_pdbx_audit_revision_item.data_content_type 
_pdbx_audit_revision_item.item 
1 4 'Structure model' '_chem_comp.name'                              
2 4 'Structure model' '_chem_comp.type'                              
3 4 'Structure model' '_entity.pdbx_description'                     
4 4 'Structure model' '_pdbx_database_status.status_code_sf'         
5 4 'Structure model' '_pdbx_entity_nonpoly.name'                    
6 5 'Structure model' '_chem_comp.pdbx_synonyms'                     
7 5 'Structure model' '_database_2.pdbx_DOI'                         
8 5 'Structure model' '_database_2.pdbx_database_accession'          
9 6 'Structure model' '_pdbx_entry_details.has_protein_modification' 
# 
_pdbx_database_status.status_code                     REL 
_pdbx_database_status.entry_id                        2V5T 
_pdbx_database_status.deposit_site                    PDBE 
_pdbx_database_status.process_site                    PDBE 
_pdbx_database_status.SG_entry                        . 
_pdbx_database_status.recvd_initial_deposition_date   2007-07-10 
_pdbx_database_status.pdb_format_compatible           Y 
_pdbx_database_status.status_code_sf                  REL 
_pdbx_database_status.status_code_mr                  ? 
_pdbx_database_status.status_code_cs                  ? 
_pdbx_database_status.methods_development_category    ? 
_pdbx_database_status.status_code_nmr_data            ? 
# 
loop_
_pdbx_database_related.db_name 
_pdbx_database_related.db_id 
_pdbx_database_related.content_type 
_pdbx_database_related.details 
PDB 2XY2 unspecified 'CRYSTAL STRUCTURE OF NCAM2 IG1-2'                                                              
PDB 2JLL unspecified 'CRYSTAL STRUCTURE OF NCAM2 IGIV-FN3II'                                                         
PDB 2VAJ unspecified 'CRYSTAL STRUCTURE OF NCAM2 IG1 (I4122 CELL UNIT)'                                              
PDB 2DOC unspecified 'SOLUTION STRUCTURE OF THE FIBRONECTIN TYPE-III DOMAIN OFHUMAN NEURAL CELL ADHESION MOLECULE 2' 
PDB 2XYC unspecified 'CRYSTAL STRUCTURE OF NCAM2 IGIV-FN3I'                                                          
PDB 2WIM unspecified 'CRYSTAL STRUCTURE OF NCAM2 IG1-3'                                                              
PDB 2XY1 unspecified 'CRYSTAL STRUCTURE OF NCAM2 IG3-4'                                                              
# 
loop_
_audit_author.name 
_audit_author.pdbx_ordinal 
'Kulahin, N.'     1 
'Rasmussen, K.K.' 2 
'Kristensen, O.'  3 
'Berezin, V.'     4 
'Bock, E.'        5 
'Walmod, P.S.'    6 
'Gajhede, M.'     7 
# 
_citation.id                        primary 
_citation.title                     
'Structural Model and Trans-Interaction of the Entire Ectodomain of the Olfactory Cell Adhesion Molecule.' 
_citation.journal_abbrev            Structure 
_citation.journal_volume            19 
_citation.page_first                203 
_citation.page_last                 ? 
_citation.year                      2011 
_citation.journal_id_ASTM           STRUE6 
_citation.country                   UK 
_citation.journal_id_ISSN           0969-2126 
_citation.journal_id_CSD            2005 
_citation.book_publisher            ? 
_citation.pdbx_database_id_PubMed   21300289 
_citation.pdbx_database_id_DOI      10.1016/J.STR.2010.12.014 
# 
loop_
_citation_author.citation_id 
_citation_author.name 
_citation_author.ordinal 
_citation_author.identifier_ORCID 
primary 'Kulahin, N.'     1  ? 
primary 'Kristensen, O.'  2  ? 
primary 'Rasmussen, K.K.' 3  ? 
primary 'Olsen, L.'       4  ? 
primary 'Rydberg, P.'     5  ? 
primary 'Vestergaard, B.' 6  ? 
primary 'Kastrup, J.S.'   7  ? 
primary 'Berezin, V.'     8  ? 
primary 'Bock, E.'        9  ? 
primary 'Walmod, P.S.'    10 ? 
primary 'Gajhede, M.'     11 ? 
# 
loop_
_entity.id 
_entity.type 
_entity.src_method 
_entity.pdbx_description 
_entity.formula_weight 
_entity.pdbx_number_of_molecules 
_entity.pdbx_ec 
_entity.pdbx_mutation 
_entity.pdbx_fragment 
_entity.details 
1 polymer     man 'NEURAL CELL ADHESION MOLECULE 2'        21147.668 1   ? ? 'IG2-3, RESIDUES 115-301' ? 
2 non-polymer syn 'SULFATE ION'                            96.063    2   ? ? ?                         ? 
3 non-polymer man 2-acetamido-2-deoxy-beta-D-glucopyranose 221.208   2   ? ? ?                         ? 
4 non-polymer syn GLYCEROL                                 92.094    4   ? ? ?                         ? 
5 water       nat water                                    18.015    210 ? ? ?                         ? 
# 
_entity_name_com.entity_id   1 
_entity_name_com.name        'NCAM2, N-CAM 2' 
# 
_entity_poly.entity_id                      1 
_entity_poly.type                           'polypeptide(L)' 
_entity_poly.nstd_linkage                   no 
_entity_poly.nstd_monomer                   no 
_entity_poly.pdbx_seq_one_letter_code       
;SMLTFREVVSPQEFKQGEDAEVVCRVSSSPAPAVSWLYHNEEVTTISDNRFAMLANNNLQILNINKSDEGIYRCEGRVEA
RGEIDFRDIIVIVNVPPAISMPQKSFNATAERGEEMTFSCRASGSPEPAISWFRNGKLIEENEKYILKGSNTELTVRNII
NSDGGPYVCRATNKAGEDEKQAFLQVFVQ
;
_entity_poly.pdbx_seq_one_letter_code_can   
;SMLTFREVVSPQEFKQGEDAEVVCRVSSSPAPAVSWLYHNEEVTTISDNRFAMLANNNLQILNINKSDEGIYRCEGRVEA
RGEIDFRDIIVIVNVPPAISMPQKSFNATAERGEEMTFSCRASGSPEPAISWFRNGKLIEENEKYILKGSNTELTVRNII
NSDGGPYVCRATNKAGEDEKQAFLQVFVQ
;
_entity_poly.pdbx_strand_id                 A 
_entity_poly.pdbx_target_identifier         ? 
# 
loop_
_pdbx_entity_nonpoly.entity_id 
_pdbx_entity_nonpoly.name 
_pdbx_entity_nonpoly.comp_id 
2 'SULFATE ION'                            SO4 
3 2-acetamido-2-deoxy-beta-D-glucopyranose NAG 
4 GLYCEROL                                 GOL 
5 water                                    HOH 
# 
loop_
_entity_poly_seq.entity_id 
_entity_poly_seq.num 
_entity_poly_seq.mon_id 
_entity_poly_seq.hetero 
1 1   SER n 
1 2   MET n 
1 3   LEU n 
1 4   THR n 
1 5   PHE n 
1 6   ARG n 
1 7   GLU n 
1 8   VAL n 
1 9   VAL n 
1 10  SER n 
1 11  PRO n 
1 12  GLN n 
1 13  GLU n 
1 14  PHE n 
1 15  LYS n 
1 16  GLN n 
1 17  GLY n 
1 18  GLU n 
1 19  ASP n 
1 20  ALA n 
1 21  GLU n 
1 22  VAL n 
1 23  VAL n 
1 24  CYS n 
1 25  ARG n 
1 26  VAL n 
1 27  SER n 
1 28  SER n 
1 29  SER n 
1 30  PRO n 
1 31  ALA n 
1 32  PRO n 
1 33  ALA n 
1 34  VAL n 
1 35  SER n 
1 36  TRP n 
1 37  LEU n 
1 38  TYR n 
1 39  HIS n 
1 40  ASN n 
1 41  GLU n 
1 42  GLU n 
1 43  VAL n 
1 44  THR n 
1 45  THR n 
1 46  ILE n 
1 47  SER n 
1 48  ASP n 
1 49  ASN n 
1 50  ARG n 
1 51  PHE n 
1 52  ALA n 
1 53  MET n 
1 54  LEU n 
1 55  ALA n 
1 56  ASN n 
1 57  ASN n 
1 58  ASN n 
1 59  LEU n 
1 60  GLN n 
1 61  ILE n 
1 62  LEU n 
1 63  ASN n 
1 64  ILE n 
1 65  ASN n 
1 66  LYS n 
1 67  SER n 
1 68  ASP n 
1 69  GLU n 
1 70  GLY n 
1 71  ILE n 
1 72  TYR n 
1 73  ARG n 
1 74  CYS n 
1 75  GLU n 
1 76  GLY n 
1 77  ARG n 
1 78  VAL n 
1 79  GLU n 
1 80  ALA n 
1 81  ARG n 
1 82  GLY n 
1 83  GLU n 
1 84  ILE n 
1 85  ASP n 
1 86  PHE n 
1 87  ARG n 
1 88  ASP n 
1 89  ILE n 
1 90  ILE n 
1 91  VAL n 
1 92  ILE n 
1 93  VAL n 
1 94  ASN n 
1 95  VAL n 
1 96  PRO n 
1 97  PRO n 
1 98  ALA n 
1 99  ILE n 
1 100 SER n 
1 101 MET n 
1 102 PRO n 
1 103 GLN n 
1 104 LYS n 
1 105 SER n 
1 106 PHE n 
1 107 ASN n 
1 108 ALA n 
1 109 THR n 
1 110 ALA n 
1 111 GLU n 
1 112 ARG n 
1 113 GLY n 
1 114 GLU n 
1 115 GLU n 
1 116 MET n 
1 117 THR n 
1 118 PHE n 
1 119 SER n 
1 120 CYS n 
1 121 ARG n 
1 122 ALA n 
1 123 SER n 
1 124 GLY n 
1 125 SER n 
1 126 PRO n 
1 127 GLU n 
1 128 PRO n 
1 129 ALA n 
1 130 ILE n 
1 131 SER n 
1 132 TRP n 
1 133 PHE n 
1 134 ARG n 
1 135 ASN n 
1 136 GLY n 
1 137 LYS n 
1 138 LEU n 
1 139 ILE n 
1 140 GLU n 
1 141 GLU n 
1 142 ASN n 
1 143 GLU n 
1 144 LYS n 
1 145 TYR n 
1 146 ILE n 
1 147 LEU n 
1 148 LYS n 
1 149 GLY n 
1 150 SER n 
1 151 ASN n 
1 152 THR n 
1 153 GLU n 
1 154 LEU n 
1 155 THR n 
1 156 VAL n 
1 157 ARG n 
1 158 ASN n 
1 159 ILE n 
1 160 ILE n 
1 161 ASN n 
1 162 SER n 
1 163 ASP n 
1 164 GLY n 
1 165 GLY n 
1 166 PRO n 
1 167 TYR n 
1 168 VAL n 
1 169 CYS n 
1 170 ARG n 
1 171 ALA n 
1 172 THR n 
1 173 ASN n 
1 174 LYS n 
1 175 ALA n 
1 176 GLY n 
1 177 GLU n 
1 178 ASP n 
1 179 GLU n 
1 180 LYS n 
1 181 GLN n 
1 182 ALA n 
1 183 PHE n 
1 184 LEU n 
1 185 GLN n 
1 186 VAL n 
1 187 PHE n 
1 188 VAL n 
1 189 GLN n 
# 
_entity_src_gen.entity_id                          1 
_entity_src_gen.pdbx_src_id                        1 
_entity_src_gen.pdbx_alt_source_flag               sample 
_entity_src_gen.pdbx_seq_type                      ? 
_entity_src_gen.pdbx_beg_seq_num                   ? 
_entity_src_gen.pdbx_end_seq_num                   ? 
_entity_src_gen.gene_src_common_name               HUMAN 
_entity_src_gen.gene_src_genus                     ? 
_entity_src_gen.pdbx_gene_src_gene                 ? 
_entity_src_gen.gene_src_species                   ? 
_entity_src_gen.gene_src_strain                    ? 
_entity_src_gen.gene_src_tissue                    ? 
_entity_src_gen.gene_src_tissue_fraction           ? 
_entity_src_gen.gene_src_details                   ? 
_entity_src_gen.pdbx_gene_src_fragment             ? 
_entity_src_gen.pdbx_gene_src_scientific_name      'HOMO SAPIENS' 
_entity_src_gen.pdbx_gene_src_ncbi_taxonomy_id     9606 
_entity_src_gen.pdbx_gene_src_variant              ? 
_entity_src_gen.pdbx_gene_src_cell_line            ? 
_entity_src_gen.pdbx_gene_src_atcc                 ? 
_entity_src_gen.pdbx_gene_src_organ                ? 
_entity_src_gen.pdbx_gene_src_organelle            ? 
_entity_src_gen.pdbx_gene_src_cell                 ? 
_entity_src_gen.pdbx_gene_src_cellular_location    ? 
_entity_src_gen.host_org_common_name               ? 
_entity_src_gen.pdbx_host_org_scientific_name      'PICHIA PASTORIS' 
_entity_src_gen.pdbx_host_org_ncbi_taxonomy_id     4922 
_entity_src_gen.host_org_genus                     ? 
_entity_src_gen.pdbx_host_org_gene                 ? 
_entity_src_gen.pdbx_host_org_organ                ? 
_entity_src_gen.host_org_species                   ? 
_entity_src_gen.pdbx_host_org_tissue               ? 
_entity_src_gen.pdbx_host_org_tissue_fraction      ? 
_entity_src_gen.pdbx_host_org_strain               KM71H 
_entity_src_gen.pdbx_host_org_variant              ? 
_entity_src_gen.pdbx_host_org_cell_line            ? 
_entity_src_gen.pdbx_host_org_atcc                 ? 
_entity_src_gen.pdbx_host_org_culture_collection   ? 
_entity_src_gen.pdbx_host_org_cell                 ? 
_entity_src_gen.pdbx_host_org_organelle            ? 
_entity_src_gen.pdbx_host_org_cellular_location    ? 
_entity_src_gen.pdbx_host_org_vector_type          ? 
_entity_src_gen.pdbx_host_org_vector               ? 
_entity_src_gen.host_org_details                   ? 
_entity_src_gen.expression_system_id               ? 
_entity_src_gen.plasmid_name                       ? 
_entity_src_gen.plasmid_details                    ? 
_entity_src_gen.pdbx_description                   ? 
# 
loop_
_chem_comp.id 
_chem_comp.type 
_chem_comp.mon_nstd_flag 
_chem_comp.name 
_chem_comp.pdbx_synonyms 
_chem_comp.formula 
_chem_comp.formula_weight 
ALA 'L-peptide linking'          y ALANINE                                  ? 'C3 H7 N O2'     89.093  
ARG 'L-peptide linking'          y ARGININE                                 ? 'C6 H15 N4 O2 1' 175.209 
ASN 'L-peptide linking'          y ASPARAGINE                               ? 'C4 H8 N2 O3'    132.118 
ASP 'L-peptide linking'          y 'ASPARTIC ACID'                          ? 'C4 H7 N O4'     133.103 
CYS 'L-peptide linking'          y CYSTEINE                                 ? 'C3 H7 N O2 S'   121.158 
GLN 'L-peptide linking'          y GLUTAMINE                                ? 'C5 H10 N2 O3'   146.144 
GLU 'L-peptide linking'          y 'GLUTAMIC ACID'                          ? 'C5 H9 N O4'     147.129 
GLY 'peptide linking'            y GLYCINE                                  ? 'C2 H5 N O2'     75.067  
GOL non-polymer                  . GLYCEROL                                 'GLYCERIN; PROPANE-1,2,3-TRIOL' 'C3 H8 O3'       
92.094  
HIS 'L-peptide linking'          y HISTIDINE                                ? 'C6 H10 N3 O2 1' 156.162 
HOH non-polymer                  . WATER                                    ? 'H2 O'           18.015  
ILE 'L-peptide linking'          y ISOLEUCINE                               ? 'C6 H13 N O2'    131.173 
LEU 'L-peptide linking'          y LEUCINE                                  ? 'C6 H13 N O2'    131.173 
LYS 'L-peptide linking'          y LYSINE                                   ? 'C6 H15 N2 O2 1' 147.195 
MET 'L-peptide linking'          y METHIONINE                               ? 'C5 H11 N O2 S'  149.211 
NAG 'D-saccharide, beta linking' . 2-acetamido-2-deoxy-beta-D-glucopyranose 
;N-acetyl-beta-D-glucosamine; 2-acetamido-2-deoxy-beta-D-glucose; 2-acetamido-2-deoxy-D-glucose; 2-acetamido-2-deoxy-glucose; N-ACETYL-D-GLUCOSAMINE
;
'C8 H15 N O6'    221.208 
PHE 'L-peptide linking'          y PHENYLALANINE                            ? 'C9 H11 N O2'    165.189 
PRO 'L-peptide linking'          y PROLINE                                  ? 'C5 H9 N O2'     115.130 
SER 'L-peptide linking'          y SERINE                                   ? 'C3 H7 N O3'     105.093 
SO4 non-polymer                  . 'SULFATE ION'                            ? 'O4 S -2'        96.063  
THR 'L-peptide linking'          y THREONINE                                ? 'C4 H9 N O3'     119.119 
TRP 'L-peptide linking'          y TRYPTOPHAN                               ? 'C11 H12 N2 O2'  204.225 
TYR 'L-peptide linking'          y TYROSINE                                 ? 'C9 H11 N O3'    181.189 
VAL 'L-peptide linking'          y VALINE                                   ? 'C5 H11 N O2'    117.146 
# 
loop_
_pdbx_chem_comp_identifier.comp_id 
_pdbx_chem_comp_identifier.type 
_pdbx_chem_comp_identifier.program 
_pdbx_chem_comp_identifier.program_version 
_pdbx_chem_comp_identifier.identifier 
NAG 'CONDENSED IUPAC CARBOHYDRATE SYMBOL' GMML     1.0 DGlcpNAcb                      
NAG 'COMMON NAME'                         GMML     1.0 N-acetyl-b-D-glucopyranosamine 
NAG 'IUPAC CARBOHYDRATE SYMBOL'           PDB-CARE 1.0 b-D-GlcpNAc                    
NAG 'SNFG CARBOHYDRATE SYMBOL'            GMML     1.0 GlcNAc                         
# 
loop_
_pdbx_poly_seq_scheme.asym_id 
_pdbx_poly_seq_scheme.entity_id 
_pdbx_poly_seq_scheme.seq_id 
_pdbx_poly_seq_scheme.mon_id 
_pdbx_poly_seq_scheme.ndb_seq_num 
_pdbx_poly_seq_scheme.pdb_seq_num 
_pdbx_poly_seq_scheme.auth_seq_num 
_pdbx_poly_seq_scheme.pdb_mon_id 
_pdbx_poly_seq_scheme.auth_mon_id 
_pdbx_poly_seq_scheme.pdb_strand_id 
_pdbx_poly_seq_scheme.pdb_ins_code 
_pdbx_poly_seq_scheme.hetero 
A 1 1   SER 1   113 113 SER SER A . n 
A 1 2   MET 2   114 114 MET MET A . n 
A 1 3   LEU 3   115 115 LEU LEU A . n 
A 1 4   THR 4   116 116 THR THR A . n 
A 1 5   PHE 5   117 117 PHE PHE A . n 
A 1 6   ARG 6   118 118 ARG ARG A . n 
A 1 7   GLU 7   119 119 GLU GLU A . n 
A 1 8   VAL 8   120 120 VAL VAL A . n 
A 1 9   VAL 9   121 121 VAL VAL A . n 
A 1 10  SER 10  122 122 SER SER A . n 
A 1 11  PRO 11  123 123 PRO PRO A . n 
A 1 12  GLN 12  124 124 GLN GLN A . n 
A 1 13  GLU 13  125 125 GLU GLU A . n 
A 1 14  PHE 14  126 126 PHE PHE A . n 
A 1 15  LYS 15  127 127 LYS LYS A . n 
A 1 16  GLN 16  128 128 GLN GLN A . n 
A 1 17  GLY 17  129 129 GLY GLY A . n 
A 1 18  GLU 18  130 130 GLU GLU A . n 
A 1 19  ASP 19  131 131 ASP ASP A . n 
A 1 20  ALA 20  132 132 ALA ALA A . n 
A 1 21  GLU 21  133 133 GLU GLU A . n 
A 1 22  VAL 22  134 134 VAL VAL A . n 
A 1 23  VAL 23  135 135 VAL VAL A . n 
A 1 24  CYS 24  136 136 CYS CYS A . n 
A 1 25  ARG 25  137 137 ARG ARG A . n 
A 1 26  VAL 26  138 138 VAL VAL A . n 
A 1 27  SER 27  139 139 SER SER A . n 
A 1 28  SER 28  140 140 SER SER A . n 
A 1 29  SER 29  141 141 SER SER A . n 
A 1 30  PRO 30  142 142 PRO PRO A . n 
A 1 31  ALA 31  143 143 ALA ALA A . n 
A 1 32  PRO 32  144 144 PRO PRO A . n 
A 1 33  ALA 33  145 145 ALA ALA A . n 
A 1 34  VAL 34  146 146 VAL VAL A . n 
A 1 35  SER 35  147 147 SER SER A . n 
A 1 36  TRP 36  148 148 TRP TRP A . n 
A 1 37  LEU 37  149 149 LEU LEU A . n 
A 1 38  TYR 38  150 150 TYR TYR A . n 
A 1 39  HIS 39  151 ?   ?   ?   A . n 
A 1 40  ASN 40  152 ?   ?   ?   A . n 
A 1 41  GLU 41  153 ?   ?   ?   A . n 
A 1 42  GLU 42  154 ?   ?   ?   A . n 
A 1 43  VAL 43  155 ?   ?   ?   A . n 
A 1 44  THR 44  156 156 THR THR A . n 
A 1 45  THR 45  157 157 THR THR A . n 
A 1 46  ILE 46  158 158 ILE ILE A . n 
A 1 47  SER 47  159 159 SER SER A . n 
A 1 48  ASP 48  160 160 ASP ASP A . n 
A 1 49  ASN 49  161 161 ASN ASN A . n 
A 1 50  ARG 50  162 162 ARG ARG A . n 
A 1 51  PHE 51  163 163 PHE PHE A . n 
A 1 52  ALA 52  164 164 ALA ALA A . n 
A 1 53  MET 53  165 165 MET MET A . n 
A 1 54  LEU 54  166 166 LEU LEU A . n 
A 1 55  ALA 55  167 167 ALA ALA A . n 
A 1 56  ASN 56  168 168 ASN ASN A . n 
A 1 57  ASN 57  169 169 ASN ASN A . n 
A 1 58  ASN 58  170 170 ASN ASN A . n 
A 1 59  LEU 59  171 171 LEU LEU A . n 
A 1 60  GLN 60  172 172 GLN GLN A . n 
A 1 61  ILE 61  173 173 ILE ILE A . n 
A 1 62  LEU 62  174 174 LEU LEU A . n 
A 1 63  ASN 63  175 175 ASN ASN A . n 
A 1 64  ILE 64  176 176 ILE ILE A . n 
A 1 65  ASN 65  177 177 ASN ASN A . n 
A 1 66  LYS 66  178 178 LYS LYS A . n 
A 1 67  SER 67  179 179 SER SER A . n 
A 1 68  ASP 68  180 180 ASP ASP A . n 
A 1 69  GLU 69  181 181 GLU GLU A . n 
A 1 70  GLY 70  182 182 GLY GLY A . n 
A 1 71  ILE 71  183 183 ILE ILE A . n 
A 1 72  TYR 72  184 184 TYR TYR A . n 
A 1 73  ARG 73  185 185 ARG ARG A . n 
A 1 74  CYS 74  186 186 CYS CYS A . n 
A 1 75  GLU 75  187 187 GLU GLU A . n 
A 1 76  GLY 76  188 188 GLY GLY A . n 
A 1 77  ARG 77  189 189 ARG ARG A . n 
A 1 78  VAL 78  190 190 VAL VAL A . n 
A 1 79  GLU 79  191 191 GLU GLU A . n 
A 1 80  ALA 80  192 192 ALA ALA A . n 
A 1 81  ARG 81  193 193 ARG ARG A . n 
A 1 82  GLY 82  194 194 GLY GLY A . n 
A 1 83  GLU 83  195 195 GLU GLU A . n 
A 1 84  ILE 84  196 196 ILE ILE A . n 
A 1 85  ASP 85  197 197 ASP ASP A . n 
A 1 86  PHE 86  198 198 PHE PHE A . n 
A 1 87  ARG 87  199 199 ARG ARG A . n 
A 1 88  ASP 88  200 200 ASP ASP A . n 
A 1 89  ILE 89  201 201 ILE ILE A . n 
A 1 90  ILE 90  202 202 ILE ILE A . n 
A 1 91  VAL 91  203 203 VAL VAL A . n 
A 1 92  ILE 92  204 204 ILE ILE A . n 
A 1 93  VAL 93  205 205 VAL VAL A . n 
A 1 94  ASN 94  206 206 ASN ASN A . n 
A 1 95  VAL 95  207 207 VAL VAL A . n 
A 1 96  PRO 96  208 208 PRO PRO A . n 
A 1 97  PRO 97  209 209 PRO PRO A . n 
A 1 98  ALA 98  210 210 ALA ALA A . n 
A 1 99  ILE 99  211 211 ILE ILE A . n 
A 1 100 SER 100 212 212 SER SER A . n 
A 1 101 MET 101 213 213 MET MET A . n 
A 1 102 PRO 102 214 214 PRO PRO A . n 
A 1 103 GLN 103 215 215 GLN GLN A . n 
A 1 104 LYS 104 216 216 LYS LYS A . n 
A 1 105 SER 105 217 217 SER SER A . n 
A 1 106 PHE 106 218 218 PHE PHE A . n 
A 1 107 ASN 107 219 219 ASN ASN A . n 
A 1 108 ALA 108 220 220 ALA ALA A . n 
A 1 109 THR 109 221 221 THR THR A . n 
A 1 110 ALA 110 222 222 ALA ALA A . n 
A 1 111 GLU 111 223 223 GLU GLU A . n 
A 1 112 ARG 112 224 224 ARG ARG A . n 
A 1 113 GLY 113 225 225 GLY GLY A . n 
A 1 114 GLU 114 226 226 GLU GLU A . n 
A 1 115 GLU 115 227 227 GLU GLU A . n 
A 1 116 MET 116 228 228 MET MET A . n 
A 1 117 THR 117 229 229 THR THR A . n 
A 1 118 PHE 118 230 230 PHE PHE A . n 
A 1 119 SER 119 231 231 SER SER A . n 
A 1 120 CYS 120 232 232 CYS CYS A . n 
A 1 121 ARG 121 233 233 ARG ARG A . n 
A 1 122 ALA 122 234 234 ALA ALA A . n 
A 1 123 SER 123 235 235 SER SER A . n 
A 1 124 GLY 124 236 236 GLY GLY A . n 
A 1 125 SER 125 237 237 SER SER A . n 
A 1 126 PRO 126 238 238 PRO PRO A . n 
A 1 127 GLU 127 239 239 GLU GLU A . n 
A 1 128 PRO 128 240 240 PRO PRO A . n 
A 1 129 ALA 129 241 241 ALA ALA A . n 
A 1 130 ILE 130 242 242 ILE ILE A . n 
A 1 131 SER 131 243 243 SER SER A . n 
A 1 132 TRP 132 244 244 TRP TRP A . n 
A 1 133 PHE 133 245 245 PHE PHE A . n 
A 1 134 ARG 134 246 246 ARG ARG A . n 
A 1 135 ASN 135 247 247 ASN ASN A . n 
A 1 136 GLY 136 248 248 GLY GLY A . n 
A 1 137 LYS 137 249 249 LYS LYS A . n 
A 1 138 LEU 138 250 250 LEU LEU A . n 
A 1 139 ILE 139 251 251 ILE ILE A . n 
A 1 140 GLU 140 252 252 GLU GLU A . n 
A 1 141 GLU 141 253 253 GLU GLU A . n 
A 1 142 ASN 142 254 254 ASN ASN A . n 
A 1 143 GLU 143 255 255 GLU GLU A . n 
A 1 144 LYS 144 256 256 LYS LYS A . n 
A 1 145 TYR 145 257 257 TYR TYR A . n 
A 1 146 ILE 146 258 258 ILE ILE A . n 
A 1 147 LEU 147 259 259 LEU LEU A . n 
A 1 148 LYS 148 260 260 LYS LYS A . n 
A 1 149 GLY 149 261 261 GLY GLY A . n 
A 1 150 SER 150 262 262 SER SER A . n 
A 1 151 ASN 151 263 263 ASN ASN A . n 
A 1 152 THR 152 264 264 THR THR A . n 
A 1 153 GLU 153 265 265 GLU GLU A . n 
A 1 154 LEU 154 266 266 LEU LEU A . n 
A 1 155 THR 155 267 267 THR THR A . n 
A 1 156 VAL 156 268 268 VAL VAL A . n 
A 1 157 ARG 157 269 269 ARG ARG A . n 
A 1 158 ASN 158 270 270 ASN ASN A . n 
A 1 159 ILE 159 271 271 ILE ILE A . n 
A 1 160 ILE 160 272 272 ILE ILE A . n 
A 1 161 ASN 161 273 273 ASN ASN A . n 
A 1 162 SER 162 274 274 SER SER A . n 
A 1 163 ASP 163 275 275 ASP ASP A . n 
A 1 164 GLY 164 276 276 GLY GLY A . n 
A 1 165 GLY 165 277 277 GLY GLY A . n 
A 1 166 PRO 166 278 278 PRO PRO A . n 
A 1 167 TYR 167 279 279 TYR TYR A . n 
A 1 168 VAL 168 280 280 VAL VAL A . n 
A 1 169 CYS 169 281 281 CYS CYS A . n 
A 1 170 ARG 170 282 282 ARG ARG A . n 
A 1 171 ALA 171 283 283 ALA ALA A . n 
A 1 172 THR 172 284 284 THR THR A . n 
A 1 173 ASN 173 285 285 ASN ASN A . n 
A 1 174 LYS 174 286 286 LYS LYS A . n 
A 1 175 ALA 175 287 287 ALA ALA A . n 
A 1 176 GLY 176 288 288 GLY GLY A . n 
A 1 177 GLU 177 289 289 GLU GLU A . n 
A 1 178 ASP 178 290 290 ASP ASP A . n 
A 1 179 GLU 179 291 291 GLU GLU A . n 
A 1 180 LYS 180 292 292 LYS LYS A . n 
A 1 181 GLN 181 293 293 GLN GLN A . n 
A 1 182 ALA 182 294 294 ALA ALA A . n 
A 1 183 PHE 183 295 295 PHE PHE A . n 
A 1 184 LEU 184 296 296 LEU LEU A . n 
A 1 185 GLN 185 297 297 GLN GLN A . n 
A 1 186 VAL 186 298 298 VAL VAL A . n 
A 1 187 PHE 187 299 299 PHE PHE A . n 
A 1 188 VAL 188 300 300 VAL VAL A . n 
A 1 189 GLN 189 301 301 GLN GLN A . n 
# 
loop_
_pdbx_nonpoly_scheme.asym_id 
_pdbx_nonpoly_scheme.entity_id 
_pdbx_nonpoly_scheme.mon_id 
_pdbx_nonpoly_scheme.ndb_seq_num 
_pdbx_nonpoly_scheme.pdb_seq_num 
_pdbx_nonpoly_scheme.auth_seq_num 
_pdbx_nonpoly_scheme.pdb_mon_id 
_pdbx_nonpoly_scheme.auth_mon_id 
_pdbx_nonpoly_scheme.pdb_strand_id 
_pdbx_nonpoly_scheme.pdb_ins_code 
B 2 SO4 1   1282 1282 SO4 SO4 A . 
C 2 SO4 1   1283 1283 SO4 SO4 A . 
D 3 NAG 1   1284 1284 NAG NAG A . 
E 3 NAG 1   1285 1285 NAG NAG A . 
F 4 GOL 1   1286 1286 GOL GOL A . 
G 4 GOL 1   1287 1287 GOL GOL A . 
H 4 GOL 1   1288 1288 GOL GOL A . 
I 4 GOL 1   1289 1289 GOL GOL A . 
J 5 HOH 1   1001 1001 HOH HOH A . 
J 5 HOH 2   1002 1002 HOH HOH A . 
J 5 HOH 3   1003 1003 HOH HOH A . 
J 5 HOH 4   1004 1004 HOH HOH A . 
J 5 HOH 5   1005 1005 HOH HOH A . 
J 5 HOH 6   1006 1006 HOH HOH A . 
J 5 HOH 7   1007 1007 HOH HOH A . 
J 5 HOH 8   1008 1008 HOH HOH A . 
J 5 HOH 9   1009 1009 HOH HOH A . 
J 5 HOH 10  1010 1010 HOH HOH A . 
J 5 HOH 11  1011 1011 HOH HOH A . 
J 5 HOH 12  1012 1012 HOH HOH A . 
J 5 HOH 13  1013 1013 HOH HOH A . 
J 5 HOH 14  1014 1014 HOH HOH A . 
J 5 HOH 15  1015 1015 HOH HOH A . 
J 5 HOH 16  1016 1016 HOH HOH A . 
J 5 HOH 17  1017 1017 HOH HOH A . 
J 5 HOH 18  1018 1018 HOH HOH A . 
J 5 HOH 19  1019 1019 HOH HOH A . 
J 5 HOH 20  1020 1020 HOH HOH A . 
J 5 HOH 21  1021 1021 HOH HOH A . 
J 5 HOH 22  1022 1022 HOH HOH A . 
J 5 HOH 23  1023 1023 HOH HOH A . 
J 5 HOH 24  1024 1024 HOH HOH A . 
J 5 HOH 25  1025 1025 HOH HOH A . 
J 5 HOH 26  1026 1026 HOH HOH A . 
J 5 HOH 27  1027 1027 HOH HOH A . 
J 5 HOH 28  1028 1028 HOH HOH A . 
J 5 HOH 29  1029 1029 HOH HOH A . 
J 5 HOH 30  1030 1030 HOH HOH A . 
J 5 HOH 31  1031 1031 HOH HOH A . 
J 5 HOH 32  1032 1032 HOH HOH A . 
J 5 HOH 33  1033 1033 HOH HOH A . 
J 5 HOH 34  1034 1034 HOH HOH A . 
J 5 HOH 35  1035 1035 HOH HOH A . 
J 5 HOH 36  1036 1036 HOH HOH A . 
J 5 HOH 37  1037 1037 HOH HOH A . 
J 5 HOH 38  1038 1038 HOH HOH A . 
J 5 HOH 39  1039 1039 HOH HOH A . 
J 5 HOH 40  1040 1040 HOH HOH A . 
J 5 HOH 41  1041 1041 HOH HOH A . 
J 5 HOH 42  1042 1042 HOH HOH A . 
J 5 HOH 43  1043 1043 HOH HOH A . 
J 5 HOH 44  1044 1044 HOH HOH A . 
J 5 HOH 45  1045 1045 HOH HOH A . 
J 5 HOH 46  1046 1046 HOH HOH A . 
J 5 HOH 47  1047 1047 HOH HOH A . 
J 5 HOH 48  1048 1048 HOH HOH A . 
J 5 HOH 49  1049 1049 HOH HOH A . 
J 5 HOH 50  1050 1050 HOH HOH A . 
J 5 HOH 51  1051 1051 HOH HOH A . 
J 5 HOH 52  1052 1052 HOH HOH A . 
J 5 HOH 53  1053 1053 HOH HOH A . 
J 5 HOH 54  1054 1054 HOH HOH A . 
J 5 HOH 55  1055 1055 HOH HOH A . 
J 5 HOH 56  1056 1056 HOH HOH A . 
J 5 HOH 57  1057 1057 HOH HOH A . 
J 5 HOH 58  1058 1058 HOH HOH A . 
J 5 HOH 59  1059 1059 HOH HOH A . 
J 5 HOH 60  1060 1060 HOH HOH A . 
J 5 HOH 61  1061 1061 HOH HOH A . 
J 5 HOH 62  1062 1062 HOH HOH A . 
J 5 HOH 63  1063 1063 HOH HOH A . 
J 5 HOH 64  1064 1064 HOH HOH A . 
J 5 HOH 65  1065 1065 HOH HOH A . 
J 5 HOH 66  1066 1066 HOH HOH A . 
J 5 HOH 67  1067 1067 HOH HOH A . 
J 5 HOH 68  1068 1068 HOH HOH A . 
J 5 HOH 69  1069 1069 HOH HOH A . 
J 5 HOH 70  1070 1070 HOH HOH A . 
J 5 HOH 71  1071 1071 HOH HOH A . 
J 5 HOH 72  1072 1072 HOH HOH A . 
J 5 HOH 73  1073 1073 HOH HOH A . 
J 5 HOH 74  1074 1074 HOH HOH A . 
J 5 HOH 75  1075 1075 HOH HOH A . 
J 5 HOH 76  1076 1076 HOH HOH A . 
J 5 HOH 77  1077 1077 HOH HOH A . 
J 5 HOH 78  1078 1078 HOH HOH A . 
J 5 HOH 79  1079 1079 HOH HOH A . 
J 5 HOH 80  1080 1080 HOH HOH A . 
J 5 HOH 81  1081 1081 HOH HOH A . 
J 5 HOH 82  1082 1082 HOH HOH A . 
J 5 HOH 83  1083 1083 HOH HOH A . 
J 5 HOH 84  1084 1084 HOH HOH A . 
J 5 HOH 85  1085 1085 HOH HOH A . 
J 5 HOH 86  1086 1086 HOH HOH A . 
J 5 HOH 87  1087 1087 HOH HOH A . 
J 5 HOH 88  1088 1088 HOH HOH A . 
J 5 HOH 89  1089 1089 HOH HOH A . 
J 5 HOH 90  1090 1090 HOH HOH A . 
J 5 HOH 91  1091 1091 HOH HOH A . 
J 5 HOH 92  1092 1092 HOH HOH A . 
J 5 HOH 93  1093 1093 HOH HOH A . 
J 5 HOH 94  1094 1094 HOH HOH A . 
J 5 HOH 95  1095 1095 HOH HOH A . 
J 5 HOH 96  1096 1096 HOH HOH A . 
J 5 HOH 97  1097 1097 HOH HOH A . 
J 5 HOH 98  1098 1098 HOH HOH A . 
J 5 HOH 99  1099 1099 HOH HOH A . 
J 5 HOH 100 1100 1100 HOH HOH A . 
J 5 HOH 101 1101 1101 HOH HOH A . 
J 5 HOH 102 1102 1102 HOH HOH A . 
J 5 HOH 103 1103 1103 HOH HOH A . 
J 5 HOH 104 1104 1104 HOH HOH A . 
J 5 HOH 105 1105 1105 HOH HOH A . 
J 5 HOH 106 1106 1106 HOH HOH A . 
J 5 HOH 107 1107 1107 HOH HOH A . 
J 5 HOH 108 1108 1108 HOH HOH A . 
J 5 HOH 109 1109 1109 HOH HOH A . 
J 5 HOH 110 1110 1110 HOH HOH A . 
J 5 HOH 111 1111 1111 HOH HOH A . 
J 5 HOH 112 1112 1112 HOH HOH A . 
J 5 HOH 113 1113 1113 HOH HOH A . 
J 5 HOH 114 1114 1114 HOH HOH A . 
J 5 HOH 115 1115 1115 HOH HOH A . 
J 5 HOH 116 1116 1116 HOH HOH A . 
J 5 HOH 117 1117 1117 HOH HOH A . 
J 5 HOH 118 1118 1118 HOH HOH A . 
J 5 HOH 119 1119 1119 HOH HOH A . 
J 5 HOH 120 1120 1120 HOH HOH A . 
J 5 HOH 121 1121 1121 HOH HOH A . 
J 5 HOH 122 1122 1122 HOH HOH A . 
J 5 HOH 123 1123 1123 HOH HOH A . 
J 5 HOH 124 1124 1124 HOH HOH A . 
J 5 HOH 125 1125 1125 HOH HOH A . 
J 5 HOH 126 1126 1126 HOH HOH A . 
J 5 HOH 127 1127 1127 HOH HOH A . 
J 5 HOH 128 1128 1128 HOH HOH A . 
J 5 HOH 129 1129 1129 HOH HOH A . 
J 5 HOH 130 1130 1130 HOH HOH A . 
J 5 HOH 131 1131 1131 HOH HOH A . 
J 5 HOH 132 1132 1132 HOH HOH A . 
J 5 HOH 133 1133 1133 HOH HOH A . 
J 5 HOH 134 1134 1134 HOH HOH A . 
J 5 HOH 135 1135 1135 HOH HOH A . 
J 5 HOH 136 1136 1136 HOH HOH A . 
J 5 HOH 137 1137 1137 HOH HOH A . 
J 5 HOH 138 1138 1138 HOH HOH A . 
J 5 HOH 139 1139 1139 HOH HOH A . 
J 5 HOH 140 1140 1140 HOH HOH A . 
J 5 HOH 141 1141 1141 HOH HOH A . 
J 5 HOH 142 1142 1142 HOH HOH A . 
J 5 HOH 143 1143 1143 HOH HOH A . 
J 5 HOH 144 1144 1144 HOH HOH A . 
J 5 HOH 145 1145 1145 HOH HOH A . 
J 5 HOH 146 1146 1146 HOH HOH A . 
J 5 HOH 147 1147 1147 HOH HOH A . 
J 5 HOH 148 1148 1148 HOH HOH A . 
J 5 HOH 149 1149 1149 HOH HOH A . 
J 5 HOH 150 1150 1150 HOH HOH A . 
J 5 HOH 151 1151 1151 HOH HOH A . 
J 5 HOH 152 1152 1152 HOH HOH A . 
J 5 HOH 153 1153 1153 HOH HOH A . 
J 5 HOH 154 1154 1154 HOH HOH A . 
J 5 HOH 155 1155 1155 HOH HOH A . 
J 5 HOH 156 1156 1156 HOH HOH A . 
J 5 HOH 157 1157 1157 HOH HOH A . 
J 5 HOH 158 1158 1158 HOH HOH A . 
J 5 HOH 159 1159 1159 HOH HOH A . 
J 5 HOH 160 1160 1160 HOH HOH A . 
J 5 HOH 161 1161 1161 HOH HOH A . 
J 5 HOH 162 1162 1162 HOH HOH A . 
J 5 HOH 163 1163 1163 HOH HOH A . 
J 5 HOH 164 1164 1164 HOH HOH A . 
J 5 HOH 165 1165 1165 HOH HOH A . 
J 5 HOH 166 1166 1166 HOH HOH A . 
J 5 HOH 167 1167 1167 HOH HOH A . 
J 5 HOH 168 1168 1168 HOH HOH A . 
J 5 HOH 169 1169 1169 HOH HOH A . 
J 5 HOH 170 1170 1170 HOH HOH A . 
J 5 HOH 171 1171 1171 HOH HOH A . 
J 5 HOH 172 1172 1172 HOH HOH A . 
J 5 HOH 173 1173 1173 HOH HOH A . 
J 5 HOH 174 1174 1174 HOH HOH A . 
J 5 HOH 175 1175 1175 HOH HOH A . 
J 5 HOH 176 1176 1176 HOH HOH A . 
J 5 HOH 177 1177 1177 HOH HOH A . 
J 5 HOH 178 1178 1178 HOH HOH A . 
J 5 HOH 179 1179 1179 HOH HOH A . 
J 5 HOH 180 1180 1180 HOH HOH A . 
J 5 HOH 181 1181 1181 HOH HOH A . 
J 5 HOH 182 1182 1182 HOH HOH A . 
J 5 HOH 183 1183 1183 HOH HOH A . 
J 5 HOH 184 1184 1184 HOH HOH A . 
J 5 HOH 185 1185 1185 HOH HOH A . 
J 5 HOH 186 1186 1186 HOH HOH A . 
J 5 HOH 187 1187 1187 HOH HOH A . 
J 5 HOH 188 1188 1188 HOH HOH A . 
J 5 HOH 189 1189 1189 HOH HOH A . 
J 5 HOH 190 1190 1190 HOH HOH A . 
J 5 HOH 191 1191 1191 HOH HOH A . 
J 5 HOH 192 1192 1192 HOH HOH A . 
J 5 HOH 193 1193 1193 HOH HOH A . 
J 5 HOH 194 1194 1194 HOH HOH A . 
J 5 HOH 195 1195 1195 HOH HOH A . 
J 5 HOH 196 1196 1196 HOH HOH A . 
J 5 HOH 197 1197 1197 HOH HOH A . 
J 5 HOH 198 1198 1198 HOH HOH A . 
J 5 HOH 199 1199 1199 HOH HOH A . 
J 5 HOH 200 1200 1200 HOH HOH A . 
J 5 HOH 201 1201 1201 HOH HOH A . 
J 5 HOH 202 1202 1202 HOH HOH A . 
J 5 HOH 203 1203 1203 HOH HOH A . 
J 5 HOH 204 1204 1204 HOH HOH A . 
J 5 HOH 205 1205 1205 HOH HOH A . 
J 5 HOH 206 1206 1206 HOH HOH A . 
J 5 HOH 207 1207 1207 HOH HOH A . 
J 5 HOH 208 1208 1208 HOH HOH A . 
J 5 HOH 209 1209 1209 HOH HOH A . 
J 5 HOH 210 1210 1210 HOH HOH A . 
# 
loop_
_pdbx_unobs_or_zero_occ_atoms.id 
_pdbx_unobs_or_zero_occ_atoms.PDB_model_num 
_pdbx_unobs_or_zero_occ_atoms.polymer_flag 
_pdbx_unobs_or_zero_occ_atoms.occupancy_flag 
_pdbx_unobs_or_zero_occ_atoms.auth_asym_id 
_pdbx_unobs_or_zero_occ_atoms.auth_comp_id 
_pdbx_unobs_or_zero_occ_atoms.auth_seq_id 
_pdbx_unobs_or_zero_occ_atoms.PDB_ins_code 
_pdbx_unobs_or_zero_occ_atoms.auth_atom_id 
_pdbx_unobs_or_zero_occ_atoms.label_alt_id 
_pdbx_unobs_or_zero_occ_atoms.label_asym_id 
_pdbx_unobs_or_zero_occ_atoms.label_comp_id 
_pdbx_unobs_or_zero_occ_atoms.label_seq_id 
_pdbx_unobs_or_zero_occ_atoms.label_atom_id 
1 1 N 1 A NAG 1284 ? O1 ? D NAG 1 O1 
2 1 N 1 A NAG 1285 ? O1 ? E NAG 1 O1 
# 
loop_
_software.name 
_software.classification 
_software.version 
_software.citation_id 
_software.pdbx_ordinal 
PHENIX    refinement       '(PHENIX.REFINE)' ? 1 
MOSFLM    'data reduction' .                 ? 2 
SCALEPACK 'data scaling'   .                 ? 3 
PHASER    phasing          .                 ? 4 
# 
_cell.entry_id           2V5T 
_cell.length_a           114.950 
_cell.length_b           114.950 
_cell.length_c           46.000 
_cell.angle_alpha        90.00 
_cell.angle_beta         90.00 
_cell.angle_gamma        90.00 
_cell.Z_PDB              8 
_cell.pdbx_unique_axis   ? 
# 
_symmetry.entry_id                         2V5T 
_symmetry.space_group_name_H-M             'P 41 21 2' 
_symmetry.pdbx_full_space_group_name_H-M   ? 
_symmetry.cell_setting                     ? 
_symmetry.Int_Tables_number                92 
# 
_exptl.entry_id          2V5T 
_exptl.method            'X-RAY DIFFRACTION' 
_exptl.crystals_number   1 
# 
_exptl_crystal.id                    1 
_exptl_crystal.density_meas          ? 
_exptl_crystal.density_Matthews      3.8 
_exptl_crystal.density_percent_sol   67.64 
_exptl_crystal.description           NONE 
# 
_exptl_crystal_grow.crystal_id      1 
_exptl_crystal_grow.method          ? 
_exptl_crystal_grow.temp            ? 
_exptl_crystal_grow.temp_details    ? 
_exptl_crystal_grow.pH              8.5 
_exptl_crystal_grow.pdbx_pH_range   ? 
_exptl_crystal_grow.pdbx_details    '30% PEG-4000, 0.2 M LITHIUM SULFATE, 0.1 M TRIS HYDROCHLORIDE PH 8.5.' 
# 
_diffrn.id                     1 
_diffrn.ambient_temp           110 
_diffrn.ambient_temp_details   ? 
_diffrn.crystal_id             1 
# 
_diffrn_detector.diffrn_id              1 
_diffrn_detector.detector               CCD 
_diffrn_detector.type                   'ADSC CCD' 
_diffrn_detector.pdbx_collection_date   2006-05-19 
_diffrn_detector.details                ? 
# 
_diffrn_radiation.diffrn_id                        1 
_diffrn_radiation.wavelength_id                    1 
_diffrn_radiation.pdbx_monochromatic_or_laue_m_l   M 
_diffrn_radiation.monochromator                    ? 
_diffrn_radiation.pdbx_diffrn_protocol             'SINGLE WAVELENGTH' 
_diffrn_radiation.pdbx_scattering_type             x-ray 
# 
_diffrn_radiation_wavelength.id           1 
_diffrn_radiation_wavelength.wavelength   0.9792 
_diffrn_radiation_wavelength.wt           1.0 
# 
_diffrn_source.diffrn_id                   1 
_diffrn_source.source                      SYNCHROTRON 
_diffrn_source.type                        'ESRF BEAMLINE ID23-1' 
_diffrn_source.pdbx_synchrotron_site       ESRF 
_diffrn_source.pdbx_synchrotron_beamline   ID23-1 
_diffrn_source.pdbx_wavelength             0.9792 
_diffrn_source.pdbx_wavelength_list        ? 
# 
_reflns.pdbx_diffrn_id               1 
_reflns.pdbx_ordinal                 1 
_reflns.entry_id                     2V5T 
_reflns.observed_criterion_sigma_I   0.0 
_reflns.observed_criterion_sigma_F   ? 
_reflns.d_resolution_low             20.00 
_reflns.d_resolution_high            2.00 
_reflns.number_obs                   21021 
_reflns.number_all                   ? 
_reflns.percent_possible_obs         98.7 
_reflns.pdbx_Rmerge_I_obs            0.09 
_reflns.pdbx_Rsym_value              ? 
_reflns.pdbx_netI_over_sigmaI        15.60 
_reflns.B_iso_Wilson_estimate        ? 
_reflns.pdbx_redundancy              5.9 
# 
_reflns_shell.pdbx_diffrn_id         1 
_reflns_shell.pdbx_ordinal           1 
_reflns_shell.d_res_high             2.00 
_reflns_shell.d_res_low              2.11 
_reflns_shell.percent_possible_all   98.7 
_reflns_shell.Rmerge_I_obs           0.25 
_reflns_shell.pdbx_Rsym_value        ? 
_reflns_shell.meanI_over_sigI_obs    2.80 
_reflns_shell.pdbx_redundancy        6.1 
# 
_refine.pdbx_refine_id                           'X-RAY DIFFRACTION' 
_refine.entry_id                                 2V5T 
_refine.pdbx_diffrn_id                           1 
_refine.pdbx_TLS_residual_ADP_flag               ? 
_refine.ls_number_reflns_obs                     19970 
_refine.ls_number_reflns_all                     ? 
_refine.pdbx_ls_sigma_I                          ? 
_refine.pdbx_ls_sigma_F                          ? 
_refine.pdbx_data_cutoff_high_absF               ? 
_refine.pdbx_data_cutoff_low_absF                ? 
_refine.pdbx_data_cutoff_high_rms_absF           ? 
_refine.ls_d_res_low                             20.00 
_refine.ls_d_res_high                            2.00 
_refine.ls_percent_reflns_obs                    98.7 
_refine.ls_R_factor_obs                          ? 
_refine.ls_R_factor_all                          ? 
_refine.ls_R_factor_R_work                       0.1812 
_refine.ls_R_factor_R_free                       0.2345 
_refine.ls_R_factor_R_free_error                 ? 
_refine.ls_R_factor_R_free_error_details         ? 
_refine.ls_percent_reflns_R_free                 5.0 
_refine.ls_number_reflns_R_free                  1077 
_refine.ls_number_parameters                     ? 
_refine.ls_number_restraints                     ? 
_refine.occupancy_min                            ? 
_refine.occupancy_max                            ? 
_refine.correlation_coeff_Fo_to_Fc               ? 
_refine.correlation_coeff_Fo_to_Fc_free          ? 
_refine.B_iso_mean                               ? 
_refine.aniso_B[1][1]                            ? 
_refine.aniso_B[2][2]                            ? 
_refine.aniso_B[3][3]                            ? 
_refine.aniso_B[1][2]                            ? 
_refine.aniso_B[1][3]                            ? 
_refine.aniso_B[2][3]                            ? 
_refine.solvent_model_details                    ? 
_refine.solvent_model_param_ksol                 ? 
_refine.solvent_model_param_bsol                 ? 
_refine.pdbx_solvent_vdw_probe_radii             ? 
_refine.pdbx_solvent_ion_probe_radii             ? 
_refine.pdbx_solvent_shrinkage_radii             ? 
_refine.pdbx_ls_cross_valid_method               ? 
_refine.details                                  ? 
_refine.pdbx_starting_model                      'IG2 MODULE OF NCAM2' 
_refine.pdbx_method_to_determine_struct          'MOLECULAR REPLACEMENT' 
_refine.pdbx_isotropic_thermal_model             ? 
_refine.pdbx_stereochemistry_target_values       ML 
_refine.pdbx_stereochem_target_val_spec_case     ? 
_refine.pdbx_R_Free_selection_details            ? 
_refine.pdbx_overall_ESU_R                       ? 
_refine.pdbx_overall_ESU_R_Free                  ? 
_refine.overall_SU_ML                            ? 
_refine.pdbx_overall_phase_error                 ? 
_refine.overall_SU_B                             ? 
_refine.overall_SU_R_Cruickshank_DPI             ? 
_refine.pdbx_overall_SU_R_free_Cruickshank_DPI   ? 
_refine.pdbx_overall_SU_R_Blow_DPI               ? 
_refine.pdbx_overall_SU_R_free_Blow_DPI          ? 
# 
_refine_hist.pdbx_refine_id                   'X-RAY DIFFRACTION' 
_refine_hist.cycle_id                         LAST 
_refine_hist.pdbx_number_atoms_protein        1439 
_refine_hist.pdbx_number_atoms_nucleic_acid   0 
_refine_hist.pdbx_number_atoms_ligand         62 
_refine_hist.number_atoms_solvent             210 
_refine_hist.number_atoms_total               1711 
_refine_hist.d_res_high                       2.00 
_refine_hist.d_res_low                        20.00 
# 
_struct.entry_id                  2V5T 
_struct.title                     'Crystal structure of NCAM2 Ig2-3' 
_struct.pdbx_model_details        ? 
_struct.pdbx_CASP_flag            ? 
_struct.pdbx_model_type_details   ? 
# 
_struct_keywords.entry_id        2V5T 
_struct_keywords.pdbx_keywords   'CELL ADHESION' 
_struct_keywords.text            
'PHOSPHORYLATION, IMMUNOGLOBULIN DOMAIN, MEMBRANE, GLYCOPROTEIN, CELL ADHESION, TRANSMEMBRANE, NEURAL CELL ADHESION MOLECULE' 
# 
loop_
_struct_asym.id 
_struct_asym.pdbx_blank_PDB_chainid_flag 
_struct_asym.pdbx_modified 
_struct_asym.entity_id 
_struct_asym.details 
A N N 1 ? 
B N N 2 ? 
C N N 2 ? 
D N N 3 ? 
E N N 3 ? 
F N N 4 ? 
G N N 4 ? 
H N N 4 ? 
I N N 4 ? 
J N N 5 ? 
# 
_struct_ref.id                         1 
_struct_ref.db_name                    UNP 
_struct_ref.db_code                    NCAM2_HUMAN 
_struct_ref.entity_id                  1 
_struct_ref.pdbx_seq_one_letter_code   ? 
_struct_ref.pdbx_align_begin           ? 
_struct_ref.pdbx_db_accession          O15394 
_struct_ref.pdbx_db_isoform            ? 
# 
_struct_ref_seq.align_id                      1 
_struct_ref_seq.ref_id                        1 
_struct_ref_seq.pdbx_PDB_id_code              2V5T 
_struct_ref_seq.pdbx_strand_id                A 
_struct_ref_seq.seq_align_beg                 3 
_struct_ref_seq.pdbx_seq_align_beg_ins_code   ? 
_struct_ref_seq.seq_align_end                 189 
_struct_ref_seq.pdbx_seq_align_end_ins_code   ? 
_struct_ref_seq.pdbx_db_accession             O15394 
_struct_ref_seq.db_align_beg                  115 
_struct_ref_seq.pdbx_db_align_beg_ins_code    ? 
_struct_ref_seq.db_align_end                  301 
_struct_ref_seq.pdbx_db_align_end_ins_code    ? 
_struct_ref_seq.pdbx_auth_seq_align_beg       115 
_struct_ref_seq.pdbx_auth_seq_align_end       301 
# 
loop_
_struct_ref_seq_dif.align_id 
_struct_ref_seq_dif.pdbx_pdb_id_code 
_struct_ref_seq_dif.mon_id 
_struct_ref_seq_dif.pdbx_pdb_strand_id 
_struct_ref_seq_dif.seq_num 
_struct_ref_seq_dif.pdbx_pdb_ins_code 
_struct_ref_seq_dif.pdbx_seq_db_name 
_struct_ref_seq_dif.pdbx_seq_db_accession_code 
_struct_ref_seq_dif.db_mon_id 
_struct_ref_seq_dif.pdbx_seq_db_seq_num 
_struct_ref_seq_dif.details 
_struct_ref_seq_dif.pdbx_auth_seq_num 
_struct_ref_seq_dif.pdbx_ordinal 
1 2V5T SER A 1  ? UNP O15394 ?   ?   'expression tag' 113 1 
1 2V5T MET A 2  ? UNP O15394 ?   ?   'expression tag' 114 2 
1 2V5T PHE A 51 ? UNP O15394 LEU 163 conflict         163 3 
# 
_pdbx_struct_assembly.id                   1 
_pdbx_struct_assembly.details              author_and_software_defined_assembly 
_pdbx_struct_assembly.method_details       PISA 
_pdbx_struct_assembly.oligomeric_details   monomeric 
_pdbx_struct_assembly.oligomeric_count     1 
# 
_pdbx_struct_assembly_gen.assembly_id       1 
_pdbx_struct_assembly_gen.oper_expression   1 
_pdbx_struct_assembly_gen.asym_id_list      A,B,C,D,E,F,G,H,I,J 
# 
_pdbx_struct_oper_list.id                   1 
_pdbx_struct_oper_list.type                 'identity operation' 
_pdbx_struct_oper_list.name                 1_555 
_pdbx_struct_oper_list.symmetry_operation   x,y,z 
_pdbx_struct_oper_list.matrix[1][1]         1.0000000000 
_pdbx_struct_oper_list.matrix[1][2]         0.0000000000 
_pdbx_struct_oper_list.matrix[1][3]         0.0000000000 
_pdbx_struct_oper_list.vector[1]            0.0000000000 
_pdbx_struct_oper_list.matrix[2][1]         0.0000000000 
_pdbx_struct_oper_list.matrix[2][2]         1.0000000000 
_pdbx_struct_oper_list.matrix[2][3]         0.0000000000 
_pdbx_struct_oper_list.vector[2]            0.0000000000 
_pdbx_struct_oper_list.matrix[3][1]         0.0000000000 
_pdbx_struct_oper_list.matrix[3][2]         0.0000000000 
_pdbx_struct_oper_list.matrix[3][3]         1.0000000000 
_pdbx_struct_oper_list.vector[3]            0.0000000000 
# 
_struct_biol.id   1 
# 
loop_
_struct_conf.conf_type_id 
_struct_conf.id 
_struct_conf.pdbx_PDB_helix_id 
_struct_conf.beg_label_comp_id 
_struct_conf.beg_label_asym_id 
_struct_conf.beg_label_seq_id 
_struct_conf.pdbx_beg_PDB_ins_code 
_struct_conf.end_label_comp_id 
_struct_conf.end_label_asym_id 
_struct_conf.end_label_seq_id 
_struct_conf.pdbx_end_PDB_ins_code 
_struct_conf.beg_auth_comp_id 
_struct_conf.beg_auth_asym_id 
_struct_conf.beg_auth_seq_id 
_struct_conf.end_auth_comp_id 
_struct_conf.end_auth_asym_id 
_struct_conf.end_auth_seq_id 
_struct_conf.pdbx_PDB_helix_class 
_struct_conf.details 
_struct_conf.pdbx_PDB_helix_length 
HELX_P HELX_P1 1 ASN A 65  ? GLU A 69  ? ASN A 177 GLU A 181 5 ? 5 
HELX_P HELX_P2 2 ILE A 160 ? GLY A 164 ? ILE A 272 GLY A 276 5 ? 5 
# 
_struct_conf_type.id          HELX_P 
_struct_conf_type.criteria    ? 
_struct_conf_type.reference   ? 
# 
loop_
_struct_conn.id 
_struct_conn.conn_type_id 
_struct_conn.pdbx_leaving_atom_flag 
_struct_conn.pdbx_PDB_id 
_struct_conn.ptnr1_label_asym_id 
_struct_conn.ptnr1_label_comp_id 
_struct_conn.ptnr1_label_seq_id 
_struct_conn.ptnr1_label_atom_id 
_struct_conn.pdbx_ptnr1_label_alt_id 
_struct_conn.pdbx_ptnr1_PDB_ins_code 
_struct_conn.pdbx_ptnr1_standard_comp_id 
_struct_conn.ptnr1_symmetry 
_struct_conn.ptnr2_label_asym_id 
_struct_conn.ptnr2_label_comp_id 
_struct_conn.ptnr2_label_seq_id 
_struct_conn.ptnr2_label_atom_id 
_struct_conn.pdbx_ptnr2_label_alt_id 
_struct_conn.pdbx_ptnr2_PDB_ins_code 
_struct_conn.ptnr1_auth_asym_id 
_struct_conn.ptnr1_auth_comp_id 
_struct_conn.ptnr1_auth_seq_id 
_struct_conn.ptnr2_auth_asym_id 
_struct_conn.ptnr2_auth_comp_id 
_struct_conn.ptnr2_auth_seq_id 
_struct_conn.ptnr2_symmetry 
_struct_conn.pdbx_ptnr3_label_atom_id 
_struct_conn.pdbx_ptnr3_label_seq_id 
_struct_conn.pdbx_ptnr3_label_comp_id 
_struct_conn.pdbx_ptnr3_label_asym_id 
_struct_conn.pdbx_ptnr3_label_alt_id 
_struct_conn.pdbx_ptnr3_PDB_ins_code 
_struct_conn.details 
_struct_conn.pdbx_dist_value 
_struct_conn.pdbx_value_order 
_struct_conn.pdbx_role 
disulf1 disulf ? ? A CYS 24  SG ? ? ? 1_555 A CYS 74  SG ? ? A CYS 136 A CYS 186 1_555 ? ? ? ? ? ? ? 2.065 ? ? 
disulf2 disulf ? ? A CYS 120 SG A ? ? 1_555 A CYS 169 SG A ? A CYS 232 A CYS 281 1_555 ? ? ? ? ? ? ? 2.020 ? ? 
disulf3 disulf ? ? A CYS 120 SG B ? ? 1_555 A CYS 169 SG B ? A CYS 232 A CYS 281 1_555 ? ? ? ? ? ? ? 2.031 ? ? 
# 
_struct_conn_type.id          disulf 
_struct_conn_type.criteria    ? 
_struct_conn_type.reference   ? 
# 
loop_
_pdbx_modification_feature.ordinal 
_pdbx_modification_feature.label_comp_id 
_pdbx_modification_feature.label_asym_id 
_pdbx_modification_feature.label_seq_id 
_pdbx_modification_feature.label_alt_id 
_pdbx_modification_feature.modified_residue_label_comp_id 
_pdbx_modification_feature.modified_residue_label_asym_id 
_pdbx_modification_feature.modified_residue_label_seq_id 
_pdbx_modification_feature.modified_residue_label_alt_id 
_pdbx_modification_feature.auth_comp_id 
_pdbx_modification_feature.auth_asym_id 
_pdbx_modification_feature.auth_seq_id 
_pdbx_modification_feature.PDB_ins_code 
_pdbx_modification_feature.symmetry 
_pdbx_modification_feature.modified_residue_auth_comp_id 
_pdbx_modification_feature.modified_residue_auth_asym_id 
_pdbx_modification_feature.modified_residue_auth_seq_id 
_pdbx_modification_feature.modified_residue_PDB_ins_code 
_pdbx_modification_feature.modified_residue_symmetry 
_pdbx_modification_feature.comp_id_linking_atom 
_pdbx_modification_feature.modified_residue_id_linking_atom 
_pdbx_modification_feature.modified_residue_id 
_pdbx_modification_feature.ref_pcm_id 
_pdbx_modification_feature.ref_comp_id 
_pdbx_modification_feature.type 
_pdbx_modification_feature.category 
1 CYS A 24  ? CYS A 74  ? CYS A 136 ? 1_555 CYS A 186 ? 1_555 SG SG . . . None 'Disulfide bridge' 
2 CYS A 120 A CYS A 169 A CYS A 232 ? 1_555 CYS A 281 ? 1_555 SG SG . . . None 'Disulfide bridge' 
3 CYS A 120 B CYS A 169 B CYS A 232 ? 1_555 CYS A 281 ? 1_555 SG SG . . . None 'Disulfide bridge' 
# 
loop_
_struct_mon_prot_cis.pdbx_id 
_struct_mon_prot_cis.label_comp_id 
_struct_mon_prot_cis.label_seq_id 
_struct_mon_prot_cis.label_asym_id 
_struct_mon_prot_cis.label_alt_id 
_struct_mon_prot_cis.pdbx_PDB_ins_code 
_struct_mon_prot_cis.auth_comp_id 
_struct_mon_prot_cis.auth_seq_id 
_struct_mon_prot_cis.auth_asym_id 
_struct_mon_prot_cis.pdbx_label_comp_id_2 
_struct_mon_prot_cis.pdbx_label_seq_id_2 
_struct_mon_prot_cis.pdbx_label_asym_id_2 
_struct_mon_prot_cis.pdbx_PDB_ins_code_2 
_struct_mon_prot_cis.pdbx_auth_comp_id_2 
_struct_mon_prot_cis.pdbx_auth_seq_id_2 
_struct_mon_prot_cis.pdbx_auth_asym_id_2 
_struct_mon_prot_cis.pdbx_PDB_model_num 
_struct_mon_prot_cis.pdbx_omega_angle 
1 SER 10  A . ? SER 122 A PRO 11  A ? PRO 123 A 1 -0.34 
2 SER 29  A . ? SER 141 A PRO 30  A ? PRO 142 A 1 1.01  
3 SER 125 A . ? SER 237 A PRO 126 A ? PRO 238 A 1 -1.57 
# 
loop_
_struct_sheet.id 
_struct_sheet.type 
_struct_sheet.number_strands 
_struct_sheet.details 
AA ? 2 ? 
AB ? 4 ? 
AC ? 2 ? 
AD ? 3 ? 
AE ? 5 ? 
AF ? 3 ? 
# 
loop_
_struct_sheet_order.sheet_id 
_struct_sheet_order.range_id_1 
_struct_sheet_order.range_id_2 
_struct_sheet_order.offset 
_struct_sheet_order.sense 
AA 1 2 ? anti-parallel 
AB 1 2 ? parallel      
AB 2 3 ? anti-parallel 
AB 3 4 ? anti-parallel 
AC 1 2 ? parallel      
AD 1 2 ? anti-parallel 
AD 2 3 ? anti-parallel 
AE 1 2 ? parallel      
AE 2 3 ? anti-parallel 
AE 3 4 ? anti-parallel 
AE 4 5 ? anti-parallel 
AF 1 2 ? anti-parallel 
AF 2 3 ? anti-parallel 
# 
loop_
_struct_sheet_range.sheet_id 
_struct_sheet_range.id 
_struct_sheet_range.beg_label_comp_id 
_struct_sheet_range.beg_label_asym_id 
_struct_sheet_range.beg_label_seq_id 
_struct_sheet_range.pdbx_beg_PDB_ins_code 
_struct_sheet_range.end_label_comp_id 
_struct_sheet_range.end_label_asym_id 
_struct_sheet_range.end_label_seq_id 
_struct_sheet_range.pdbx_end_PDB_ins_code 
_struct_sheet_range.beg_auth_comp_id 
_struct_sheet_range.beg_auth_asym_id 
_struct_sheet_range.beg_auth_seq_id 
_struct_sheet_range.end_auth_comp_id 
_struct_sheet_range.end_auth_asym_id 
_struct_sheet_range.end_auth_seq_id 
AA 1 THR A 4   ? GLU A 7   ? THR A 116 GLU A 119 
AA 2 ARG A 25  ? SER A 27  ? ARG A 137 SER A 139 
AB 1 GLN A 12  ? LYS A 15  ? GLN A 124 LYS A 127 
AB 2 GLU A 83  ? SER A 100 ? GLU A 195 SER A 212 
AB 3 GLY A 70  ? VAL A 78  ? GLY A 182 VAL A 190 
AB 4 ALA A 33  ? LEU A 37  ? ALA A 145 LEU A 149 
AC 1 GLN A 12  ? LYS A 15  ? GLN A 124 LYS A 127 
AC 2 GLU A 83  ? SER A 100 ? GLU A 195 SER A 212 
AD 1 ALA A 20  ? VAL A 22  ? ALA A 132 VAL A 134 
AD 2 LEU A 59  ? ILE A 61  ? LEU A 171 ILE A 173 
AD 3 PHE A 51  ? MET A 53  ? PHE A 163 MET A 165 
AE 1 SER A 105 ? THR A 109 ? SER A 217 THR A 221 
AE 2 GLY A 176 ? PHE A 187 ? GLY A 288 PHE A 299 
AE 3 GLY A 165 ? ASN A 173 ? GLY A 277 ASN A 285 
AE 4 ALA A 129 ? ARG A 134 ? ALA A 241 ARG A 246 
AE 5 LYS A 137 ? LEU A 138 ? LYS A 249 LEU A 250 
AF 1 MET A 116 ? SER A 119 ? MET A 228 SER A 231 
AF 2 GLU A 153 ? VAL A 156 ? GLU A 265 VAL A 268 
AF 3 TYR A 145 ? LYS A 148 ? TYR A 257 LYS A 260 
# 
loop_
_pdbx_struct_sheet_hbond.sheet_id 
_pdbx_struct_sheet_hbond.range_id_1 
_pdbx_struct_sheet_hbond.range_id_2 
_pdbx_struct_sheet_hbond.range_1_label_atom_id 
_pdbx_struct_sheet_hbond.range_1_label_comp_id 
_pdbx_struct_sheet_hbond.range_1_label_asym_id 
_pdbx_struct_sheet_hbond.range_1_label_seq_id 
_pdbx_struct_sheet_hbond.range_1_PDB_ins_code 
_pdbx_struct_sheet_hbond.range_1_auth_atom_id 
_pdbx_struct_sheet_hbond.range_1_auth_comp_id 
_pdbx_struct_sheet_hbond.range_1_auth_asym_id 
_pdbx_struct_sheet_hbond.range_1_auth_seq_id 
_pdbx_struct_sheet_hbond.range_2_label_atom_id 
_pdbx_struct_sheet_hbond.range_2_label_comp_id 
_pdbx_struct_sheet_hbond.range_2_label_asym_id 
_pdbx_struct_sheet_hbond.range_2_label_seq_id 
_pdbx_struct_sheet_hbond.range_2_PDB_ins_code 
_pdbx_struct_sheet_hbond.range_2_auth_atom_id 
_pdbx_struct_sheet_hbond.range_2_auth_comp_id 
_pdbx_struct_sheet_hbond.range_2_auth_asym_id 
_pdbx_struct_sheet_hbond.range_2_auth_seq_id 
AA 1 2 N GLU A 7   ? N GLU A 119 O ARG A 25  ? O ARG A 137 
AB 1 2 N GLN A 12  ? N GLN A 124 O ILE A 90  ? O ILE A 202 
AB 2 3 N VAL A 91  ? N VAL A 203 O GLY A 70  ? O GLY A 182 
AB 3 4 N ARG A 77  ? N ARG A 189 O ALA A 33  ? O ALA A 145 
AC 1 2 N GLN A 12  ? N GLN A 124 O ILE A 90  ? O ILE A 202 
AD 1 2 N VAL A 22  ? N VAL A 134 O LEU A 59  ? O LEU A 171 
AD 2 3 N GLN A 60  ? N GLN A 172 O ALA A 52  ? O ALA A 164 
AE 1 2 N PHE A 106 ? N PHE A 218 O PHE A 183 ? O PHE A 295 
AE 2 3 N LEU A 184 ? N LEU A 296 O GLY A 165 ? O GLY A 277 
AE 3 4 N THR A 172 ? N THR A 284 O ALA A 129 ? O ALA A 241 
AE 4 5 N ARG A 134 ? N ARG A 246 O LYS A 137 ? O LYS A 249 
AF 1 2 N PHE A 118 ? N PHE A 230 O LEU A 154 ? O LEU A 266 
AF 2 3 N THR A 155 ? N THR A 267 O ILE A 146 ? O ILE A 258 
# 
_pdbx_entry_details.entry_id                   2V5T 
_pdbx_entry_details.compound_details           
;MAY PLAY IMPORTANT ROLES IN SELECTIVE FASCICULATION AND
 ZONE-TO-ZONE PROJECTION OF THE PRIMARY OLFACTORY AXONS
;
_pdbx_entry_details.source_details             ? 
_pdbx_entry_details.nonpolymer_details         ? 
_pdbx_entry_details.sequence_details           
;1AA DIFFERENCE BETWEEN THE SEQUENCE FROM DATABASE AND THE
SEQUENCE FROM THE CRYSTAL
;
_pdbx_entry_details.has_ligand_of_interest     ? 
_pdbx_entry_details.has_protein_modification   Y 
# 
loop_
_pdbx_validate_torsion.id 
_pdbx_validate_torsion.PDB_model_num 
_pdbx_validate_torsion.auth_comp_id 
_pdbx_validate_torsion.auth_asym_id 
_pdbx_validate_torsion.auth_seq_id 
_pdbx_validate_torsion.PDB_ins_code 
_pdbx_validate_torsion.label_alt_id 
_pdbx_validate_torsion.phi 
_pdbx_validate_torsion.psi 
1 1 SER A 140 ? ? -170.08 -179.94 
2 1 ASN A 169 ? ? 81.25   -6.93   
3 1 ASN A 254 ? ? -164.07 -152.69 
# 
_pdbx_database_remark.id     700 
_pdbx_database_remark.text   
;
SHEET
THE SHEET STRUCTURE OF THIS MOLECULE IS BIFURCATED. IN
ORDER TO REPRESENT THIS FEATURE IN THE SHEET RECORDS BELOW,
TWO SHEETS ARE DEFINED.
;
# 
loop_
_pdbx_distant_solvent_atoms.id 
_pdbx_distant_solvent_atoms.PDB_model_num 
_pdbx_distant_solvent_atoms.auth_atom_id 
_pdbx_distant_solvent_atoms.label_alt_id 
_pdbx_distant_solvent_atoms.auth_asym_id 
_pdbx_distant_solvent_atoms.auth_comp_id 
_pdbx_distant_solvent_atoms.auth_seq_id 
_pdbx_distant_solvent_atoms.PDB_ins_code 
_pdbx_distant_solvent_atoms.neighbor_macromolecule_distance 
_pdbx_distant_solvent_atoms.neighbor_ligand_distance 
1 1 O ? A HOH 1036 ? 5.83 . 
2 1 O ? A HOH 1100 ? 5.89 . 
# 
loop_
_pdbx_unobs_or_zero_occ_residues.id 
_pdbx_unobs_or_zero_occ_residues.PDB_model_num 
_pdbx_unobs_or_zero_occ_residues.polymer_flag 
_pdbx_unobs_or_zero_occ_residues.occupancy_flag 
_pdbx_unobs_or_zero_occ_residues.auth_asym_id 
_pdbx_unobs_or_zero_occ_residues.auth_comp_id 
_pdbx_unobs_or_zero_occ_residues.auth_seq_id 
_pdbx_unobs_or_zero_occ_residues.PDB_ins_code 
_pdbx_unobs_or_zero_occ_residues.label_asym_id 
_pdbx_unobs_or_zero_occ_residues.label_comp_id 
_pdbx_unobs_or_zero_occ_residues.label_seq_id 
1 1 Y 1 A HIS 151 ? A HIS 39 
2 1 Y 1 A ASN 152 ? A ASN 40 
3 1 Y 1 A GLU 153 ? A GLU 41 
4 1 Y 1 A GLU 154 ? A GLU 42 
5 1 Y 1 A VAL 155 ? A VAL 43 
# 
loop_
_chem_comp_atom.comp_id 
_chem_comp_atom.atom_id 
_chem_comp_atom.type_symbol 
_chem_comp_atom.pdbx_aromatic_flag 
_chem_comp_atom.pdbx_stereo_config 
_chem_comp_atom.pdbx_ordinal 
ALA N    N N N 1   
ALA CA   C N S 2   
ALA C    C N N 3   
ALA O    O N N 4   
ALA CB   C N N 5   
ALA OXT  O N N 6   
ALA H    H N N 7   
ALA H2   H N N 8   
ALA HA   H N N 9   
ALA HB1  H N N 10  
ALA HB2  H N N 11  
ALA HB3  H N N 12  
ALA HXT  H N N 13  
ARG N    N N N 14  
ARG CA   C N S 15  
ARG C    C N N 16  
ARG O    O N N 17  
ARG CB   C N N 18  
ARG CG   C N N 19  
ARG CD   C N N 20  
ARG NE   N N N 21  
ARG CZ   C N N 22  
ARG NH1  N N N 23  
ARG NH2  N N N 24  
ARG OXT  O N N 25  
ARG H    H N N 26  
ARG H2   H N N 27  
ARG HA   H N N 28  
ARG HB2  H N N 29  
ARG HB3  H N N 30  
ARG HG2  H N N 31  
ARG HG3  H N N 32  
ARG HD2  H N N 33  
ARG HD3  H N N 34  
ARG HE   H N N 35  
ARG HH11 H N N 36  
ARG HH12 H N N 37  
ARG HH21 H N N 38  
ARG HH22 H N N 39  
ARG HXT  H N N 40  
ASN N    N N N 41  
ASN CA   C N S 42  
ASN C    C N N 43  
ASN O    O N N 44  
ASN CB   C N N 45  
ASN CG   C N N 46  
ASN OD1  O N N 47  
ASN ND2  N N N 48  
ASN OXT  O N N 49  
ASN H    H N N 50  
ASN H2   H N N 51  
ASN HA   H N N 52  
ASN HB2  H N N 53  
ASN HB3  H N N 54  
ASN HD21 H N N 55  
ASN HD22 H N N 56  
ASN HXT  H N N 57  
ASP N    N N N 58  
ASP CA   C N S 59  
ASP C    C N N 60  
ASP O    O N N 61  
ASP CB   C N N 62  
ASP CG   C N N 63  
ASP OD1  O N N 64  
ASP OD2  O N N 65  
ASP OXT  O N N 66  
ASP H    H N N 67  
ASP H2   H N N 68  
ASP HA   H N N 69  
ASP HB2  H N N 70  
ASP HB3  H N N 71  
ASP HD2  H N N 72  
ASP HXT  H N N 73  
CYS N    N N N 74  
CYS CA   C N R 75  
CYS C    C N N 76  
CYS O    O N N 77  
CYS CB   C N N 78  
CYS SG   S N N 79  
CYS OXT  O N N 80  
CYS H    H N N 81  
CYS H2   H N N 82  
CYS HA   H N N 83  
CYS HB2  H N N 84  
CYS HB3  H N N 85  
CYS HG   H N N 86  
CYS HXT  H N N 87  
GLN N    N N N 88  
GLN CA   C N S 89  
GLN C    C N N 90  
GLN O    O N N 91  
GLN CB   C N N 92  
GLN CG   C N N 93  
GLN CD   C N N 94  
GLN OE1  O N N 95  
GLN NE2  N N N 96  
GLN OXT  O N N 97  
GLN H    H N N 98  
GLN H2   H N N 99  
GLN HA   H N N 100 
GLN HB2  H N N 101 
GLN HB3  H N N 102 
GLN HG2  H N N 103 
GLN HG3  H N N 104 
GLN HE21 H N N 105 
GLN HE22 H N N 106 
GLN HXT  H N N 107 
GLU N    N N N 108 
GLU CA   C N S 109 
GLU C    C N N 110 
GLU O    O N N 111 
GLU CB   C N N 112 
GLU CG   C N N 113 
GLU CD   C N N 114 
GLU OE1  O N N 115 
GLU OE2  O N N 116 
GLU OXT  O N N 117 
GLU H    H N N 118 
GLU H2   H N N 119 
GLU HA   H N N 120 
GLU HB2  H N N 121 
GLU HB3  H N N 122 
GLU HG2  H N N 123 
GLU HG3  H N N 124 
GLU HE2  H N N 125 
GLU HXT  H N N 126 
GLY N    N N N 127 
GLY CA   C N N 128 
GLY C    C N N 129 
GLY O    O N N 130 
GLY OXT  O N N 131 
GLY H    H N N 132 
GLY H2   H N N 133 
GLY HA2  H N N 134 
GLY HA3  H N N 135 
GLY HXT  H N N 136 
GOL C1   C N N 137 
GOL O1   O N N 138 
GOL C2   C N N 139 
GOL O2   O N N 140 
GOL C3   C N N 141 
GOL O3   O N N 142 
GOL H11  H N N 143 
GOL H12  H N N 144 
GOL HO1  H N N 145 
GOL H2   H N N 146 
GOL HO2  H N N 147 
GOL H31  H N N 148 
GOL H32  H N N 149 
GOL HO3  H N N 150 
HIS N    N N N 151 
HIS CA   C N S 152 
HIS C    C N N 153 
HIS O    O N N 154 
HIS CB   C N N 155 
HIS CG   C Y N 156 
HIS ND1  N Y N 157 
HIS CD2  C Y N 158 
HIS CE1  C Y N 159 
HIS NE2  N Y N 160 
HIS OXT  O N N 161 
HIS H    H N N 162 
HIS H2   H N N 163 
HIS HA   H N N 164 
HIS HB2  H N N 165 
HIS HB3  H N N 166 
HIS HD1  H N N 167 
HIS HD2  H N N 168 
HIS HE1  H N N 169 
HIS HE2  H N N 170 
HIS HXT  H N N 171 
HOH O    O N N 172 
HOH H1   H N N 173 
HOH H2   H N N 174 
ILE N    N N N 175 
ILE CA   C N S 176 
ILE C    C N N 177 
ILE O    O N N 178 
ILE CB   C N S 179 
ILE CG1  C N N 180 
ILE CG2  C N N 181 
ILE CD1  C N N 182 
ILE OXT  O N N 183 
ILE H    H N N 184 
ILE H2   H N N 185 
ILE HA   H N N 186 
ILE HB   H N N 187 
ILE HG12 H N N 188 
ILE HG13 H N N 189 
ILE HG21 H N N 190 
ILE HG22 H N N 191 
ILE HG23 H N N 192 
ILE HD11 H N N 193 
ILE HD12 H N N 194 
ILE HD13 H N N 195 
ILE HXT  H N N 196 
LEU N    N N N 197 
LEU CA   C N S 198 
LEU C    C N N 199 
LEU O    O N N 200 
LEU CB   C N N 201 
LEU CG   C N N 202 
LEU CD1  C N N 203 
LEU CD2  C N N 204 
LEU OXT  O N N 205 
LEU H    H N N 206 
LEU H2   H N N 207 
LEU HA   H N N 208 
LEU HB2  H N N 209 
LEU HB3  H N N 210 
LEU HG   H N N 211 
LEU HD11 H N N 212 
LEU HD12 H N N 213 
LEU HD13 H N N 214 
LEU HD21 H N N 215 
LEU HD22 H N N 216 
LEU HD23 H N N 217 
LEU HXT  H N N 218 
LYS N    N N N 219 
LYS CA   C N S 220 
LYS C    C N N 221 
LYS O    O N N 222 
LYS CB   C N N 223 
LYS CG   C N N 224 
LYS CD   C N N 225 
LYS CE   C N N 226 
LYS NZ   N N N 227 
LYS OXT  O N N 228 
LYS H    H N N 229 
LYS H2   H N N 230 
LYS HA   H N N 231 
LYS HB2  H N N 232 
LYS HB3  H N N 233 
LYS HG2  H N N 234 
LYS HG3  H N N 235 
LYS HD2  H N N 236 
LYS HD3  H N N 237 
LYS HE2  H N N 238 
LYS HE3  H N N 239 
LYS HZ1  H N N 240 
LYS HZ2  H N N 241 
LYS HZ3  H N N 242 
LYS HXT  H N N 243 
MET N    N N N 244 
MET CA   C N S 245 
MET C    C N N 246 
MET O    O N N 247 
MET CB   C N N 248 
MET CG   C N N 249 
MET SD   S N N 250 
MET CE   C N N 251 
MET OXT  O N N 252 
MET H    H N N 253 
MET H2   H N N 254 
MET HA   H N N 255 
MET HB2  H N N 256 
MET HB3  H N N 257 
MET HG2  H N N 258 
MET HG3  H N N 259 
MET HE1  H N N 260 
MET HE2  H N N 261 
MET HE3  H N N 262 
MET HXT  H N N 263 
NAG C1   C N R 264 
NAG C2   C N R 265 
NAG C3   C N R 266 
NAG C4   C N S 267 
NAG C5   C N R 268 
NAG C6   C N N 269 
NAG C7   C N N 270 
NAG C8   C N N 271 
NAG N2   N N N 272 
NAG O1   O N N 273 
NAG O3   O N N 274 
NAG O4   O N N 275 
NAG O5   O N N 276 
NAG O6   O N N 277 
NAG O7   O N N 278 
NAG H1   H N N 279 
NAG H2   H N N 280 
NAG H3   H N N 281 
NAG H4   H N N 282 
NAG H5   H N N 283 
NAG H61  H N N 284 
NAG H62  H N N 285 
NAG H81  H N N 286 
NAG H82  H N N 287 
NAG H83  H N N 288 
NAG HN2  H N N 289 
NAG HO1  H N N 290 
NAG HO3  H N N 291 
NAG HO4  H N N 292 
NAG HO6  H N N 293 
PHE N    N N N 294 
PHE CA   C N S 295 
PHE C    C N N 296 
PHE O    O N N 297 
PHE CB   C N N 298 
PHE CG   C Y N 299 
PHE CD1  C Y N 300 
PHE CD2  C Y N 301 
PHE CE1  C Y N 302 
PHE CE2  C Y N 303 
PHE CZ   C Y N 304 
PHE OXT  O N N 305 
PHE H    H N N 306 
PHE H2   H N N 307 
PHE HA   H N N 308 
PHE HB2  H N N 309 
PHE HB3  H N N 310 
PHE HD1  H N N 311 
PHE HD2  H N N 312 
PHE HE1  H N N 313 
PHE HE2  H N N 314 
PHE HZ   H N N 315 
PHE HXT  H N N 316 
PRO N    N N N 317 
PRO CA   C N S 318 
PRO C    C N N 319 
PRO O    O N N 320 
PRO CB   C N N 321 
PRO CG   C N N 322 
PRO CD   C N N 323 
PRO OXT  O N N 324 
PRO H    H N N 325 
PRO HA   H N N 326 
PRO HB2  H N N 327 
PRO HB3  H N N 328 
PRO HG2  H N N 329 
PRO HG3  H N N 330 
PRO HD2  H N N 331 
PRO HD3  H N N 332 
PRO HXT  H N N 333 
SER N    N N N 334 
SER CA   C N S 335 
SER C    C N N 336 
SER O    O N N 337 
SER CB   C N N 338 
SER OG   O N N 339 
SER OXT  O N N 340 
SER H    H N N 341 
SER H2   H N N 342 
SER HA   H N N 343 
SER HB2  H N N 344 
SER HB3  H N N 345 
SER HG   H N N 346 
SER HXT  H N N 347 
SO4 S    S N N 348 
SO4 O1   O N N 349 
SO4 O2   O N N 350 
SO4 O3   O N N 351 
SO4 O4   O N N 352 
THR N    N N N 353 
THR CA   C N S 354 
THR C    C N N 355 
THR O    O N N 356 
THR CB   C N R 357 
THR OG1  O N N 358 
THR CG2  C N N 359 
THR OXT  O N N 360 
THR H    H N N 361 
THR H2   H N N 362 
THR HA   H N N 363 
THR HB   H N N 364 
THR HG1  H N N 365 
THR HG21 H N N 366 
THR HG22 H N N 367 
THR HG23 H N N 368 
THR HXT  H N N 369 
TRP N    N N N 370 
TRP CA   C N S 371 
TRP C    C N N 372 
TRP O    O N N 373 
TRP CB   C N N 374 
TRP CG   C Y N 375 
TRP CD1  C Y N 376 
TRP CD2  C Y N 377 
TRP NE1  N Y N 378 
TRP CE2  C Y N 379 
TRP CE3  C Y N 380 
TRP CZ2  C Y N 381 
TRP CZ3  C Y N 382 
TRP CH2  C Y N 383 
TRP OXT  O N N 384 
TRP H    H N N 385 
TRP H2   H N N 386 
TRP HA   H N N 387 
TRP HB2  H N N 388 
TRP HB3  H N N 389 
TRP HD1  H N N 390 
TRP HE1  H N N 391 
TRP HE3  H N N 392 
TRP HZ2  H N N 393 
TRP HZ3  H N N 394 
TRP HH2  H N N 395 
TRP HXT  H N N 396 
TYR N    N N N 397 
TYR CA   C N S 398 
TYR C    C N N 399 
TYR O    O N N 400 
TYR CB   C N N 401 
TYR CG   C Y N 402 
TYR CD1  C Y N 403 
TYR CD2  C Y N 404 
TYR CE1  C Y N 405 
TYR CE2  C Y N 406 
TYR CZ   C Y N 407 
TYR OH   O N N 408 
TYR OXT  O N N 409 
TYR H    H N N 410 
TYR H2   H N N 411 
TYR HA   H N N 412 
TYR HB2  H N N 413 
TYR HB3  H N N 414 
TYR HD1  H N N 415 
TYR HD2  H N N 416 
TYR HE1  H N N 417 
TYR HE2  H N N 418 
TYR HH   H N N 419 
TYR HXT  H N N 420 
VAL N    N N N 421 
VAL CA   C N S 422 
VAL C    C N N 423 
VAL O    O N N 424 
VAL CB   C N N 425 
VAL CG1  C N N 426 
VAL CG2  C N N 427 
VAL OXT  O N N 428 
VAL H    H N N 429 
VAL H2   H N N 430 
VAL HA   H N N 431 
VAL HB   H N N 432 
VAL HG11 H N N 433 
VAL HG12 H N N 434 
VAL HG13 H N N 435 
VAL HG21 H N N 436 
VAL HG22 H N N 437 
VAL HG23 H N N 438 
VAL HXT  H N N 439 
# 
loop_
_chem_comp_bond.comp_id 
_chem_comp_bond.atom_id_1 
_chem_comp_bond.atom_id_2 
_chem_comp_bond.value_order 
_chem_comp_bond.pdbx_aromatic_flag 
_chem_comp_bond.pdbx_stereo_config 
_chem_comp_bond.pdbx_ordinal 
ALA N   CA   sing N N 1   
ALA N   H    sing N N 2   
ALA N   H2   sing N N 3   
ALA CA  C    sing N N 4   
ALA CA  CB   sing N N 5   
ALA CA  HA   sing N N 6   
ALA C   O    doub N N 7   
ALA C   OXT  sing N N 8   
ALA CB  HB1  sing N N 9   
ALA CB  HB2  sing N N 10  
ALA CB  HB3  sing N N 11  
ALA OXT HXT  sing N N 12  
ARG N   CA   sing N N 13  
ARG N   H    sing N N 14  
ARG N   H2   sing N N 15  
ARG CA  C    sing N N 16  
ARG CA  CB   sing N N 17  
ARG CA  HA   sing N N 18  
ARG C   O    doub N N 19  
ARG C   OXT  sing N N 20  
ARG CB  CG   sing N N 21  
ARG CB  HB2  sing N N 22  
ARG CB  HB3  sing N N 23  
ARG CG  CD   sing N N 24  
ARG CG  HG2  sing N N 25  
ARG CG  HG3  sing N N 26  
ARG CD  NE   sing N N 27  
ARG CD  HD2  sing N N 28  
ARG CD  HD3  sing N N 29  
ARG NE  CZ   sing N N 30  
ARG NE  HE   sing N N 31  
ARG CZ  NH1  sing N N 32  
ARG CZ  NH2  doub N N 33  
ARG NH1 HH11 sing N N 34  
ARG NH1 HH12 sing N N 35  
ARG NH2 HH21 sing N N 36  
ARG NH2 HH22 sing N N 37  
ARG OXT HXT  sing N N 38  
ASN N   CA   sing N N 39  
ASN N   H    sing N N 40  
ASN N   H2   sing N N 41  
ASN CA  C    sing N N 42  
ASN CA  CB   sing N N 43  
ASN CA  HA   sing N N 44  
ASN C   O    doub N N 45  
ASN C   OXT  sing N N 46  
ASN CB  CG   sing N N 47  
ASN CB  HB2  sing N N 48  
ASN CB  HB3  sing N N 49  
ASN CG  OD1  doub N N 50  
ASN CG  ND2  sing N N 51  
ASN ND2 HD21 sing N N 52  
ASN ND2 HD22 sing N N 53  
ASN OXT HXT  sing N N 54  
ASP N   CA   sing N N 55  
ASP N   H    sing N N 56  
ASP N   H2   sing N N 57  
ASP CA  C    sing N N 58  
ASP CA  CB   sing N N 59  
ASP CA  HA   sing N N 60  
ASP C   O    doub N N 61  
ASP C   OXT  sing N N 62  
ASP CB  CG   sing N N 63  
ASP CB  HB2  sing N N 64  
ASP CB  HB3  sing N N 65  
ASP CG  OD1  doub N N 66  
ASP CG  OD2  sing N N 67  
ASP OD2 HD2  sing N N 68  
ASP OXT HXT  sing N N 69  
CYS N   CA   sing N N 70  
CYS N   H    sing N N 71  
CYS N   H2   sing N N 72  
CYS CA  C    sing N N 73  
CYS CA  CB   sing N N 74  
CYS CA  HA   sing N N 75  
CYS C   O    doub N N 76  
CYS C   OXT  sing N N 77  
CYS CB  SG   sing N N 78  
CYS CB  HB2  sing N N 79  
CYS CB  HB3  sing N N 80  
CYS SG  HG   sing N N 81  
CYS OXT HXT  sing N N 82  
GLN N   CA   sing N N 83  
GLN N   H    sing N N 84  
GLN N   H2   sing N N 85  
GLN CA  C    sing N N 86  
GLN CA  CB   sing N N 87  
GLN CA  HA   sing N N 88  
GLN C   O    doub N N 89  
GLN C   OXT  sing N N 90  
GLN CB  CG   sing N N 91  
GLN CB  HB2  sing N N 92  
GLN CB  HB3  sing N N 93  
GLN CG  CD   sing N N 94  
GLN CG  HG2  sing N N 95  
GLN CG  HG3  sing N N 96  
GLN CD  OE1  doub N N 97  
GLN CD  NE2  sing N N 98  
GLN NE2 HE21 sing N N 99  
GLN NE2 HE22 sing N N 100 
GLN OXT HXT  sing N N 101 
GLU N   CA   sing N N 102 
GLU N   H    sing N N 103 
GLU N   H2   sing N N 104 
GLU CA  C    sing N N 105 
GLU CA  CB   sing N N 106 
GLU CA  HA   sing N N 107 
GLU C   O    doub N N 108 
GLU C   OXT  sing N N 109 
GLU CB  CG   sing N N 110 
GLU CB  HB2  sing N N 111 
GLU CB  HB3  sing N N 112 
GLU CG  CD   sing N N 113 
GLU CG  HG2  sing N N 114 
GLU CG  HG3  sing N N 115 
GLU CD  OE1  doub N N 116 
GLU CD  OE2  sing N N 117 
GLU OE2 HE2  sing N N 118 
GLU OXT HXT  sing N N 119 
GLY N   CA   sing N N 120 
GLY N   H    sing N N 121 
GLY N   H2   sing N N 122 
GLY CA  C    sing N N 123 
GLY CA  HA2  sing N N 124 
GLY CA  HA3  sing N N 125 
GLY C   O    doub N N 126 
GLY C   OXT  sing N N 127 
GLY OXT HXT  sing N N 128 
GOL C1  O1   sing N N 129 
GOL C1  C2   sing N N 130 
GOL C1  H11  sing N N 131 
GOL C1  H12  sing N N 132 
GOL O1  HO1  sing N N 133 
GOL C2  O2   sing N N 134 
GOL C2  C3   sing N N 135 
GOL C2  H2   sing N N 136 
GOL O2  HO2  sing N N 137 
GOL C3  O3   sing N N 138 
GOL C3  H31  sing N N 139 
GOL C3  H32  sing N N 140 
GOL O3  HO3  sing N N 141 
HIS N   CA   sing N N 142 
HIS N   H    sing N N 143 
HIS N   H2   sing N N 144 
HIS CA  C    sing N N 145 
HIS CA  CB   sing N N 146 
HIS CA  HA   sing N N 147 
HIS C   O    doub N N 148 
HIS C   OXT  sing N N 149 
HIS CB  CG   sing N N 150 
HIS CB  HB2  sing N N 151 
HIS CB  HB3  sing N N 152 
HIS CG  ND1  sing Y N 153 
HIS CG  CD2  doub Y N 154 
HIS ND1 CE1  doub Y N 155 
HIS ND1 HD1  sing N N 156 
HIS CD2 NE2  sing Y N 157 
HIS CD2 HD2  sing N N 158 
HIS CE1 NE2  sing Y N 159 
HIS CE1 HE1  sing N N 160 
HIS NE2 HE2  sing N N 161 
HIS OXT HXT  sing N N 162 
HOH O   H1   sing N N 163 
HOH O   H2   sing N N 164 
ILE N   CA   sing N N 165 
ILE N   H    sing N N 166 
ILE N   H2   sing N N 167 
ILE CA  C    sing N N 168 
ILE CA  CB   sing N N 169 
ILE CA  HA   sing N N 170 
ILE C   O    doub N N 171 
ILE C   OXT  sing N N 172 
ILE CB  CG1  sing N N 173 
ILE CB  CG2  sing N N 174 
ILE CB  HB   sing N N 175 
ILE CG1 CD1  sing N N 176 
ILE CG1 HG12 sing N N 177 
ILE CG1 HG13 sing N N 178 
ILE CG2 HG21 sing N N 179 
ILE CG2 HG22 sing N N 180 
ILE CG2 HG23 sing N N 181 
ILE CD1 HD11 sing N N 182 
ILE CD1 HD12 sing N N 183 
ILE CD1 HD13 sing N N 184 
ILE OXT HXT  sing N N 185 
LEU N   CA   sing N N 186 
LEU N   H    sing N N 187 
LEU N   H2   sing N N 188 
LEU CA  C    sing N N 189 
LEU CA  CB   sing N N 190 
LEU CA  HA   sing N N 191 
LEU C   O    doub N N 192 
LEU C   OXT  sing N N 193 
LEU CB  CG   sing N N 194 
LEU CB  HB2  sing N N 195 
LEU CB  HB3  sing N N 196 
LEU CG  CD1  sing N N 197 
LEU CG  CD2  sing N N 198 
LEU CG  HG   sing N N 199 
LEU CD1 HD11 sing N N 200 
LEU CD1 HD12 sing N N 201 
LEU CD1 HD13 sing N N 202 
LEU CD2 HD21 sing N N 203 
LEU CD2 HD22 sing N N 204 
LEU CD2 HD23 sing N N 205 
LEU OXT HXT  sing N N 206 
LYS N   CA   sing N N 207 
LYS N   H    sing N N 208 
LYS N   H2   sing N N 209 
LYS CA  C    sing N N 210 
LYS CA  CB   sing N N 211 
LYS CA  HA   sing N N 212 
LYS C   O    doub N N 213 
LYS C   OXT  sing N N 214 
LYS CB  CG   sing N N 215 
LYS CB  HB2  sing N N 216 
LYS CB  HB3  sing N N 217 
LYS CG  CD   sing N N 218 
LYS CG  HG2  sing N N 219 
LYS CG  HG3  sing N N 220 
LYS CD  CE   sing N N 221 
LYS CD  HD2  sing N N 222 
LYS CD  HD3  sing N N 223 
LYS CE  NZ   sing N N 224 
LYS CE  HE2  sing N N 225 
LYS CE  HE3  sing N N 226 
LYS NZ  HZ1  sing N N 227 
LYS NZ  HZ2  sing N N 228 
LYS NZ  HZ3  sing N N 229 
LYS OXT HXT  sing N N 230 
MET N   CA   sing N N 231 
MET N   H    sing N N 232 
MET N   H2   sing N N 233 
MET CA  C    sing N N 234 
MET CA  CB   sing N N 235 
MET CA  HA   sing N N 236 
MET C   O    doub N N 237 
MET C   OXT  sing N N 238 
MET CB  CG   sing N N 239 
MET CB  HB2  sing N N 240 
MET CB  HB3  sing N N 241 
MET CG  SD   sing N N 242 
MET CG  HG2  sing N N 243 
MET CG  HG3  sing N N 244 
MET SD  CE   sing N N 245 
MET CE  HE1  sing N N 246 
MET CE  HE2  sing N N 247 
MET CE  HE3  sing N N 248 
MET OXT HXT  sing N N 249 
NAG C1  C2   sing N N 250 
NAG C1  O1   sing N N 251 
NAG C1  O5   sing N N 252 
NAG C1  H1   sing N N 253 
NAG C2  C3   sing N N 254 
NAG C2  N2   sing N N 255 
NAG C2  H2   sing N N 256 
NAG C3  C4   sing N N 257 
NAG C3  O3   sing N N 258 
NAG C3  H3   sing N N 259 
NAG C4  C5   sing N N 260 
NAG C4  O4   sing N N 261 
NAG C4  H4   sing N N 262 
NAG C5  C6   sing N N 263 
NAG C5  O5   sing N N 264 
NAG C5  H5   sing N N 265 
NAG C6  O6   sing N N 266 
NAG C6  H61  sing N N 267 
NAG C6  H62  sing N N 268 
NAG C7  C8   sing N N 269 
NAG C7  N2   sing N N 270 
NAG C7  O7   doub N N 271 
NAG C8  H81  sing N N 272 
NAG C8  H82  sing N N 273 
NAG C8  H83  sing N N 274 
NAG N2  HN2  sing N N 275 
NAG O1  HO1  sing N N 276 
NAG O3  HO3  sing N N 277 
NAG O4  HO4  sing N N 278 
NAG O6  HO6  sing N N 279 
PHE N   CA   sing N N 280 
PHE N   H    sing N N 281 
PHE N   H2   sing N N 282 
PHE CA  C    sing N N 283 
PHE CA  CB   sing N N 284 
PHE CA  HA   sing N N 285 
PHE C   O    doub N N 286 
PHE C   OXT  sing N N 287 
PHE CB  CG   sing N N 288 
PHE CB  HB2  sing N N 289 
PHE CB  HB3  sing N N 290 
PHE CG  CD1  doub Y N 291 
PHE CG  CD2  sing Y N 292 
PHE CD1 CE1  sing Y N 293 
PHE CD1 HD1  sing N N 294 
PHE CD2 CE2  doub Y N 295 
PHE CD2 HD2  sing N N 296 
PHE CE1 CZ   doub Y N 297 
PHE CE1 HE1  sing N N 298 
PHE CE2 CZ   sing Y N 299 
PHE CE2 HE2  sing N N 300 
PHE CZ  HZ   sing N N 301 
PHE OXT HXT  sing N N 302 
PRO N   CA   sing N N 303 
PRO N   CD   sing N N 304 
PRO N   H    sing N N 305 
PRO CA  C    sing N N 306 
PRO CA  CB   sing N N 307 
PRO CA  HA   sing N N 308 
PRO C   O    doub N N 309 
PRO C   OXT  sing N N 310 
PRO CB  CG   sing N N 311 
PRO CB  HB2  sing N N 312 
PRO CB  HB3  sing N N 313 
PRO CG  CD   sing N N 314 
PRO CG  HG2  sing N N 315 
PRO CG  HG3  sing N N 316 
PRO CD  HD2  sing N N 317 
PRO CD  HD3  sing N N 318 
PRO OXT HXT  sing N N 319 
SER N   CA   sing N N 320 
SER N   H    sing N N 321 
SER N   H2   sing N N 322 
SER CA  C    sing N N 323 
SER CA  CB   sing N N 324 
SER CA  HA   sing N N 325 
SER C   O    doub N N 326 
SER C   OXT  sing N N 327 
SER CB  OG   sing N N 328 
SER CB  HB2  sing N N 329 
SER CB  HB3  sing N N 330 
SER OG  HG   sing N N 331 
SER OXT HXT  sing N N 332 
SO4 S   O1   doub N N 333 
SO4 S   O2   doub N N 334 
SO4 S   O3   sing N N 335 
SO4 S   O4   sing N N 336 
THR N   CA   sing N N 337 
THR N   H    sing N N 338 
THR N   H2   sing N N 339 
THR CA  C    sing N N 340 
THR CA  CB   sing N N 341 
THR CA  HA   sing N N 342 
THR C   O    doub N N 343 
THR C   OXT  sing N N 344 
THR CB  OG1  sing N N 345 
THR CB  CG2  sing N N 346 
THR CB  HB   sing N N 347 
THR OG1 HG1  sing N N 348 
THR CG2 HG21 sing N N 349 
THR CG2 HG22 sing N N 350 
THR CG2 HG23 sing N N 351 
THR OXT HXT  sing N N 352 
TRP N   CA   sing N N 353 
TRP N   H    sing N N 354 
TRP N   H2   sing N N 355 
TRP CA  C    sing N N 356 
TRP CA  CB   sing N N 357 
TRP CA  HA   sing N N 358 
TRP C   O    doub N N 359 
TRP C   OXT  sing N N 360 
TRP CB  CG   sing N N 361 
TRP CB  HB2  sing N N 362 
TRP CB  HB3  sing N N 363 
TRP CG  CD1  doub Y N 364 
TRP CG  CD2  sing Y N 365 
TRP CD1 NE1  sing Y N 366 
TRP CD1 HD1  sing N N 367 
TRP CD2 CE2  doub Y N 368 
TRP CD2 CE3  sing Y N 369 
TRP NE1 CE2  sing Y N 370 
TRP NE1 HE1  sing N N 371 
TRP CE2 CZ2  sing Y N 372 
TRP CE3 CZ3  doub Y N 373 
TRP CE3 HE3  sing N N 374 
TRP CZ2 CH2  doub Y N 375 
TRP CZ2 HZ2  sing N N 376 
TRP CZ3 CH2  sing Y N 377 
TRP CZ3 HZ3  sing N N 378 
TRP CH2 HH2  sing N N 379 
TRP OXT HXT  sing N N 380 
TYR N   CA   sing N N 381 
TYR N   H    sing N N 382 
TYR N   H2   sing N N 383 
TYR CA  C    sing N N 384 
TYR CA  CB   sing N N 385 
TYR CA  HA   sing N N 386 
TYR C   O    doub N N 387 
TYR C   OXT  sing N N 388 
TYR CB  CG   sing N N 389 
TYR CB  HB2  sing N N 390 
TYR CB  HB3  sing N N 391 
TYR CG  CD1  doub Y N 392 
TYR CG  CD2  sing Y N 393 
TYR CD1 CE1  sing Y N 394 
TYR CD1 HD1  sing N N 395 
TYR CD2 CE2  doub Y N 396 
TYR CD2 HD2  sing N N 397 
TYR CE1 CZ   doub Y N 398 
TYR CE1 HE1  sing N N 399 
TYR CE2 CZ   sing Y N 400 
TYR CE2 HE2  sing N N 401 
TYR CZ  OH   sing N N 402 
TYR OH  HH   sing N N 403 
TYR OXT HXT  sing N N 404 
VAL N   CA   sing N N 405 
VAL N   H    sing N N 406 
VAL N   H2   sing N N 407 
VAL CA  C    sing N N 408 
VAL CA  CB   sing N N 409 
VAL CA  HA   sing N N 410 
VAL C   O    doub N N 411 
VAL C   OXT  sing N N 412 
VAL CB  CG1  sing N N 413 
VAL CB  CG2  sing N N 414 
VAL CB  HB   sing N N 415 
VAL CG1 HG11 sing N N 416 
VAL CG1 HG12 sing N N 417 
VAL CG1 HG13 sing N N 418 
VAL CG2 HG21 sing N N 419 
VAL CG2 HG22 sing N N 420 
VAL CG2 HG23 sing N N 421 
VAL OXT HXT  sing N N 422 
# 
_pdbx_initial_refinement_model.accession_code   ? 
_pdbx_initial_refinement_model.id               1 
_pdbx_initial_refinement_model.entity_id_list   ? 
_pdbx_initial_refinement_model.type             other 
_pdbx_initial_refinement_model.source_name      ? 
_pdbx_initial_refinement_model.details          'IG2 MODULE OF NCAM2' 
# 
_atom_sites.entry_id                    2V5T 
_atom_sites.fract_transf_matrix[1][1]   -0.00511391 
_atom_sites.fract_transf_matrix[1][2]   0.00690088 
_atom_sites.fract_transf_matrix[1][3]   0.00137782 
_atom_sites.fract_transf_matrix[2][1]   -0.00685438 
_atom_sites.fract_transf_matrix[2][2]   -0.00449914 
_atom_sites.fract_transf_matrix[2][3]   -0.00290650 
_atom_sites.fract_transf_matrix[3][1]   -0.00398121 
_atom_sites.fract_transf_matrix[3][2]   -0.00698303 
_atom_sites.fract_transf_matrix[3][3]   0.02019830 
_atom_sites.fract_transf_vector[1]      0.457878 
_atom_sites.fract_transf_vector[2]      0.154634 
_atom_sites.fract_transf_vector[3]      0.359294 
# 
loop_
_atom_type.symbol 
C 
N 
O 
S 
# 
loop_
_atom_site.group_PDB 
_atom_site.id 
_atom_site.type_symbol 
_atom_site.label_atom_id 
_atom_site.label_alt_id 
_atom_site.label_comp_id 
_atom_site.label_asym_id 
_atom_site.label_entity_id 
_atom_site.label_seq_id 
_atom_site.pdbx_PDB_ins_code 
_atom_site.Cartn_x 
_atom_site.Cartn_y 
_atom_site.Cartn_z 
_atom_site.occupancy 
_atom_site.B_iso_or_equiv 
_atom_site.pdbx_formal_charge 
_atom_site.auth_seq_id 
_atom_site.auth_comp_id 
_atom_site.auth_asym_id 
_atom_site.auth_atom_id 
_atom_site.pdbx_PDB_model_num 
ATOM   1    N N   . SER A 1 1   ? 34.060  -19.998 -12.364 1.00 37.06 ? 113  SER A N   1 
ATOM   2    C CA  . SER A 1 1   ? 34.976  -18.865 -12.259 1.00 44.12 ? 113  SER A CA  1 
ATOM   3    C C   . SER A 1 1   ? 34.359  -17.567 -12.780 1.00 31.53 ? 113  SER A C   1 
ATOM   4    O O   . SER A 1 1   ? 34.688  -16.484 -12.305 1.00 35.04 ? 113  SER A O   1 
ATOM   5    C CB  . SER A 1 1   ? 36.282  -19.153 -13.005 1.00 51.94 ? 113  SER A CB  1 
ATOM   6    O OG  . SER A 1 1   ? 36.913  -20.320 -12.506 1.00 73.20 ? 113  SER A OG  1 
ATOM   7    N N   . MET A 1 2   ? 33.480  -17.672 -13.769 1.00 31.23 ? 114  MET A N   1 
ATOM   8    C CA  . MET A 1 2   ? 32.861  -16.476 -14.320 1.00 34.17 ? 114  MET A CA  1 
ATOM   9    C C   . MET A 1 2   ? 31.721  -16.002 -13.430 1.00 28.95 ? 114  MET A C   1 
ATOM   10   O O   . MET A 1 2   ? 31.165  -16.774 -12.638 1.00 26.41 ? 114  MET A O   1 
ATOM   11   C CB  . MET A 1 2   ? 32.371  -16.713 -15.751 1.00 39.00 ? 114  MET A CB  1 
ATOM   12   C CG  . MET A 1 2   ? 31.096  -17.524 -15.865 1.00 38.52 ? 114  MET A CG  1 
ATOM   13   S SD  . MET A 1 2   ? 30.735  -17.971 -17.581 1.00 53.92 ? 114  MET A SD  1 
ATOM   14   C CE  . MET A 1 2   ? 29.072  -18.634 -17.398 1.00 39.44 ? 114  MET A CE  1 
ATOM   15   N N   . LEU A 1 3   ? 31.396  -14.721 -13.553 1.00 29.89 ? 115  LEU A N   1 
ATOM   16   C CA  . LEU A 1 3   ? 30.277  -14.134 -12.835 1.00 26.49 ? 115  LEU A CA  1 
ATOM   17   C C   . LEU A 1 3   ? 28.974  -14.857 -13.149 1.00 18.30 ? 115  LEU A C   1 
ATOM   18   O O   . LEU A 1 3   ? 28.595  -15.016 -14.308 1.00 25.54 ? 115  LEU A O   1 
ATOM   19   C CB  . LEU A 1 3   ? 30.138  -12.652 -13.189 1.00 21.12 ? 115  LEU A CB  1 
ATOM   20   C CG  . LEU A 1 3   ? 31.199  -11.729 -12.591 1.00 25.85 ? 115  LEU A CG  1 
ATOM   21   C CD1 . LEU A 1 3   ? 31.228  -10.397 -13.330 1.00 19.42 ? 115  LEU A CD1 1 
ATOM   22   C CD2 . LEU A 1 3   ? 30.946  -11.538 -11.107 1.00 22.31 ? 115  LEU A CD2 1 
ATOM   23   N N   . THR A 1 4   ? 28.292  -15.272 -12.093 1.00 22.13 ? 116  THR A N   1 
ATOM   24   C CA  . THR A 1 4   ? 26.982  -15.880 -12.199 1.00 20.58 ? 116  THR A CA  1 
ATOM   25   C C   . THR A 1 4   ? 26.085  -15.177 -11.204 1.00 22.72 ? 116  THR A C   1 
ATOM   26   O O   . THR A 1 4   ? 26.441  -15.048 -10.036 1.00 25.48 ? 116  THR A O   1 
ATOM   27   C CB  . THR A 1 4   ? 27.025  -17.367 -11.795 1.00 26.76 ? 116  THR A CB  1 
ATOM   28   O OG1 . THR A 1 4   ? 27.903  -18.077 -12.677 1.00 40.50 ? 116  THR A OG1 1 
ATOM   29   C CG2 . THR A 1 4   ? 25.638  -17.968 -11.877 1.00 29.44 ? 116  THR A CG2 1 
ATOM   30   N N   . PHE A 1 5   ? 24.925  -14.723 -11.660 1.00 21.41 ? 117  PHE A N   1 
ATOM   31   C CA  . PHE A 1 5   ? 23.955  -14.123 -10.754 1.00 17.94 ? 117  PHE A CA  1 
ATOM   32   C C   . PHE A 1 5   ? 22.880  -15.151 -10.443 1.00 23.49 ? 117  PHE A C   1 
ATOM   33   O O   . PHE A 1 5   ? 21.924  -15.309 -11.199 1.00 21.57 ? 117  PHE A O   1 
ATOM   34   C CB  . PHE A 1 5   ? 23.344  -12.865 -11.375 1.00 15.56 ? 117  PHE A CB  1 
ATOM   35   C CG  . PHE A 1 5   ? 24.299  -11.705 -11.452 1.00 19.47 ? 117  PHE A CG  1 
ATOM   36   C CD1 . PHE A 1 5   ? 24.290  -10.714 -10.474 1.00 15.11 ? 117  PHE A CD1 1 
ATOM   37   C CD2 . PHE A 1 5   ? 25.203  -11.604 -12.497 1.00 14.54 ? 117  PHE A CD2 1 
ATOM   38   C CE1 . PHE A 1 5   ? 25.164  -9.641  -10.550 1.00 16.54 ? 117  PHE A CE1 1 
ATOM   39   C CE2 . PHE A 1 5   ? 26.073  -10.541 -12.583 1.00 16.57 ? 117  PHE A CE2 1 
ATOM   40   C CZ  . PHE A 1 5   ? 26.057  -9.552  -11.605 1.00 15.85 ? 117  PHE A CZ  1 
ATOM   41   N N   . ARG A 1 6   ? 23.044  -15.842 -9.322  1.00 14.89 ? 118  ARG A N   1 
ATOM   42   C CA  . ARG A 1 6   ? 22.174  -16.956 -8.971  1.00 20.70 ? 118  ARG A CA  1 
ATOM   43   C C   . ARG A 1 6   ? 20.805  -16.486 -8.528  1.00 22.54 ? 118  ARG A C   1 
ATOM   44   O O   . ARG A 1 6   ? 19.822  -17.142 -8.795  1.00 19.71 ? 118  ARG A O   1 
ATOM   45   C CB  . ARG A 1 6   ? 22.822  -17.810 -7.883  1.00 23.68 ? 118  ARG A CB  1 
ATOM   46   C CG  . ARG A 1 6   ? 24.317  -17.952 -8.104  1.00 56.92 ? 118  ARG A CG  1 
ATOM   47   C CD  . ARG A 1 6   ? 24.832  -19.316 -7.713  1.00 55.30 ? 118  ARG A CD  1 
ATOM   48   N NE  . ARG A 1 6   ? 25.043  -19.427 -6.277  1.00 64.09 ? 118  ARG A NE  1 
ATOM   49   C CZ  . ARG A 1 6   ? 25.925  -20.250 -5.724  1.00 79.51 ? 118  ARG A CZ  1 
ATOM   50   N NH1 . ARG A 1 6   ? 26.060  -20.292 -4.406  1.00 79.51 ? 118  ARG A NH1 1 
ATOM   51   N NH2 . ARG A 1 6   ? 26.681  -21.027 -6.493  1.00 60.49 ? 118  ARG A NH2 1 
ATOM   52   N N   . GLU A 1 7   ? 20.736  -15.342 -7.851  1.00 17.25 ? 119  GLU A N   1 
ATOM   53   C CA  . GLU A 1 7   ? 19.451  -14.867 -7.371  1.00 14.69 ? 119  GLU A CA  1 
ATOM   54   C C   . GLU A 1 7   ? 19.376  -13.345 -7.418  1.00 18.20 ? 119  GLU A C   1 
ATOM   55   O O   . GLU A 1 7   ? 19.994  -12.660 -6.607  1.00 17.75 ? 119  GLU A O   1 
ATOM   56   C CB  . GLU A 1 7   ? 19.189  -15.379 -5.953  1.00 17.42 ? 119  GLU A CB  1 
ATOM   57   C CG  . GLU A 1 7   ? 17.761  -15.182 -5.495  1.00 20.13 ? 119  GLU A CG  1 
ATOM   58   C CD  . GLU A 1 7   ? 17.463  -15.914 -4.199  1.00 33.82 ? 119  GLU A CD  1 
ATOM   59   O OE1 . GLU A 1 7   ? 16.386  -15.675 -3.624  1.00 36.21 ? 119  GLU A OE1 1 
ATOM   60   O OE2 . GLU A 1 7   ? 18.298  -16.733 -3.764  1.00 31.15 ? 119  GLU A OE2 1 
ATOM   61   N N   . VAL A 1 8   ? 18.631  -12.842 -8.395  1.00 15.58 ? 120  VAL A N   1 
ATOM   62   C CA  . VAL A 1 8   ? 18.429  -11.416 -8.580  1.00 10.81 ? 120  VAL A CA  1 
ATOM   63   C C   . VAL A 1 8   ? 16.957  -11.198 -8.906  1.00 8.21  ? 120  VAL A C   1 
ATOM   64   O O   . VAL A 1 8   ? 16.605  -10.611 -9.921  1.00 13.26 ? 120  VAL A O   1 
ATOM   65   C CB  . VAL A 1 8   ? 19.345  -10.832 -9.678  1.00 11.40 ? 120  VAL A CB  1 
ATOM   66   C CG1 . VAL A 1 8   ? 20.772  -10.627 -9.136  1.00 10.87 ? 120  VAL A CG1 1 
ATOM   67   C CG2 . VAL A 1 8   ? 19.353  -11.724 -10.922 1.00 11.50 ? 120  VAL A CG2 1 
ATOM   68   N N   . VAL A 1 9   ? 16.107  -11.705 -8.020  1.00 8.38  ? 121  VAL A N   1 
ATOM   69   C CA  . VAL A 1 9   ? 14.668  -11.599 -8.165  1.00 10.05 ? 121  VAL A CA  1 
ATOM   70   C C   . VAL A 1 9   ? 14.251  -10.155 -8.398  1.00 13.35 ? 121  VAL A C   1 
ATOM   71   O O   . VAL A 1 9   ? 14.690  -9.244  -7.687  1.00 11.30 ? 121  VAL A O   1 
ATOM   72   C CB  . VAL A 1 9   ? 13.962  -12.105 -6.897  1.00 17.85 ? 121  VAL A CB  1 
ATOM   73   C CG1 . VAL A 1 9   ? 12.456  -11.886 -7.002  1.00 18.48 ? 121  VAL A CG1 1 
ATOM   74   C CG2 . VAL A 1 9   ? 14.289  -13.573 -6.661  1.00 17.19 ? 121  VAL A CG2 1 
ATOM   75   N N   . SER A 1 10  ? 13.412  -9.952  -9.401  1.00 11.93 ? 122  SER A N   1 
ATOM   76   C CA  . SER A 1 10  ? 12.889  -8.632  -9.698  1.00 15.97 ? 122  SER A CA  1 
ATOM   77   C C   . SER A 1 10  ? 11.457  -8.788  -10.182 1.00 23.45 ? 122  SER A C   1 
ATOM   78   O O   . SER A 1 10  ? 11.202  -9.592  -11.070 1.00 20.98 ? 122  SER A O   1 
ATOM   79   C CB  . SER A 1 10  ? 13.731  -7.972  -10.787 1.00 15.99 ? 122  SER A CB  1 
ATOM   80   O OG  . SER A 1 10  ? 13.281  -6.657  -11.040 1.00 17.06 ? 122  SER A OG  1 
ATOM   81   N N   . PRO A 1 11  ? 10.518  -8.024  -9.603  1.00 21.13 ? 123  PRO A N   1 
ATOM   82   C CA  . PRO A 1 11  ? 10.750  -7.049  -8.531  1.00 13.26 ? 123  PRO A CA  1 
ATOM   83   C C   . PRO A 1 11  ? 10.905  -7.722  -7.182  1.00 16.43 ? 123  PRO A C   1 
ATOM   84   O O   . PRO A 1 11  ? 10.542  -8.884  -7.017  1.00 14.67 ? 123  PRO A O   1 
ATOM   85   C CB  . PRO A 1 11  ? 9.452   -6.226  -8.505  1.00 19.63 ? 123  PRO A CB  1 
ATOM   86   C CG  . PRO A 1 11  ? 8.664   -6.639  -9.716  1.00 30.65 ? 123  PRO A CG  1 
ATOM   87   C CD  . PRO A 1 11  ? 9.119   -8.017  -10.063 1.00 20.37 ? 123  PRO A CD  1 
ATOM   88   N N   . GLN A 1 12  ? 11.442  -6.981  -6.223  1.00 14.52 ? 124  GLN A N   1 
ATOM   89   C CA  . GLN A 1 12  ? 11.391  -7.366  -4.827  1.00 9.25  ? 124  GLN A CA  1 
ATOM   90   C C   . GLN A 1 12  ? 10.526  -6.324  -4.123  1.00 10.87 ? 124  GLN A C   1 
ATOM   91   O O   . GLN A 1 12  ? 10.742  -5.117  -4.283  1.00 10.22 ? 124  GLN A O   1 
ATOM   92   C CB  . GLN A 1 12  ? 12.808  -7.423  -4.233  1.00 9.66  ? 124  GLN A CB  1 
ATOM   93   C CG  . GLN A 1 12  ? 13.608  -8.636  -4.759  1.00 12.80 ? 124  GLN A CG  1 
ATOM   94   C CD  . GLN A 1 12  ? 15.039  -8.690  -4.261  1.00 11.23 ? 124  GLN A CD  1 
ATOM   95   O OE1 . GLN A 1 12  ? 15.305  -8.526  -3.070  1.00 12.49 ? 124  GLN A OE1 1 
ATOM   96   N NE2 . GLN A 1 12  ? 15.975  -8.958  -5.177  1.00 10.18 ? 124  GLN A NE2 1 
ATOM   97   N N   . GLU A 1 13  ? 9.547   -6.793  -3.364  1.00 11.04 ? 125  GLU A N   1 
ATOM   98   C CA  . GLU A 1 13  ? 8.596   -5.916  -2.685  1.00 14.43 ? 125  GLU A CA  1 
ATOM   99   C C   . GLU A 1 13  ? 8.890   -5.830  -1.197  1.00 17.46 ? 125  GLU A C   1 
ATOM   100  O O   . GLU A 1 13  ? 9.302   -6.811  -0.577  1.00 14.11 ? 125  GLU A O   1 
ATOM   101  C CB  . GLU A 1 13  ? 7.169   -6.428  -2.879  1.00 15.55 ? 125  GLU A CB  1 
ATOM   102  C CG  . GLU A 1 13  ? 6.752   -6.523  -4.327  1.00 12.92 ? 125  GLU A CG  1 
ATOM   103  C CD  . GLU A 1 13  ? 5.268   -6.856  -4.486  1.00 26.43 ? 125  GLU A CD  1 
ATOM   104  O OE1 . GLU A 1 13  ? 4.850   -7.183  -5.613  1.00 41.47 ? 125  GLU A OE1 1 
ATOM   105  O OE2 . GLU A 1 13  ? 4.522   -6.792  -3.484  1.00 24.17 ? 125  GLU A OE2 1 
ATOM   106  N N   . PHE A 1 14  ? 8.682   -4.645  -0.633  1.00 10.71 ? 126  PHE A N   1 
ATOM   107  C CA  . PHE A 1 14  ? 8.902   -4.411  0.791   1.00 11.38 ? 126  PHE A CA  1 
ATOM   108  C C   . PHE A 1 14  ? 7.791   -3.537  1.346   1.00 16.10 ? 126  PHE A C   1 
ATOM   109  O O   . PHE A 1 14  ? 7.185   -2.763  0.618   1.00 17.17 ? 126  PHE A O   1 
ATOM   110  C CB  . PHE A 1 14  ? 10.249  -3.718  1.004   1.00 13.92 ? 126  PHE A CB  1 
ATOM   111  C CG  . PHE A 1 14  ? 11.405  -4.486  0.435   1.00 12.90 ? 126  PHE A CG  1 
ATOM   112  C CD1 . PHE A 1 14  ? 11.855  -4.223  -0.843  1.00 11.01 ? 126  PHE A CD1 1 
ATOM   113  C CD2 . PHE A 1 14  ? 12.006  -5.505  1.167   1.00 11.41 ? 126  PHE A CD2 1 
ATOM   114  C CE1 . PHE A 1 14  ? 12.904  -4.944  -1.393  1.00 10.71 ? 126  PHE A CE1 1 
ATOM   115  C CE2 . PHE A 1 14  ? 13.066  -6.229  0.626   1.00 17.07 ? 126  PHE A CE2 1 
ATOM   116  C CZ  . PHE A 1 14  ? 13.509  -5.951  -0.648  1.00 12.36 ? 126  PHE A CZ  1 
ATOM   117  N N   . LYS A 1 15  ? 7.537   -3.645  2.641   1.00 13.18 ? 127  LYS A N   1 
ATOM   118  C CA  . LYS A 1 15  ? 6.500   -2.817  3.257   1.00 22.28 ? 127  LYS A CA  1 
ATOM   119  C C   . LYS A 1 15  ? 7.107   -1.535  3.792   1.00 15.25 ? 127  LYS A C   1 
ATOM   120  O O   . LYS A 1 15  ? 8.148   -1.558  4.444   1.00 17.60 ? 127  LYS A O   1 
ATOM   121  C CB  . LYS A 1 15  ? 5.811   -3.585  4.385   1.00 21.49 ? 127  LYS A CB  1 
ATOM   122  C CG  . LYS A 1 15  ? 4.563   -2.892  4.926   1.00 28.59 ? 127  LYS A CG  1 
ATOM   123  C CD  . LYS A 1 15  ? 3.927   -3.740  6.011   1.00 39.98 ? 127  LYS A CD  1 
ATOM   124  C CE  . LYS A 1 15  ? 2.793   -3.021  6.706   1.00 36.28 ? 127  LYS A CE  1 
ATOM   125  N NZ  . LYS A 1 15  ? 2.368   -3.791  7.907   1.00 50.79 ? 127  LYS A NZ  1 
ATOM   126  N N   . GLN A 1 16  ? 6.463   -0.410  3.522   1.00 11.88 ? 128  GLN A N   1 
ATOM   127  C CA  . GLN A 1 16  ? 6.994   0.869   3.975   1.00 15.38 ? 128  GLN A CA  1 
ATOM   128  C C   . GLN A 1 16  ? 7.334   0.815   5.460   1.00 14.79 ? 128  GLN A C   1 
ATOM   129  O O   . GLN A 1 16  ? 6.580   0.276   6.250   1.00 16.88 ? 128  GLN A O   1 
ATOM   130  C CB  . GLN A 1 16  ? 6.004   1.999   3.715   1.00 15.69 ? 128  GLN A CB  1 
ATOM   131  C CG  . GLN A 1 16  ? 6.576   3.343   4.085   1.00 13.93 ? 128  GLN A CG  1 
ATOM   132  C CD  . GLN A 1 16  ? 5.793   4.492   3.495   1.00 29.95 ? 128  GLN A CD  1 
ATOM   133  O OE1 . GLN A 1 16  ? 6.193   5.071   2.485   1.00 21.06 ? 128  GLN A OE1 1 
ATOM   134  N NE2 . GLN A 1 16  ? 4.670   4.830   4.121   1.00 27.44 ? 128  GLN A NE2 1 
ATOM   135  N N   . GLY A 1 17  ? 8.484   1.363   5.831   1.00 18.31 ? 129  GLY A N   1 
ATOM   136  C CA  . GLY A 1 17  ? 8.888   1.369   7.224   1.00 24.15 ? 129  GLY A CA  1 
ATOM   137  C C   . GLY A 1 17  ? 9.761   0.201   7.652   1.00 24.57 ? 129  GLY A C   1 
ATOM   138  O O   . GLY A 1 17  ? 10.412  0.269   8.688   1.00 21.91 ? 129  GLY A O   1 
ATOM   139  N N   . GLU A 1 18  ? 9.787   -0.877  6.878   1.00 18.15 ? 130  GLU A N   1 
ATOM   140  C CA  . GLU A 1 18  ? 10.673  -1.982  7.232   1.00 18.33 ? 130  GLU A CA  1 
ATOM   141  C C   . GLU A 1 18  ? 12.112  -1.687  6.817   1.00 21.71 ? 130  GLU A C   1 
ATOM   142  O O   . GLU A 1 18  ? 12.373  -0.813  5.984   1.00 17.41 ? 130  GLU A O   1 
ATOM   143  C CB  . GLU A 1 18  ? 10.185  -3.326  6.664   1.00 27.74 ? 130  GLU A CB  1 
ATOM   144  C CG  . GLU A 1 18  ? 10.473  -3.570  5.172   1.00 27.69 ? 130  GLU A CG  1 
ATOM   145  C CD  . GLU A 1 18  ? 10.219  -5.033  4.749   1.00 37.05 ? 130  GLU A CD  1 
ATOM   146  O OE1 . GLU A 1 18  ? 9.166   -5.317  4.142   1.00 25.72 ? 130  GLU A OE1 1 
ATOM   147  O OE2 . GLU A 1 18  ? 11.070  -5.905  5.030   1.00 37.78 ? 130  GLU A OE2 1 
ATOM   148  N N   . ASP A 1 19  ? 13.052  -2.391  7.430   1.00 15.81 ? 131  ASP A N   1 
ATOM   149  C CA  . ASP A 1 19  ? 14.440  -2.316  7.015   1.00 13.56 ? 131  ASP A CA  1 
ATOM   150  C C   . ASP A 1 19  ? 14.612  -3.305  5.875   1.00 23.25 ? 131  ASP A C   1 
ATOM   151  O O   . ASP A 1 19  ? 14.762  -4.501  6.115   1.00 17.76 ? 131  ASP A O   1 
ATOM   152  C CB  . ASP A 1 19  ? 15.344  -2.693  8.176   1.00 16.85 ? 131  ASP A CB  1 
ATOM   153  C CG  . ASP A 1 19  ? 15.272  -1.687  9.309   1.00 26.10 ? 131  ASP A CG  1 
ATOM   154  O OD1 . ASP A 1 19  ? 14.806  -0.546  9.074   1.00 17.21 ? 131  ASP A OD1 1 
ATOM   155  O OD2 . ASP A 1 19  ? 15.686  -2.038  10.424  1.00 22.02 ? 131  ASP A OD2 1 
ATOM   156  N N   . ALA A 1 20  ? 14.551  -2.821  4.639   1.00 13.89 ? 132  ALA A N   1 
ATOM   157  C CA  . ALA A 1 20  ? 14.539  -3.728  3.489   1.00 15.86 ? 132  ALA A CA  1 
ATOM   158  C C   . ALA A 1 20  ? 15.919  -4.335  3.244   1.00 15.36 ? 132  ALA A C   1 
ATOM   159  O O   . ALA A 1 20  ? 16.938  -3.684  3.452   1.00 14.08 ? 132  ALA A O   1 
ATOM   160  C CB  . ALA A 1 20  ? 14.034  -3.009  2.234   1.00 13.37 ? 132  ALA A CB  1 
ATOM   161  N N   . GLU A 1 21  ? 15.948  -5.588  2.805   1.00 12.39 ? 133  GLU A N   1 
ATOM   162  C CA  . GLU A 1 21  ? 17.200  -6.189  2.359   1.00 11.15 ? 133  GLU A CA  1 
ATOM   163  C C   . GLU A 1 21  ? 16.987  -6.626  0.919   1.00 15.33 ? 133  GLU A C   1 
ATOM   164  O O   . GLU A 1 21  ? 16.241  -7.565  0.653   1.00 10.41 ? 133  GLU A O   1 
ATOM   165  C CB  . GLU A 1 21  ? 17.609  -7.369  3.260   1.00 13.40 ? 133  GLU A CB  1 
ATOM   166  C CG  . GLU A 1 21  ? 18.870  -8.097  2.795   1.00 19.80 ? 133  GLU A CG  1 
ATOM   167  C CD  . GLU A 1 21  ? 19.368  -9.168  3.782   1.00 27.20 ? 133  GLU A CD  1 
ATOM   168  O OE1 . GLU A 1 21  ? 18.868  -9.232  4.924   1.00 20.83 ? 133  GLU A OE1 1 
ATOM   169  O OE2 . GLU A 1 21  ? 20.275  -9.940  3.413   1.00 21.46 ? 133  GLU A OE2 1 
ATOM   170  N N   . VAL A 1 22  ? 17.590  -5.894  -0.014  1.00 11.15 ? 134  VAL A N   1 
ATOM   171  C CA  . VAL A 1 22  ? 17.473  -6.219  -1.432  1.00 9.84  ? 134  VAL A CA  1 
ATOM   172  C C   . VAL A 1 22  ? 18.485  -7.303  -1.791  1.00 15.79 ? 134  VAL A C   1 
ATOM   173  O O   . VAL A 1 22  ? 19.688  -7.105  -1.658  1.00 10.47 ? 134  VAL A O   1 
ATOM   174  C CB  . VAL A 1 22  ? 17.693  -4.983  -2.312  1.00 13.93 ? 134  VAL A CB  1 
ATOM   175  C CG1 . VAL A 1 22  ? 17.340  -5.303  -3.748  1.00 12.68 ? 134  VAL A CG1 1 
ATOM   176  C CG2 . VAL A 1 22  ? 16.843  -3.799  -1.795  1.00 10.99 ? 134  VAL A CG2 1 
ATOM   177  N N   . VAL A 1 23  ? 17.983  -8.447  -2.239  1.00 12.56 ? 135  VAL A N   1 
ATOM   178  C CA  . VAL A 1 23  ? 18.826  -9.633  -2.390  1.00 14.17 ? 135  VAL A CA  1 
ATOM   179  C C   . VAL A 1 23  ? 19.478  -9.724  -3.761  1.00 15.59 ? 135  VAL A C   1 
ATOM   180  O O   . VAL A 1 23  ? 18.803  -9.672  -4.794  1.00 12.88 ? 135  VAL A O   1 
ATOM   181  C CB  . VAL A 1 23  ? 18.049  -10.925 -2.069  1.00 13.56 ? 135  VAL A CB  1 
ATOM   182  C CG1 . VAL A 1 23  ? 18.923  -12.165 -2.345  1.00 14.65 ? 135  VAL A CG1 1 
ATOM   183  C CG2 . VAL A 1 23  ? 17.591  -10.912 -0.601  1.00 12.27 ? 135  VAL A CG2 1 
ATOM   184  N N   . CYS A 1 24  ? 20.803  -9.820  -3.754  1.00 11.90 ? 136  CYS A N   1 
ATOM   185  C CA  . CYS A 1 24  ? 21.573  -10.102 -4.967  1.00 11.07 ? 136  CYS A CA  1 
ATOM   186  C C   . CYS A 1 24  ? 22.627  -11.159 -4.641  1.00 22.60 ? 136  CYS A C   1 
ATOM   187  O O   . CYS A 1 24  ? 23.606  -10.878 -3.957  1.00 16.06 ? 136  CYS A O   1 
ATOM   188  C CB  . CYS A 1 24  ? 22.252  -8.826  -5.499  1.00 11.18 ? 136  CYS A CB  1 
ATOM   189  S SG  . CYS A 1 24  ? 23.299  -9.072  -6.972  1.00 15.58 ? 136  CYS A SG  1 
ATOM   190  N N   . ARG A 1 25  ? 22.416  -12.380 -5.117  1.00 17.96 ? 137  ARG A N   1 
ATOM   191  C CA  . ARG A 1 25  ? 23.383  -13.448 -4.900  1.00 18.55 ? 137  ARG A CA  1 
ATOM   192  C C   . ARG A 1 25  ? 24.199  -13.641 -6.164  1.00 20.37 ? 137  ARG A C   1 
ATOM   193  O O   . ARG A 1 25  ? 23.704  -14.144 -7.167  1.00 19.68 ? 137  ARG A O   1 
ATOM   194  C CB  . ARG A 1 25  ? 22.684  -14.746 -4.492  1.00 22.46 ? 137  ARG A CB  1 
ATOM   195  C CG  . ARG A 1 25  ? 21.819  -14.594 -3.245  1.00 27.45 ? 137  ARG A CG  1 
ATOM   196  C CD  . ARG A 1 25  ? 20.918  -15.800 -3.054  1.00 44.92 ? 137  ARG A CD  1 
ATOM   197  N NE  . ARG A 1 25  ? 21.654  -16.971 -2.598  1.00 66.82 ? 137  ARG A NE  1 
ATOM   198  C CZ  . ARG A 1 25  ? 21.427  -18.215 -3.014  1.00 78.51 ? 137  ARG A CZ  1 
ATOM   199  N NH1 . ARG A 1 25  ? 20.492  -18.472 -3.929  1.00 36.43 ? 137  ARG A NH1 1 
ATOM   200  N NH2 . ARG A 1 25  ? 22.157  -19.204 -2.524  1.00 77.47 ? 137  ARG A NH2 1 
ATOM   201  N N   . VAL A 1 26  ? 25.443  -13.181 -6.119  1.00 24.90 ? 138  VAL A N   1 
ATOM   202  C CA  . VAL A 1 26  ? 26.344  -13.248 -7.262  1.00 24.02 ? 138  VAL A CA  1 
ATOM   203  C C   . VAL A 1 26  ? 27.598  -14.006 -6.844  1.00 29.35 ? 138  VAL A C   1 
ATOM   204  O O   . VAL A 1 26  ? 28.091  -13.834 -5.733  1.00 28.15 ? 138  VAL A O   1 
ATOM   205  C CB  . VAL A 1 26  ? 26.715  -11.829 -7.785  1.00 22.37 ? 138  VAL A CB  1 
ATOM   206  C CG1 . VAL A 1 26  ? 27.254  -10.963 -6.673  1.00 27.28 ? 138  VAL A CG1 1 
ATOM   207  C CG2 . VAL A 1 26  ? 27.716  -11.904 -8.938  1.00 22.20 ? 138  VAL A CG2 1 
ATOM   208  N N   . SER A 1 27  ? 28.102  -14.858 -7.729  1.00 32.01 ? 139  SER A N   1 
ATOM   209  C CA  . SER A 1 27  ? 29.300  -15.631 -7.418  1.00 34.09 ? 139  SER A CA  1 
ATOM   210  C C   . SER A 1 27  ? 30.306  -15.618 -8.563  1.00 30.97 ? 139  SER A C   1 
ATOM   211  O O   . SER A 1 27  ? 29.963  -15.346 -9.710  1.00 20.89 ? 139  SER A O   1 
ATOM   212  C CB  . SER A 1 27  ? 28.929  -17.074 -7.074  1.00 27.68 ? 139  SER A CB  1 
ATOM   213  O OG  . SER A 1 27  ? 28.256  -17.695 -8.157  1.00 65.88 ? 139  SER A OG  1 
ATOM   214  N N   . SER A 1 28  ? 31.556  -15.910 -8.236  1.00 31.44 ? 140  SER A N   1 
ATOM   215  C CA  . SER A 1 28  ? 32.596  -16.096 -9.234  1.00 27.38 ? 140  SER A CA  1 
ATOM   216  C C   . SER A 1 28  ? 33.810  -16.655 -8.512  1.00 35.56 ? 140  SER A C   1 
ATOM   217  O O   . SER A 1 28  ? 33.767  -16.869 -7.303  1.00 31.79 ? 140  SER A O   1 
ATOM   218  C CB  . SER A 1 28  ? 32.948  -14.767 -9.900  1.00 24.67 ? 140  SER A CB  1 
ATOM   219  O OG  . SER A 1 28  ? 33.380  -13.823 -8.937  1.00 28.72 ? 140  SER A OG  1 
ATOM   220  N N   . SER A 1 29  ? 34.884  -16.898 -9.251  1.00 36.11 ? 141  SER A N   1 
ATOM   221  C CA  . SER A 1 29  ? 36.155  -17.267 -8.642  1.00 44.11 ? 141  SER A CA  1 
ATOM   222  C C   . SER A 1 29  ? 37.271  -16.606 -9.434  1.00 38.20 ? 141  SER A C   1 
ATOM   223  O O   . SER A 1 29  ? 37.423  -16.883 -10.627 1.00 41.92 ? 141  SER A O   1 
ATOM   224  C CB  . SER A 1 29  ? 36.334  -18.787 -8.628  1.00 45.07 ? 141  SER A CB  1 
ATOM   225  O OG  . SER A 1 29  ? 37.435  -19.161 -7.817  1.00 71.93 ? 141  SER A OG  1 
ATOM   226  N N   . PRO A 1 30  ? 38.042  -15.708 -8.786  1.00 41.09 ? 142  PRO A N   1 
ATOM   227  C CA  . PRO A 1 30  ? 37.951  -15.293 -7.378  1.00 34.64 ? 142  PRO A CA  1 
ATOM   228  C C   . PRO A 1 30  ? 36.619  -14.618 -7.043  1.00 47.37 ? 142  PRO A C   1 
ATOM   229  O O   . PRO A 1 30  ? 35.934  -14.137 -7.945  1.00 34.29 ? 142  PRO A O   1 
ATOM   230  C CB  . PRO A 1 30  ? 39.078  -14.262 -7.244  1.00 35.97 ? 142  PRO A CB  1 
ATOM   231  C CG  . PRO A 1 30  ? 39.978  -14.504 -8.403  1.00 41.86 ? 142  PRO A CG  1 
ATOM   232  C CD  . PRO A 1 30  ? 39.093  -14.969 -9.503  1.00 39.27 ? 142  PRO A CD  1 
ATOM   233  N N   . ALA A 1 31  ? 36.275  -14.579 -5.759  1.00 35.61 ? 143  ALA A N   1 
ATOM   234  C CA  . ALA A 1 31  ? 35.012  -14.005 -5.303  1.00 39.63 ? 143  ALA A CA  1 
ATOM   235  C C   . ALA A 1 31  ? 34.825  -12.588 -5.827  1.00 37.28 ? 143  ALA A C   1 
ATOM   236  O O   . ALA A 1 31  ? 35.801  -11.847 -5.972  1.00 29.18 ? 143  ALA A O   1 
ATOM   237  C CB  . ALA A 1 31  ? 34.943  -14.021 -3.786  1.00 40.80 ? 143  ALA A CB  1 
ATOM   238  N N   . PRO A 1 32  ? 33.565  -12.204 -6.107  1.00 37.47 ? 144  PRO A N   1 
ATOM   239  C CA  . PRO A 1 32  ? 33.247  -10.916 -6.731  1.00 29.84 ? 144  PRO A CA  1 
ATOM   240  C C   . PRO A 1 32  ? 33.266  -9.749  -5.755  1.00 29.64 ? 144  PRO A C   1 
ATOM   241  O O   . PRO A 1 32  ? 32.891  -9.907  -4.596  1.00 33.99 ? 144  PRO A O   1 
ATOM   242  C CB  . PRO A 1 32  ? 31.798  -11.099 -7.221  1.00 28.50 ? 144  PRO A CB  1 
ATOM   243  C CG  . PRO A 1 32  ? 31.334  -12.428 -6.713  1.00 27.61 ? 144  PRO A CG  1 
ATOM   244  C CD  . PRO A 1 32  ? 32.353  -12.959 -5.755  1.00 30.17 ? 144  PRO A CD  1 
ATOM   245  N N   . ALA A 1 33  ? 33.683  -8.584  -6.237  1.00 27.45 ? 145  ALA A N   1 
ATOM   246  C CA  . ALA A 1 33  ? 33.460  -7.335  -5.528  1.00 28.91 ? 145  ALA A CA  1 
ATOM   247  C C   . ALA A 1 33  ? 32.120  -6.803  -6.006  1.00 32.00 ? 145  ALA A C   1 
ATOM   248  O O   . ALA A 1 33  ? 31.886  -6.714  -7.210  1.00 31.65 ? 145  ALA A O   1 
ATOM   249  C CB  . ALA A 1 33  ? 34.575  -6.334  -5.834  1.00 27.38 ? 145  ALA A CB  1 
ATOM   250  N N   . VAL A 1 34  ? 31.241  -6.467  -5.068  1.00 21.22 ? 146  VAL A N   1 
ATOM   251  C CA  . VAL A 1 34  ? 29.881  -6.060  -5.399  1.00 19.49 ? 146  VAL A CA  1 
ATOM   252  C C   . VAL A 1 34  ? 29.618  -4.616  -4.992  1.00 24.53 ? 146  VAL A C   1 
ATOM   253  O O   . VAL A 1 34  ? 30.004  -4.194  -3.910  1.00 22.29 ? 146  VAL A O   1 
ATOM   254  C CB  . VAL A 1 34  ? 28.856  -6.966  -4.699  1.00 19.23 ? 146  VAL A CB  1 
ATOM   255  C CG1 . VAL A 1 34  ? 27.437  -6.453  -4.932  1.00 22.53 ? 146  VAL A CG1 1 
ATOM   256  C CG2 . VAL A 1 34  ? 29.017  -8.407  -5.168  1.00 25.82 ? 146  VAL A CG2 1 
ATOM   257  N N   . SER A 1 35  ? 28.960  -3.870  -5.871  1.00 19.22 ? 147  SER A N   1 
ATOM   258  C CA  . SER A 1 35  ? 28.553  -2.499  -5.593  1.00 24.24 ? 147  SER A CA  1 
ATOM   259  C C   . SER A 1 35  ? 27.095  -2.344  -5.999  1.00 19.40 ? 147  SER A C   1 
ATOM   260  O O   . SER A 1 35  ? 26.633  -3.046  -6.891  1.00 16.62 ? 147  SER A O   1 
ATOM   261  C CB  . SER A 1 35  ? 29.406  -1.516  -6.409  1.00 22.45 ? 147  SER A CB  1 
ATOM   262  O OG  . SER A 1 35  ? 30.775  -1.657  -6.089  1.00 38.37 ? 147  SER A OG  1 
ATOM   263  N N   . TRP A 1 36  ? 26.385  -1.413  -5.361  1.00 17.24 ? 148  TRP A N   1 
ATOM   264  C CA  . TRP A 1 36  ? 25.006  -1.113  -5.722  1.00 15.33 ? 148  TRP A CA  1 
ATOM   265  C C   . TRP A 1 36  ? 24.869  0.290   -6.299  1.00 20.41 ? 148  TRP A C   1 
ATOM   266  O O   . TRP A 1 36  ? 25.450  1.243   -5.784  1.00 22.14 ? 148  TRP A O   1 
ATOM   267  C CB  . TRP A 1 36  ? 24.086  -1.256  -4.507  1.00 14.39 ? 148  TRP A CB  1 
ATOM   268  C CG  . TRP A 1 36  ? 23.805  -2.677  -4.107  1.00 16.40 ? 148  TRP A CG  1 
ATOM   269  C CD1 . TRP A 1 36  ? 24.556  -3.470  -3.283  1.00 14.65 ? 148  TRP A CD1 1 
ATOM   270  C CD2 . TRP A 1 36  ? 22.671  -3.464  -4.499  1.00 10.84 ? 148  TRP A CD2 1 
ATOM   271  N NE1 . TRP A 1 36  ? 23.964  -4.710  -3.152  1.00 12.19 ? 148  TRP A NE1 1 
ATOM   272  C CE2 . TRP A 1 36  ? 22.802  -4.726  -3.886  1.00 11.99 ? 148  TRP A CE2 1 
ATOM   273  C CE3 . TRP A 1 36  ? 21.561  -3.221  -5.324  1.00 9.49  ? 148  TRP A CE3 1 
ATOM   274  C CZ2 . TRP A 1 36  ? 21.856  -5.738  -4.055  1.00 9.58  ? 148  TRP A CZ2 1 
ATOM   275  C CZ3 . TRP A 1 36  ? 20.622  -4.225  -5.489  1.00 15.55 ? 148  TRP A CZ3 1 
ATOM   276  C CH2 . TRP A 1 36  ? 20.778  -5.469  -4.863  1.00 10.60 ? 148  TRP A CH2 1 
ATOM   277  N N   . LEU A 1 37  ? 24.067  0.416   -7.350  1.00 17.26 ? 149  LEU A N   1 
ATOM   278  C CA  . LEU A 1 37  ? 23.840  1.711   -7.984  1.00 15.66 ? 149  LEU A CA  1 
ATOM   279  C C   . LEU A 1 37  ? 22.350  2.020   -8.101  1.00 19.29 ? 149  LEU A C   1 
ATOM   280  O O   . LEU A 1 37  ? 21.506  1.126   -8.098  1.00 22.36 ? 149  LEU A O   1 
ATOM   281  C CB  . LEU A 1 37  ? 24.502  1.762   -9.370  1.00 25.32 ? 149  LEU A CB  1 
ATOM   282  C CG  . LEU A 1 37  ? 26.008  1.495   -9.483  1.00 29.81 ? 149  LEU A CG  1 
ATOM   283  C CD1 . LEU A 1 37  ? 26.301  0.005   -9.669  1.00 26.85 ? 149  LEU A CD1 1 
ATOM   284  C CD2 . LEU A 1 37  ? 26.601  2.285   -10.636 1.00 35.30 ? 149  LEU A CD2 1 
ATOM   285  N N   . TYR A 1 38  ? 22.061  3.311   -8.183  1.00 20.32 ? 150  TYR A N   1 
ATOM   286  C CA  . TYR A 1 38  ? 20.739  3.884   -8.352  1.00 27.31 ? 150  TYR A CA  1 
ATOM   287  C C   . TYR A 1 38  ? 21.201  5.250   -8.825  1.00 42.11 ? 150  TYR A C   1 
ATOM   288  O O   . TYR A 1 38  ? 20.556  6.269   -8.594  1.00 79.51 ? 150  TYR A O   1 
ATOM   289  C CB  . TYR A 1 38  ? 20.090  4.027   -6.981  1.00 26.49 ? 150  TYR A CB  1 
ATOM   290  C CG  . TYR A 1 38  ? 18.643  4.475   -6.970  1.00 26.43 ? 150  TYR A CG  1 
ATOM   291  C CD1 . TYR A 1 38  ? 18.301  5.792   -6.700  1.00 41.98 ? 150  TYR A CD1 1 
ATOM   292  C CD2 . TYR A 1 38  ? 17.619  3.572   -7.189  1.00 25.13 ? 150  TYR A CD2 1 
ATOM   293  C CE1 . TYR A 1 38  ? 16.980  6.196   -6.677  1.00 48.49 ? 150  TYR A CE1 1 
ATOM   294  C CE2 . TYR A 1 38  ? 16.302  3.962   -7.158  1.00 26.42 ? 150  TYR A CE2 1 
ATOM   295  C CZ  . TYR A 1 38  ? 15.984  5.275   -6.908  1.00 33.90 ? 150  TYR A CZ  1 
ATOM   296  O OH  . TYR A 1 38  ? 14.661  5.655   -6.888  1.00 44.45 ? 150  TYR A OH  1 
ATOM   297  N N   . THR A 1 44  ? 23.848  5.229   -10.414 1.00 74.97 ? 156  THR A N   1 
ATOM   298  C CA  . THR A 1 44  ? 24.875  6.174   -10.032 1.00 32.78 ? 156  THR A CA  1 
ATOM   299  C C   . THR A 1 44  ? 25.084  5.645   -8.607  1.00 58.23 ? 156  THR A C   1 
ATOM   300  O O   . THR A 1 44  ? 24.150  5.091   -8.024  1.00 41.66 ? 156  THR A O   1 
ATOM   301  C CB  . THR A 1 44  ? 24.350  7.608   -10.024 1.00 79.51 ? 156  THR A CB  1 
ATOM   302  O OG1 . THR A 1 44  ? 24.607  8.203   -8.744  1.00 64.71 ? 156  THR A OG1 1 
ATOM   303  C CG2 . THR A 1 44  ? 22.847  7.630   -10.293 1.00 59.75 ? 156  THR A CG2 1 
ATOM   304  N N   . THR A 1 45  ? 26.284  5.747   -8.047  1.00 45.17 ? 157  THR A N   1 
ATOM   305  C CA  . THR A 1 45  ? 26.546  5.028   -6.797  1.00 27.30 ? 157  THR A CA  1 
ATOM   306  C C   . THR A 1 45  ? 25.747  5.576   -5.614  1.00 61.06 ? 157  THR A C   1 
ATOM   307  O O   . THR A 1 45  ? 25.330  6.733   -5.628  1.00 72.68 ? 157  THR A O   1 
ATOM   308  C CB  . THR A 1 45  ? 28.043  4.957   -6.451  1.00 44.91 ? 157  THR A CB  1 
ATOM   309  O OG1 . THR A 1 45  ? 28.256  3.933   -5.469  1.00 50.52 ? 157  THR A OG1 1 
ATOM   310  C CG2 . THR A 1 45  ? 28.533  6.298   -5.909  1.00 79.51 ? 157  THR A CG2 1 
ATOM   311  N N   . ILE A 1 46  ? 25.528  4.745   -4.597  1.00 56.56 ? 158  ILE A N   1 
ATOM   312  C CA  . ILE A 1 46  ? 24.629  5.124   -3.508  1.00 70.76 ? 158  ILE A CA  1 
ATOM   313  C C   . ILE A 1 46  ? 25.337  5.668   -2.272  1.00 79.51 ? 158  ILE A C   1 
ATOM   314  O O   . ILE A 1 46  ? 26.241  5.030   -1.727  1.00 79.51 ? 158  ILE A O   1 
ATOM   315  C CB  . ILE A 1 46  ? 23.717  3.966   -3.086  1.00 52.93 ? 158  ILE A CB  1 
ATOM   316  C CG1 . ILE A 1 46  ? 23.032  3.358   -4.305  1.00 47.77 ? 158  ILE A CG1 1 
ATOM   317  C CG2 . ILE A 1 46  ? 22.674  4.458   -2.096  1.00 61.22 ? 158  ILE A CG2 1 
ATOM   318  C CD1 . ILE A 1 46  ? 21.934  2.420   -3.952  1.00 33.09 ? 158  ILE A CD1 1 
ATOM   319  N N   . SER A 1 47  ? 24.902  6.847   -1.832  1.00 79.27 ? 159  SER A N   1 
ATOM   320  C CA  . SER A 1 47  ? 25.507  7.527   -0.692  1.00 79.51 ? 159  SER A CA  1 
ATOM   321  C C   . SER A 1 47  ? 24.455  8.191   0.202   1.00 76.17 ? 159  SER A C   1 
ATOM   322  O O   . SER A 1 47  ? 24.297  9.413   0.193   1.00 68.52 ? 159  SER A O   1 
ATOM   323  C CB  . SER A 1 47  ? 26.533  8.558   -1.172  1.00 79.51 ? 159  SER A CB  1 
ATOM   324  O OG  . SER A 1 47  ? 27.601  7.935   -1.872  1.00 79.51 ? 159  SER A OG  1 
ATOM   325  N N   . ASP A 1 48  ? 23.745  7.369   0.974   1.00 78.96 ? 160  ASP A N   1 
ATOM   326  C CA  . ASP A 1 48  ? 22.701  7.839   1.883   1.00 59.84 ? 160  ASP A CA  1 
ATOM   327  C C   . ASP A 1 48  ? 22.829  7.119   3.224   1.00 49.51 ? 160  ASP A C   1 
ATOM   328  O O   . ASP A 1 48  ? 23.340  5.999   3.297   1.00 67.45 ? 160  ASP A O   1 
ATOM   329  C CB  . ASP A 1 48  ? 21.316  7.593   1.274   1.00 56.94 ? 160  ASP A CB  1 
ATOM   330  C CG  . ASP A 1 48  ? 20.195  8.299   2.026   1.00 43.91 ? 160  ASP A CG  1 
ATOM   331  O OD1 . ASP A 1 48  ? 19.769  7.819   3.104   1.00 40.02 ? 160  ASP A OD1 1 
ATOM   332  O OD2 . ASP A 1 48  ? 19.702  9.320   1.509   1.00 63.14 ? 160  ASP A OD2 1 
ATOM   333  N N   . ASN A 1 49  ? 22.355  7.769   4.278   1.00 45.88 ? 161  ASN A N   1 
ATOM   334  C CA  . ASN A 1 49  ? 22.479  7.265   5.644   1.00 45.43 ? 161  ASN A CA  1 
ATOM   335  C C   . ASN A 1 49  ? 21.673  5.993   5.966   1.00 49.98 ? 161  ASN A C   1 
ATOM   336  O O   . ASN A 1 49  ? 22.010  5.258   6.896   1.00 33.29 ? 161  ASN A O   1 
ATOM   337  C CB  . ASN A 1 49  ? 22.146  8.398   6.618   1.00 33.02 ? 161  ASN A CB  1 
ATOM   338  C CG  . ASN A 1 49  ? 21.453  7.921   7.875   1.00 58.86 ? 161  ASN A CG  1 
ATOM   339  O OD1 . ASN A 1 49  ? 22.073  7.316   8.748   1.00 77.89 ? 161  ASN A OD1 1 
ATOM   340  N ND2 . ASN A 1 49  ? 20.160  8.212   7.982   1.00 29.09 ? 161  ASN A ND2 1 
ATOM   341  N N   . ARG A 1 50  ? 20.618  5.732   5.200   1.00 28.33 ? 162  ARG A N   1 
ATOM   342  C CA  . ARG A 1 50  ? 19.771  4.561   5.431   1.00 21.65 ? 162  ARG A CA  1 
ATOM   343  C C   . ARG A 1 50  ? 20.235  3.359   4.599   1.00 19.31 ? 162  ARG A C   1 
ATOM   344  O O   . ARG A 1 50  ? 19.717  2.255   4.740   1.00 19.54 ? 162  ARG A O   1 
ATOM   345  C CB  . ARG A 1 50  ? 18.315  4.897   5.097   1.00 19.02 ? 162  ARG A CB  1 
ATOM   346  C CG  . ARG A 1 50  ? 17.660  5.863   6.105   1.00 19.49 ? 162  ARG A CG  1 
ATOM   347  C CD  . ARG A 1 50  ? 16.249  6.242   5.682   1.00 18.77 ? 162  ARG A CD  1 
ATOM   348  N NE  . ARG A 1 50  ? 16.244  6.844   4.352   1.00 16.69 ? 162  ARG A NE  1 
ATOM   349  C CZ  . ARG A 1 50  ? 15.634  6.309   3.303   1.00 21.34 ? 162  ARG A CZ  1 
ATOM   350  N NH1 . ARG A 1 50  ? 14.967  5.164   3.431   1.00 15.99 ? 162  ARG A NH1 1 
ATOM   351  N NH2 . ARG A 1 50  ? 15.690  6.910   2.131   1.00 16.50 ? 162  ARG A NH2 1 
ATOM   352  N N   . PHE A 1 51  ? 21.209  3.595   3.727   1.00 16.44 ? 163  PHE A N   1 
ATOM   353  C CA  . PHE A 1 51  ? 21.648  2.595   2.761   1.00 19.71 ? 163  PHE A CA  1 
ATOM   354  C C   . PHE A 1 51  ? 23.019  2.037   3.124   1.00 29.95 ? 163  PHE A C   1 
ATOM   355  O O   . PHE A 1 51  ? 23.929  2.782   3.465   1.00 32.12 ? 163  PHE A O   1 
ATOM   356  C CB  . PHE A 1 51  ? 21.720  3.194   1.353   1.00 19.55 ? 163  PHE A CB  1 
ATOM   357  C CG  . PHE A 1 51  ? 20.388  3.593   0.785   1.00 19.33 ? 163  PHE A CG  1 
ATOM   358  C CD1 . PHE A 1 51  ? 19.780  2.831   -0.199  1.00 17.98 ? 163  PHE A CD1 1 
ATOM   359  C CD2 . PHE A 1 51  ? 19.747  4.742   1.225   1.00 28.91 ? 163  PHE A CD2 1 
ATOM   360  C CE1 . PHE A 1 51  ? 18.557  3.205   -0.736  1.00 17.44 ? 163  PHE A CE1 1 
ATOM   361  C CE2 . PHE A 1 51  ? 18.526  5.123   0.699   1.00 30.64 ? 163  PHE A CE2 1 
ATOM   362  C CZ  . PHE A 1 51  ? 17.929  4.356   -0.281  1.00 23.18 ? 163  PHE A CZ  1 
ATOM   363  N N   . ALA A 1 52  ? 23.165  0.722   3.043   1.00 15.61 ? 164  ALA A N   1 
ATOM   364  C CA  . ALA A 1 52  ? 24.453  0.100   3.308   1.00 18.20 ? 164  ALA A CA  1 
ATOM   365  C C   . ALA A 1 52  ? 24.447  -1.299  2.729   1.00 21.95 ? 164  ALA A C   1 
ATOM   366  O O   . ALA A 1 52  ? 23.400  -1.934  2.657   1.00 17.14 ? 164  ALA A O   1 
ATOM   367  C CB  . ALA A 1 52  ? 24.718  0.050   4.803   1.00 22.49 ? 164  ALA A CB  1 
ATOM   368  N N   . MET A 1 53  ? 25.618  -1.776  2.325   1.00 24.15 ? 165  MET A N   1 
ATOM   369  C CA  . MET A 1 53  ? 25.749  -3.142  1.837   1.00 18.63 ? 165  MET A CA  1 
ATOM   370  C C   . MET A 1 53  ? 26.082  -4.067  3.005   1.00 19.04 ? 165  MET A C   1 
ATOM   371  O O   . MET A 1 53  ? 26.965  -3.783  3.806   1.00 22.07 ? 165  MET A O   1 
ATOM   372  C CB  . MET A 1 53  ? 26.834  -3.231  0.749   1.00 20.77 ? 165  MET A CB  1 
ATOM   373  C CG  . MET A 1 53  ? 26.752  -4.511  -0.097  1.00 31.42 ? 165  MET A CG  1 
ATOM   374  S SD  . MET A 1 53  ? 27.967  -4.604  -1.438  1.00 30.25 ? 165  MET A SD  1 
ATOM   375  C CE  . MET A 1 53  ? 28.020  -2.873  -1.880  1.00 36.65 ? 165  MET A CE  1 
ATOM   376  N N   . LEU A 1 54  ? 25.359  -5.171  3.095   1.00 13.52 ? 166  LEU A N   1 
ATOM   377  C CA  . LEU A 1 54  ? 25.560  -6.168  4.138   1.00 14.04 ? 166  LEU A CA  1 
ATOM   378  C C   . LEU A 1 54  ? 26.734  -7.098  3.802   1.00 19.65 ? 166  LEU A C   1 
ATOM   379  O O   . LEU A 1 54  ? 27.244  -7.071  2.693   1.00 16.17 ? 166  LEU A O   1 
ATOM   380  C CB  . LEU A 1 54  ? 24.285  -6.982  4.299   1.00 14.11 ? 166  LEU A CB  1 
ATOM   381  C CG  . LEU A 1 54  ? 23.080  -6.093  4.638   1.00 17.04 ? 166  LEU A CG  1 
ATOM   382  C CD1 . LEU A 1 54  ? 21.833  -6.933  4.897   1.00 15.92 ? 166  LEU A CD1 1 
ATOM   383  C CD2 . LEU A 1 54  ? 23.420  -5.240  5.855   1.00 15.44 ? 166  LEU A CD2 1 
ATOM   384  N N   . ALA A 1 55  ? 27.148  -7.926  4.758   1.00 23.61 ? 167  ALA A N   1 
ATOM   385  C CA  . ALA A 1 55  ? 28.270  -8.840  4.540   1.00 22.06 ? 167  ALA A CA  1 
ATOM   386  C C   . ALA A 1 55  ? 28.018  -9.821  3.390   1.00 23.60 ? 167  ALA A C   1 
ATOM   387  O O   . ALA A 1 55  ? 28.954  -10.251 2.725   1.00 27.18 ? 167  ALA A O   1 
ATOM   388  C CB  . ALA A 1 55  ? 28.626  -9.596  5.852   1.00 20.41 ? 167  ALA A CB  1 
ATOM   389  N N   . ASN A 1 56  ? 26.757  -10.176 3.157   1.00 14.36 ? 168  ASN A N   1 
ATOM   390  C CA  . ASN A 1 56  ? 26.413  -11.076 2.052   1.00 20.36 ? 168  ASN A CA  1 
ATOM   391  C C   . ASN A 1 56  ? 26.236  -10.344 0.712   1.00 20.22 ? 168  ASN A C   1 
ATOM   392  O O   . ASN A 1 56  ? 25.765  -10.932 -0.258  1.00 22.62 ? 168  ASN A O   1 
ATOM   393  C CB  . ASN A 1 56  ? 25.139  -11.863 2.379   1.00 20.16 ? 168  ASN A CB  1 
ATOM   394  C CG  . ASN A 1 56  ? 23.950  -10.955 2.661   1.00 22.34 ? 168  ASN A CG  1 
ATOM   395  O OD1 . ASN A 1 56  ? 23.983  -9.764  2.349   1.00 15.27 ? 168  ASN A OD1 1 
ATOM   396  N ND2 . ASN A 1 56  ? 22.904  -11.506 3.264   1.00 19.19 ? 168  ASN A ND2 1 
ATOM   397  N N   . ASN A 1 57  ? 26.609  -9.064  0.675   1.00 17.29 ? 169  ASN A N   1 
ATOM   398  C CA  . ASN A 1 57  ? 26.476  -8.227  -0.529  1.00 16.23 ? 169  ASN A CA  1 
ATOM   399  C C   . ASN A 1 57  ? 25.090  -7.637  -0.778  1.00 16.74 ? 169  ASN A C   1 
ATOM   400  O O   . ASN A 1 57  ? 24.916  -6.863  -1.721  1.00 18.26 ? 169  ASN A O   1 
ATOM   401  C CB  . ASN A 1 57  ? 26.871  -8.988  -1.807  1.00 24.69 ? 169  ASN A CB  1 
ATOM   402  C CG  . ASN A 1 57  ? 28.313  -9.400  -1.821  1.00 33.11 ? 169  ASN A CG  1 
ATOM   403  O OD1 . ASN A 1 57  ? 28.662  -10.460 -2.351  1.00 33.76 ? 169  ASN A OD1 1 
ATOM   404  N ND2 . ASN A 1 57  ? 29.168  -8.569  -1.239  1.00 22.39 ? 169  ASN A ND2 1 
ATOM   405  N N   . ASN A 1 58  ? 24.098  -8.031  0.013   1.00 15.77 ? 170  ASN A N   1 
ATOM   406  C CA  . ASN A 1 58  ? 22.747  -7.511  -0.182  1.00 11.38 ? 170  ASN A CA  1 
ATOM   407  C C   . ASN A 1 58  ? 22.693  -6.042  0.182   1.00 17.64 ? 170  ASN A C   1 
ATOM   408  O O   . ASN A 1 58  ? 23.529  -5.558  0.946   1.00 13.10 ? 170  ASN A O   1 
ATOM   409  C CB  . ASN A 1 58  ? 21.736  -8.304  0.636   1.00 8.56  ? 170  ASN A CB  1 
ATOM   410  C CG  . ASN A 1 58  ? 21.559  -9.714  0.118   1.00 18.17 ? 170  ASN A CG  1 
ATOM   411  O OD1 . ASN A 1 58  ? 22.013  -10.033 -0.970  1.00 15.91 ? 170  ASN A OD1 1 
ATOM   412  N ND2 . ASN A 1 58  ? 20.906  -10.558 0.894   1.00 15.80 ? 170  ASN A ND2 1 
ATOM   413  N N   . LEU A 1 59  ? 21.724  -5.323  -0.370  1.00 11.44 ? 171  LEU A N   1 
ATOM   414  C CA  . LEU A 1 59  ? 21.586  -3.907  -0.051  1.00 7.54  ? 171  LEU A CA  1 
ATOM   415  C C   . LEU A 1 59  ? 20.550  -3.716  1.052   1.00 12.72 ? 171  LEU A C   1 
ATOM   416  O O   . LEU A 1 59  ? 19.413  -4.161  0.932   1.00 13.41 ? 171  LEU A O   1 
ATOM   417  C CB  . LEU A 1 59  ? 21.214  -3.088  -1.301  1.00 12.74 ? 171  LEU A CB  1 
ATOM   418  C CG  . LEU A 1 59  ? 20.862  -1.607  -1.078  1.00 10.99 ? 171  LEU A CG  1 
ATOM   419  C CD1 . LEU A 1 59  ? 22.111  -0.811  -0.724  1.00 15.74 ? 171  LEU A CD1 1 
ATOM   420  C CD2 . LEU A 1 59  ? 20.177  -0.990  -2.308  1.00 9.04  ? 171  LEU A CD2 1 
ATOM   421  N N   . GLN A 1 60  ? 20.940  -3.050  2.130   1.00 10.76 ? 172  GLN A N   1 
ATOM   422  C CA  . GLN A 1 60  ? 19.989  -2.744  3.187   1.00 9.51  ? 172  GLN A CA  1 
ATOM   423  C C   . GLN A 1 60  ? 19.493  -1.312  3.023   1.00 14.20 ? 172  GLN A C   1 
ATOM   424  O O   . GLN A 1 60  ? 20.283  -0.409  2.763   1.00 14.57 ? 172  GLN A O   1 
ATOM   425  C CB  . GLN A 1 60  ? 20.630  -2.894  4.570   1.00 14.65 ? 172  GLN A CB  1 
ATOM   426  C CG  . GLN A 1 60  ? 19.656  -2.602  5.719   1.00 21.48 ? 172  GLN A CG  1 
ATOM   427  C CD  . GLN A 1 60  ? 20.317  -2.708  7.079   1.00 21.93 ? 172  GLN A CD  1 
ATOM   428  O OE1 . GLN A 1 60  ? 21.228  -1.944  7.399   1.00 17.49 ? 172  GLN A OE1 1 
ATOM   429  N NE2 . GLN A 1 60  ? 19.870  -3.662  7.878   1.00 15.08 ? 172  GLN A NE2 1 
ATOM   430  N N   . ILE A 1 61  ? 18.185  -1.124  3.156   1.00 12.08 ? 173  ILE A N   1 
ATOM   431  C CA  . ILE A 1 61  ? 17.582  0.214   3.135   1.00 11.11 ? 173  ILE A CA  1 
ATOM   432  C C   . ILE A 1 61  ? 16.752  0.337   4.400   1.00 12.85 ? 173  ILE A C   1 
ATOM   433  O O   . ILE A 1 61  ? 15.659  -0.238  4.500   1.00 11.88 ? 173  ILE A O   1 
ATOM   434  C CB  . ILE A 1 61  ? 16.672  0.442   1.892   1.00 15.58 ? 173  ILE A CB  1 
ATOM   435  C CG1 . ILE A 1 61  ? 17.414  0.064   0.603   1.00 11.20 ? 173  ILE A CG1 1 
ATOM   436  C CG2 . ILE A 1 61  ? 16.174  1.904   1.846   1.00 10.80 ? 173  ILE A CG2 1 
ATOM   437  C CD1 . ILE A 1 61  ? 16.544  0.135   -0.663  1.00 12.90 ? 173  ILE A CD1 1 
ATOM   438  N N   . LEU A 1 62  ? 17.292  1.039   5.396   1.00 10.81 ? 174  LEU A N   1 
ATOM   439  C CA  . LEU A 1 62  ? 16.590  1.198   6.663   1.00 11.78 ? 174  LEU A CA  1 
ATOM   440  C C   . LEU A 1 62  ? 15.330  2.022   6.443   1.00 6.87  ? 174  LEU A C   1 
ATOM   441  O O   . LEU A 1 62  ? 15.345  2.968   5.653   1.00 13.82 ? 174  LEU A O   1 
ATOM   442  C CB  . LEU A 1 62  ? 17.480  1.917   7.683   1.00 11.40 ? 174  LEU A CB  1 
ATOM   443  C CG  . LEU A 1 62  ? 18.765  1.203   8.111   1.00 20.24 ? 174  LEU A CG  1 
ATOM   444  C CD1 . LEU A 1 62  ? 19.559  2.052   9.109   1.00 18.60 ? 174  LEU A CD1 1 
ATOM   445  C CD2 . LEU A 1 62  ? 18.448  -0.155  8.690   1.00 15.08 ? 174  LEU A CD2 1 
ATOM   446  N N   . ASN A 1 63  ? 14.262  1.650   7.141   1.00 11.83 ? 175  ASN A N   1 
ATOM   447  C CA  . ASN A 1 63  ? 13.061  2.457   7.212   1.00 20.15 ? 175  ASN A CA  1 
ATOM   448  C C   . ASN A 1 63  ? 12.637  2.824   5.802   1.00 16.48 ? 175  ASN A C   1 
ATOM   449  O O   . ASN A 1 63  ? 12.527  3.994   5.462   1.00 12.24 ? 175  ASN A O   1 
ATOM   450  C CB  . ASN A 1 63  ? 13.352  3.719   8.040   1.00 14.84 ? 175  ASN A CB  1 
ATOM   451  C CG  . ASN A 1 63  ? 12.097  4.517   8.366   1.00 29.38 ? 175  ASN A CG  1 
ATOM   452  O OD1 . ASN A 1 63  ? 12.164  5.721   8.654   1.00 34.42 ? 175  ASN A OD1 1 
ATOM   453  N ND2 . ASN A 1 63  ? 10.951  3.853   8.328   1.00 20.87 ? 175  ASN A ND2 1 
ATOM   454  N N   . ILE A 1 64  ? 12.433  1.817   4.963   1.00 11.04 ? 176  ILE A N   1 
ATOM   455  C CA  . ILE A 1 64  ? 12.264  2.094   3.549   1.00 8.41  ? 176  ILE A CA  1 
ATOM   456  C C   . ILE A 1 64  ? 10.995  2.890   3.305   1.00 13.58 ? 176  ILE A C   1 
ATOM   457  O O   . ILE A 1 64  ? 9.969   2.680   3.947   1.00 14.93 ? 176  ILE A O   1 
ATOM   458  C CB  . ILE A 1 64  ? 12.259  0.799   2.696   1.00 12.86 ? 176  ILE A CB  1 
ATOM   459  C CG1 . ILE A 1 64  ? 12.358  1.141   1.210   1.00 10.20 ? 176  ILE A CG1 1 
ATOM   460  C CG2 . ILE A 1 64  ? 11.037  -0.063  3.004   1.00 9.10  ? 176  ILE A CG2 1 
ATOM   461  C CD1 . ILE A 1 64  ? 12.568  -0.087  0.320   1.00 11.47 ? 176  ILE A CD1 1 
ATOM   462  N N   . ASN A 1 65  ? 11.071  3.792   2.347   1.00 13.37 ? 177  ASN A N   1 
ATOM   463  C CA  . ASN A 1 65  ? 9.953   4.660   2.078   1.00 21.91 ? 177  ASN A CA  1 
ATOM   464  C C   . ASN A 1 65  ? 9.430   4.521   0.648   1.00 17.05 ? 177  ASN A C   1 
ATOM   465  O O   . ASN A 1 65  ? 10.153  4.082   -0.236  1.00 10.34 ? 177  ASN A O   1 
ATOM   466  C CB  . ASN A 1 65  ? 10.402  6.082   2.349   1.00 15.66 ? 177  ASN A CB  1 
ATOM   467  C CG  . ASN A 1 65  ? 9.290   7.036   2.253   1.00 34.23 ? 177  ASN A CG  1 
ATOM   468  O OD1 . ASN A 1 65  ? 8.307   6.941   2.990   1.00 31.06 ? 177  ASN A OD1 1 
ATOM   469  N ND2 . ASN A 1 65  ? 9.401   7.953   1.315   1.00 30.05 ? 177  ASN A ND2 1 
ATOM   470  N N   . LYS A 1 66  ? 8.180   4.908   0.411   1.00 15.42 ? 178  LYS A N   1 
ATOM   471  C CA  . LYS A 1 66  ? 7.631   4.830   -0.937  1.00 13.45 ? 178  LYS A CA  1 
ATOM   472  C C   . LYS A 1 66  ? 8.577   5.496   -1.932  1.00 16.71 ? 178  LYS A C   1 
ATOM   473  O O   . LYS A 1 66  ? 8.797   4.995   -3.034  1.00 16.78 ? 178  LYS A O   1 
ATOM   474  C CB  . LYS A 1 66  ? 6.244   5.489   -1.002  1.00 16.49 ? 178  LYS A CB  1 
ATOM   475  C CG  . LYS A 1 66  ? 5.565   5.379   -2.371  1.00 19.31 ? 178  LYS A CG  1 
ATOM   476  C CD  . LYS A 1 66  ? 5.303   3.915   -2.723  1.00 12.79 ? 178  LYS A CD  1 
ATOM   477  C CE  . LYS A 1 66  ? 4.421   3.772   -3.966  1.00 20.75 ? 178  LYS A CE  1 
ATOM   478  N NZ  . LYS A 1 66  ? 4.319   2.336   -4.379  1.00 13.69 ? 178  LYS A NZ  1 
ATOM   479  N N   . SER A 1 67  ? 9.159   6.624   -1.543  1.00 13.62 ? 179  SER A N   1 
ATOM   480  C CA  . SER A 1 67  ? 10.021  7.348   -2.459  1.00 15.54 ? 179  SER A CA  1 
ATOM   481  C C   . SER A 1 67  ? 11.333  6.615   -2.791  1.00 14.40 ? 179  SER A C   1 
ATOM   482  O O   . SER A 1 67  ? 12.043  7.018   -3.709  1.00 13.14 ? 179  SER A O   1 
ATOM   483  C CB  . SER A 1 67  ? 10.325  8.748   -1.921  1.00 24.92 ? 179  SER A CB  1 
ATOM   484  O OG  . SER A 1 67  ? 10.958  8.652   -0.666  1.00 20.52 ? 179  SER A OG  1 
ATOM   485  N N   . ASP A 1 68  ? 11.657  5.558   -2.049  1.00 15.08 ? 180  ASP A N   1 
ATOM   486  C CA  . ASP A 1 68  ? 12.843  4.739   -2.354  1.00 15.52 ? 180  ASP A CA  1 
ATOM   487  C C   . ASP A 1 68  ? 12.600  3.804   -3.548  1.00 14.65 ? 180  ASP A C   1 
ATOM   488  O O   . ASP A 1 68  ? 13.535  3.222   -4.111  1.00 13.42 ? 180  ASP A O   1 
ATOM   489  C CB  . ASP A 1 68  ? 13.253  3.913   -1.128  1.00 10.32 ? 180  ASP A CB  1 
ATOM   490  C CG  . ASP A 1 68  ? 13.709  4.776   0.026   1.00 12.51 ? 180  ASP A CG  1 
ATOM   491  O OD1 . ASP A 1 68  ? 14.406  5.780   -0.218  1.00 14.84 ? 180  ASP A OD1 1 
ATOM   492  O OD2 . ASP A 1 68  ? 13.385  4.437   1.172   1.00 17.13 ? 180  ASP A OD2 1 
ATOM   493  N N   . GLU A 1 69  ? 11.340  3.668   -3.933  1.00 13.76 ? 181  GLU A N   1 
ATOM   494  C CA  . GLU A 1 69  ? 10.956  2.783   -5.032  1.00 15.28 ? 181  GLU A CA  1 
ATOM   495  C C   . GLU A 1 69  ? 11.758  3.115   -6.288  1.00 15.78 ? 181  GLU A C   1 
ATOM   496  O O   . GLU A 1 69  ? 11.989  4.275   -6.596  1.00 15.70 ? 181  GLU A O   1 
ATOM   497  C CB  . GLU A 1 69  ? 9.452   2.939   -5.285  1.00 20.40 ? 181  GLU A CB  1 
ATOM   498  C CG  . GLU A 1 69  ? 8.793   1.746   -5.888  1.00 30.25 ? 181  GLU A CG  1 
ATOM   499  C CD  . GLU A 1 69  ? 7.283   1.850   -5.852  1.00 23.88 ? 181  GLU A CD  1 
ATOM   500  O OE1 . GLU A 1 69  ? 6.664   1.131   -5.053  1.00 18.61 ? 181  GLU A OE1 1 
ATOM   501  O OE2 . GLU A 1 69  ? 6.722   2.654   -6.614  1.00 39.47 ? 181  GLU A OE2 1 
ATOM   502  N N   . GLY A 1 70  ? 12.206  2.106   -7.019  1.00 13.97 ? 182  GLY A N   1 
ATOM   503  C CA  . GLY A 1 70  ? 12.926  2.379   -8.253  1.00 10.04 ? 182  GLY A CA  1 
ATOM   504  C C   . GLY A 1 70  ? 13.786  1.203   -8.682  1.00 15.53 ? 182  GLY A C   1 
ATOM   505  O O   . GLY A 1 70  ? 13.627  0.095   -8.182  1.00 15.59 ? 182  GLY A O   1 
ATOM   506  N N   . ILE A 1 71  ? 14.703  1.452   -9.605  1.00 13.02 ? 183  ILE A N   1 
ATOM   507  C CA  . ILE A 1 71  ? 15.544  0.394   -10.128 1.00 12.52 ? 183  ILE A CA  1 
ATOM   508  C C   . ILE A 1 71  ? 16.916  0.492   -9.496  1.00 17.62 ? 183  ILE A C   1 
ATOM   509  O O   . ILE A 1 71  ? 17.580  1.520   -9.591  1.00 14.41 ? 183  ILE A O   1 
ATOM   510  C CB  . ILE A 1 71  ? 15.646  0.465   -11.667 1.00 19.46 ? 183  ILE A CB  1 
ATOM   511  C CG1 . ILE A 1 71  ? 14.256  0.282   -12.282 1.00 16.35 ? 183  ILE A CG1 1 
ATOM   512  C CG2 . ILE A 1 71  ? 16.621  -0.588  -12.194 1.00 15.18 ? 183  ILE A CG2 1 
ATOM   513  C CD1 . ILE A 1 71  ? 14.217  0.467   -13.792 1.00 25.01 ? 183  ILE A CD1 1 
ATOM   514  N N   . TYR A 1 72  ? 17.328  -0.583  -8.832  1.00 11.63 ? 184  TYR A N   1 
ATOM   515  C CA  . TYR A 1 72  ? 18.639  -0.630  -8.212  1.00 12.62 ? 184  TYR A CA  1 
ATOM   516  C C   . TYR A 1 72  ? 19.480  -1.651  -8.948  1.00 18.23 ? 184  TYR A C   1 
ATOM   517  O O   . TYR A 1 72  ? 19.008  -2.740  -9.270  1.00 17.07 ? 184  TYR A O   1 
ATOM   518  C CB  . TYR A 1 72  ? 18.539  -1.013  -6.735  1.00 10.27 ? 184  TYR A CB  1 
ATOM   519  C CG  . TYR A 1 72  ? 17.864  0.044   -5.875  1.00 10.63 ? 184  TYR A CG  1 
ATOM   520  C CD1 . TYR A 1 72  ? 16.488  0.225   -5.919  1.00 12.77 ? 184  TYR A CD1 1 
ATOM   521  C CD2 . TYR A 1 72  ? 18.612  0.868   -5.036  1.00 13.76 ? 184  TYR A CD2 1 
ATOM   522  C CE1 . TYR A 1 72  ? 15.855  1.211   -5.133  1.00 11.43 ? 184  TYR A CE1 1 
ATOM   523  C CE2 . TYR A 1 72  ? 18.000  1.854   -4.248  1.00 11.90 ? 184  TYR A CE2 1 
ATOM   524  C CZ  . TYR A 1 72  ? 16.625  2.020   -4.302  1.00 15.56 ? 184  TYR A CZ  1 
ATOM   525  O OH  . TYR A 1 72  ? 16.027  2.989   -3.522  1.00 11.37 ? 184  TYR A OH  1 
ATOM   526  N N   . ARG A 1 73  ? 20.727  -1.287  -9.207  1.00 14.37 ? 185  ARG A N   1 
ATOM   527  C CA  . ARG A 1 73  ? 21.622  -2.125  -9.983  1.00 10.98 ? 185  ARG A CA  1 
ATOM   528  C C   . ARG A 1 73  ? 22.652  -2.790  -9.077  1.00 13.82 ? 185  ARG A C   1 
ATOM   529  O O   . ARG A 1 73  ? 23.354  -2.131  -8.310  1.00 12.70 ? 185  ARG A O   1 
ATOM   530  C CB  . ARG A 1 73  ? 22.310  -1.302  -11.078 1.00 14.38 ? 185  ARG A CB  1 
ATOM   531  C CG  . ARG A 1 73  ? 23.413  -2.046  -11.834 1.00 16.48 ? 185  ARG A CG  1 
ATOM   532  C CD  . ARG A 1 73  ? 23.779  -1.318  -13.122 1.00 16.15 ? 185  ARG A CD  1 
ATOM   533  N NE  . ARG A 1 73  ? 22.638  -1.212  -14.023 1.00 14.55 ? 185  ARG A NE  1 
ATOM   534  C CZ  . ARG A 1 73  ? 22.664  -0.581  -15.194 1.00 16.89 ? 185  ARG A CZ  1 
ATOM   535  N NH1 . ARG A 1 73  ? 23.779  0.000   -15.607 1.00 14.49 ? 185  ARG A NH1 1 
ATOM   536  N NH2 . ARG A 1 73  ? 21.581  -0.536  -15.956 1.00 15.46 ? 185  ARG A NH2 1 
ATOM   537  N N   . CYS A 1 74  ? 22.720  -4.111  -9.158  1.00 13.41 ? 186  CYS A N   1 
ATOM   538  C CA  . CYS A 1 74  ? 23.716  -4.876  -8.426  1.00 11.27 ? 186  CYS A CA  1 
ATOM   539  C C   . CYS A 1 74  ? 24.832  -5.148  -9.410  1.00 15.48 ? 186  CYS A C   1 
ATOM   540  O O   . CYS A 1 74  ? 24.615  -5.810  -10.419 1.00 15.20 ? 186  CYS A O   1 
ATOM   541  C CB  . CYS A 1 74  ? 23.127  -6.214  -7.953  1.00 15.80 ? 186  CYS A CB  1 
ATOM   542  S SG  . CYS A 1 74  ? 24.310  -7.275  -7.092  1.00 20.34 ? 186  CYS A SG  1 
ATOM   543  N N   . GLU A 1 75  ? 26.021  -4.628  -9.135  1.00 12.92 ? 187  GLU A N   1 
ATOM   544  C CA  . GLU A 1 75  ? 27.151  -4.834  -10.033 1.00 11.86 ? 187  GLU A CA  1 
ATOM   545  C C   . GLU A 1 75  ? 28.204  -5.730  -9.397  1.00 17.73 ? 187  GLU A C   1 
ATOM   546  O O   . GLU A 1 75  ? 28.639  -5.476  -8.280  1.00 17.26 ? 187  GLU A O   1 
ATOM   547  C CB  . GLU A 1 75  ? 27.799  -3.495  -10.404 1.00 15.29 ? 187  GLU A CB  1 
ATOM   548  C CG  . GLU A 1 75  ? 29.136  -3.658  -11.127 1.00 19.95 ? 187  GLU A CG  1 
ATOM   549  C CD  . GLU A 1 75  ? 29.964  -2.385  -11.108 1.00 35.43 ? 187  GLU A CD  1 
ATOM   550  O OE1 . GLU A 1 75  ? 30.971  -2.327  -10.368 1.00 25.99 ? 187  GLU A OE1 1 
ATOM   551  O OE2 . GLU A 1 75  ? 29.594  -1.439  -11.825 1.00 27.40 ? 187  GLU A OE2 1 
ATOM   552  N N   . GLY A 1 76  ? 28.619  -6.768  -10.117 1.00 15.21 ? 188  GLY A N   1 
ATOM   553  C CA  . GLY A 1 76  ? 29.677  -7.650  -9.651  1.00 17.17 ? 188  GLY A CA  1 
ATOM   554  C C   . GLY A 1 76  ? 30.923  -7.451  -10.503 1.00 21.01 ? 188  GLY A C   1 
ATOM   555  O O   . GLY A 1 76  ? 30.817  -7.204  -11.708 1.00 19.37 ? 188  GLY A O   1 
ATOM   556  N N   . ARG A 1 77  ? 32.099  -7.538  -9.888  1.00 25.09 ? 189  ARG A N   1 
ATOM   557  C CA  . ARG A 1 77  ? 33.358  -7.429  -10.632 1.00 24.92 ? 189  ARG A CA  1 
ATOM   558  C C   . ARG A 1 77  ? 34.352  -8.489  -10.182 1.00 34.26 ? 189  ARG A C   1 
ATOM   559  O O   . ARG A 1 77  ? 34.642  -8.601  -8.990  1.00 33.33 ? 189  ARG A O   1 
ATOM   560  C CB  . ARG A 1 77  ? 34.005  -6.055  -10.438 1.00 31.22 ? 189  ARG A CB  1 
ATOM   561  C CG  . ARG A 1 77  ? 33.092  -4.874  -10.692 1.00 55.37 ? 189  ARG A CG  1 
ATOM   562  C CD  . ARG A 1 77  ? 33.755  -3.562  -10.296 1.00 43.45 ? 189  ARG A CD  1 
ATOM   563  N NE  . ARG A 1 77  ? 34.003  -3.458  -8.857  1.00 74.63 ? 189  ARG A NE  1 
ATOM   564  C CZ  . ARG A 1 77  ? 33.057  -3.415  -7.917  1.00 69.09 ? 189  ARG A CZ  1 
ATOM   565  N NH1 . ARG A 1 77  ? 31.765  -3.493  -8.236  1.00 31.92 ? 189  ARG A NH1 1 
ATOM   566  N NH2 . ARG A 1 77  ? 33.407  -3.307  -6.644  1.00 48.07 ? 189  ARG A NH2 1 
ATOM   567  N N   . VAL A 1 78  ? 34.866  -9.268  -11.131 1.00 32.51 ? 190  VAL A N   1 
ATOM   568  C CA  . VAL A 1 78  ? 36.028  -10.113 -10.867 1.00 28.98 ? 190  VAL A CA  1 
ATOM   569  C C   . VAL A 1 78  ? 37.244  -9.240  -11.127 1.00 32.41 ? 190  VAL A C   1 
ATOM   570  O O   . VAL A 1 78  ? 37.718  -9.126  -12.255 1.00 36.23 ? 190  VAL A O   1 
ATOM   571  C CB  . VAL A 1 78  ? 36.072  -11.346 -11.774 1.00 32.10 ? 190  VAL A CB  1 
ATOM   572  C CG1 . VAL A 1 78  ? 37.225  -12.265 -11.358 1.00 29.63 ? 190  VAL A CG1 1 
ATOM   573  C CG2 . VAL A 1 78  ? 34.747  -12.091 -11.719 1.00 23.01 ? 190  VAL A CG2 1 
ATOM   574  N N   . GLU A 1 79  ? 37.729  -8.599  -10.074 1.00 33.10 ? 191  GLU A N   1 
ATOM   575  C CA  . GLU A 1 79  ? 38.716  -7.537  -10.227 1.00 47.85 ? 191  GLU A CA  1 
ATOM   576  C C   . GLU A 1 79  ? 40.039  -8.046  -10.795 1.00 39.68 ? 191  GLU A C   1 
ATOM   577  O O   . GLU A 1 79  ? 40.749  -7.319  -11.486 1.00 38.80 ? 191  GLU A O   1 
ATOM   578  C CB  . GLU A 1 79  ? 38.906  -6.792  -8.902  1.00 41.13 ? 191  GLU A CB  1 
ATOM   579  C CG  . GLU A 1 79  ? 37.626  -6.105  -8.430  1.00 54.82 ? 191  GLU A CG  1 
ATOM   580  C CD  . GLU A 1 79  ? 37.832  -5.192  -7.238  1.00 77.68 ? 191  GLU A CD  1 
ATOM   581  O OE1 . GLU A 1 79  ? 38.444  -5.634  -6.242  1.00 58.28 ? 191  GLU A OE1 1 
ATOM   582  O OE2 . GLU A 1 79  ? 37.363  -4.033  -7.292  1.00 56.91 ? 191  GLU A OE2 1 
ATOM   583  N N   . ALA A 1 80  ? 40.349  -9.307  -10.521 1.00 44.70 ? 192  ALA A N   1 
ATOM   584  C CA  . ALA A 1 80  ? 41.551  -9.931  -11.062 1.00 53.10 ? 192  ALA A CA  1 
ATOM   585  C C   . ALA A 1 80  ? 41.534  -10.018 -12.592 1.00 51.73 ? 192  ALA A C   1 
ATOM   586  O O   . ALA A 1 80  ? 42.586  -9.980  -13.226 1.00 53.46 ? 192  ALA A O   1 
ATOM   587  C CB  . ALA A 1 80  ? 41.765  -11.314 -10.441 1.00 33.70 ? 192  ALA A CB  1 
ATOM   588  N N   . ARG A 1 81  ? 40.350  -10.126 -13.188 1.00 37.26 ? 193  ARG A N   1 
ATOM   589  C CA  . ARG A 1 81  ? 40.260  -10.280 -14.640 1.00 30.81 ? 193  ARG A CA  1 
ATOM   590  C C   . ARG A 1 81  ? 39.593  -9.095  -15.331 1.00 39.81 ? 193  ARG A C   1 
ATOM   591  O O   . ARG A 1 81  ? 39.329  -9.136  -16.533 1.00 41.51 ? 193  ARG A O   1 
ATOM   592  C CB  . ARG A 1 81  ? 39.542  -11.581 -15.006 1.00 29.29 ? 193  ARG A CB  1 
ATOM   593  C CG  . ARG A 1 81  ? 40.073  -12.794 -14.263 1.00 34.28 ? 193  ARG A CG  1 
ATOM   594  C CD  . ARG A 1 81  ? 39.646  -14.090 -14.932 1.00 39.02 ? 193  ARG A CD  1 
ATOM   595  N NE  . ARG A 1 81  ? 38.212  -14.326 -14.813 1.00 42.69 ? 193  ARG A NE  1 
ATOM   596  C CZ  . ARG A 1 81  ? 37.640  -14.956 -13.793 1.00 41.72 ? 193  ARG A CZ  1 
ATOM   597  N NH1 . ARG A 1 81  ? 36.325  -15.122 -13.765 1.00 32.22 ? 193  ARG A NH1 1 
ATOM   598  N NH2 . ARG A 1 81  ? 38.385  -15.410 -12.795 1.00 38.39 ? 193  ARG A NH2 1 
ATOM   599  N N   . GLY A 1 82  ? 39.334  -8.035  -14.573 1.00 34.51 ? 194  GLY A N   1 
ATOM   600  C CA  . GLY A 1 82  ? 38.658  -6.871  -15.116 1.00 36.04 ? 194  GLY A CA  1 
ATOM   601  C C   . GLY A 1 82  ? 37.288  -7.198  -15.699 1.00 34.28 ? 194  GLY A C   1 
ATOM   602  O O   . GLY A 1 82  ? 36.825  -6.545  -16.631 1.00 33.15 ? 194  GLY A O   1 
ATOM   603  N N   . GLU A 1 83  ? 36.637  -8.219  -15.153 1.00 24.10 ? 195  GLU A N   1 
ATOM   604  C CA  . GLU A 1 83  ? 35.305  -8.591  -15.616 1.00 33.29 ? 195  GLU A CA  1 
ATOM   605  C C   . GLU A 1 83  ? 34.249  -7.909  -14.764 1.00 29.26 ? 195  GLU A C   1 
ATOM   606  O O   . GLU A 1 83  ? 34.345  -7.907  -13.542 1.00 30.50 ? 195  GLU A O   1 
ATOM   607  C CB  . GLU A 1 83  ? 35.135  -10.107 -15.582 1.00 29.68 ? 195  GLU A CB  1 
ATOM   608  C CG  . GLU A 1 83  ? 35.997  -10.802 -16.613 1.00 36.06 ? 195  GLU A CG  1 
ATOM   609  C CD  . GLU A 1 83  ? 36.096  -12.292 -16.396 1.00 44.66 ? 195  GLU A CD  1 
ATOM   610  O OE1 . GLU A 1 83  ? 36.884  -12.934 -17.121 1.00 38.44 ? 195  GLU A OE1 1 
ATOM   611  O OE2 . GLU A 1 83  ? 35.396  -12.819 -15.504 1.00 32.21 ? 195  GLU A OE2 1 
ATOM   612  N N   . ILE A 1 84  ? 33.255  -7.316  -15.417 1.00 25.90 ? 196  ILE A N   1 
ATOM   613  C CA  . ILE A 1 84  ? 32.209  -6.588  -14.712 1.00 26.23 ? 196  ILE A CA  1 
ATOM   614  C C   . ILE A 1 84  ? 30.878  -6.922  -15.349 1.00 23.88 ? 196  ILE A C   1 
ATOM   615  O O   . ILE A 1 84  ? 30.750  -6.873  -16.567 1.00 17.31 ? 196  ILE A O   1 
ATOM   616  C CB  . ILE A 1 84  ? 32.437  -5.060  -14.775 1.00 23.77 ? 196  ILE A CB  1 
ATOM   617  C CG1 . ILE A 1 84  ? 33.801  -4.698  -14.180 1.00 36.21 ? 196  ILE A CG1 1 
ATOM   618  C CG2 . ILE A 1 84  ? 31.325  -4.313  -14.033 1.00 19.11 ? 196  ILE A CG2 1 
ATOM   619  C CD1 . ILE A 1 84  ? 34.108  -3.220  -14.198 1.00 47.08 ? 196  ILE A CD1 1 
ATOM   620  N N   . ASP A 1 85  ? 29.894  -7.287  -14.533 1.00 17.90 ? 197  ASP A N   1 
ATOM   621  C CA  . ASP A 1 85  ? 28.558  -7.561  -15.060 1.00 13.32 ? 197  ASP A CA  1 
ATOM   622  C C   . ASP A 1 85  ? 27.547  -7.010  -14.069 1.00 21.53 ? 197  ASP A C   1 
ATOM   623  O O   . ASP A 1 85  ? 27.903  -6.646  -12.952 1.00 13.17 ? 197  ASP A O   1 
ATOM   624  C CB  . ASP A 1 85  ? 28.349  -9.067  -15.268 1.00 13.79 ? 197  ASP A CB  1 
ATOM   625  C CG  . ASP A 1 85  ? 27.127  -9.381  -16.128 1.00 17.83 ? 197  ASP A CG  1 
ATOM   626  O OD1 . ASP A 1 85  ? 26.622  -8.485  -16.836 1.00 13.56 ? 197  ASP A OD1 1 
ATOM   627  O OD2 . ASP A 1 85  ? 26.669  -10.536 -16.096 1.00 18.06 ? 197  ASP A OD2 1 
ATOM   628  N N   . PHE A 1 86  ? 26.284  -6.946  -14.456 1.00 11.44 ? 198  PHE A N   1 
ATOM   629  C CA  . PHE A 1 86  ? 25.321  -6.381  -13.531 1.00 11.01 ? 198  PHE A CA  1 
ATOM   630  C C   . PHE A 1 86  ? 23.934  -6.928  -13.770 1.00 10.72 ? 198  PHE A C   1 
ATOM   631  O O   . PHE A 1 86  ? 23.656  -7.493  -14.831 1.00 13.37 ? 198  PHE A O   1 
ATOM   632  C CB  . PHE A 1 86  ? 25.303  -4.850  -13.666 1.00 9.22  ? 198  PHE A CB  1 
ATOM   633  C CG  . PHE A 1 86  ? 24.896  -4.358  -15.031 1.00 13.42 ? 198  PHE A CG  1 
ATOM   634  C CD1 . PHE A 1 86  ? 23.555  -4.155  -15.344 1.00 14.69 ? 198  PHE A CD1 1 
ATOM   635  C CD2 . PHE A 1 86  ? 25.862  -4.071  -15.998 1.00 14.01 ? 198  PHE A CD2 1 
ATOM   636  C CE1 . PHE A 1 86  ? 23.175  -3.682  -16.606 1.00 13.47 ? 198  PHE A CE1 1 
ATOM   637  C CE2 . PHE A 1 86  ? 25.497  -3.611  -17.263 1.00 14.95 ? 198  PHE A CE2 1 
ATOM   638  C CZ  . PHE A 1 86  ? 24.157  -3.413  -17.571 1.00 17.24 ? 198  PHE A CZ  1 
ATOM   639  N N   . ARG A 1 87  ? 23.059  -6.723  -12.789 1.00 11.91 ? 199  ARG A N   1 
ATOM   640  C CA  . ARG A 1 87  ? 21.635  -6.989  -12.967 1.00 10.74 ? 199  ARG A CA  1 
ATOM   641  C C   . ARG A 1 87  ? 20.842  -5.867  -12.312 1.00 14.38 ? 199  ARG A C   1 
ATOM   642  O O   . ARG A 1 87  ? 21.236  -5.354  -11.268 1.00 11.24 ? 199  ARG A O   1 
ATOM   643  C CB  . ARG A 1 87  ? 21.254  -8.321  -12.317 1.00 7.88  ? 199  ARG A CB  1 
ATOM   644  C CG  . ARG A 1 87  ? 21.943  -9.543  -12.935 1.00 9.85  ? 199  ARG A CG  1 
ATOM   645  C CD  . ARG A 1 87  ? 21.323  -9.895  -14.285 1.00 13.55 ? 199  ARG A CD  1 
ATOM   646  N NE  . ARG A 1 87  ? 21.798  -11.199 -14.739 1.00 15.53 ? 199  ARG A NE  1 
ATOM   647  C CZ  . ARG A 1 87  ? 22.982  -11.410 -15.301 1.00 13.91 ? 199  ARG A CZ  1 
ATOM   648  N NH1 . ARG A 1 87  ? 23.820  -10.399 -15.506 1.00 11.75 ? 199  ARG A NH1 1 
ATOM   649  N NH2 . ARG A 1 87  ? 23.322  -12.633 -15.671 1.00 15.57 ? 199  ARG A NH2 1 
ATOM   650  N N   . ASP A 1 88  ? 19.729  -5.494  -12.930 1.00 12.97 ? 200  ASP A N   1 
ATOM   651  C CA  . ASP A 1 88  ? 18.865  -4.458  -12.396 1.00 14.00 ? 200  ASP A CA  1 
ATOM   652  C C   . ASP A 1 88  ? 17.707  -5.103  -11.651 1.00 16.55 ? 200  ASP A C   1 
ATOM   653  O O   . ASP A 1 88  ? 17.097  -6.047  -12.142 1.00 10.41 ? 200  ASP A O   1 
ATOM   654  C CB  . ASP A 1 88  ? 18.360  -3.565  -13.526 1.00 11.06 ? 200  ASP A CB  1 
ATOM   655  C CG  . ASP A 1 88  ? 19.446  -2.656  -14.066 1.00 15.86 ? 200  ASP A CG  1 
ATOM   656  O OD1 . ASP A 1 88  ? 20.386  -2.353  -13.309 1.00 18.48 ? 200  ASP A OD1 1 
ATOM   657  O OD2 . ASP A 1 88  ? 19.365  -2.235  -15.237 1.00 17.58 ? 200  ASP A OD2 1 
ATOM   658  N N   . ILE A 1 89  ? 17.419  -4.587  -10.458 1.00 10.98 ? 201  ILE A N   1 
ATOM   659  C CA  . ILE A 1 89  ? 16.335  -5.093  -9.623  1.00 12.74 ? 201  ILE A CA  1 
ATOM   660  C C   . ILE A 1 89  ? 15.348  -3.969  -9.331  1.00 18.47 ? 201  ILE A C   1 
ATOM   661  O O   . ILE A 1 89  ? 15.728  -2.911  -8.800  1.00 12.38 ? 201  ILE A O   1 
ATOM   662  C CB  . ILE A 1 89  ? 16.873  -5.655  -8.282  1.00 13.35 ? 201  ILE A CB  1 
ATOM   663  C CG1 . ILE A 1 89  ? 17.834  -6.815  -8.551  1.00 16.84 ? 201  ILE A CG1 1 
ATOM   664  C CG2 . ILE A 1 89  ? 15.713  -6.093  -7.341  1.00 9.20  ? 201  ILE A CG2 1 
ATOM   665  C CD1 . ILE A 1 89  ? 18.680  -7.206  -7.351  1.00 14.58 ? 201  ILE A CD1 1 
ATOM   666  N N   . ILE A 1 90  ? 14.090  -4.200  -9.693  1.00 13.81 ? 202  ILE A N   1 
ATOM   667  C CA  . ILE A 1 90  ? 13.016  -3.270  -9.373  1.00 13.33 ? 202  ILE A CA  1 
ATOM   668  C C   . ILE A 1 90  ? 12.606  -3.423  -7.915  1.00 14.52 ? 202  ILE A C   1 
ATOM   669  O O   . ILE A 1 90  ? 12.191  -4.505  -7.479  1.00 13.66 ? 202  ILE A O   1 
ATOM   670  C CB  . ILE A 1 90  ? 11.787  -3.504  -10.263 1.00 17.82 ? 202  ILE A CB  1 
ATOM   671  C CG1 . ILE A 1 90  ? 12.159  -3.268  -11.732 1.00 20.31 ? 202  ILE A CG1 1 
ATOM   672  C CG2 . ILE A 1 90  ? 10.607  -2.603  -9.819  1.00 11.59 ? 202  ILE A CG2 1 
ATOM   673  C CD1 . ILE A 1 90  ? 11.138  -3.824  -12.694 1.00 21.39 ? 202  ILE A CD1 1 
ATOM   674  N N   . VAL A 1 91  ? 12.736  -2.336  -7.165  1.00 11.02 ? 203  VAL A N   1 
ATOM   675  C CA  . VAL A 1 91  ? 12.338  -2.322  -5.768  1.00 7.91  ? 203  VAL A CA  1 
ATOM   676  C C   . VAL A 1 91  ? 10.962  -1.649  -5.647  1.00 16.27 ? 203  VAL A C   1 
ATOM   677  O O   . VAL A 1 91  ? 10.781  -0.505  -6.074  1.00 13.82 ? 203  VAL A O   1 
ATOM   678  C CB  . VAL A 1 91  ? 13.390  -1.593  -4.891  1.00 14.44 ? 203  VAL A CB  1 
ATOM   679  C CG1 . VAL A 1 91  ? 12.841  -1.347  -3.492  1.00 12.62 ? 203  VAL A CG1 1 
ATOM   680  C CG2 . VAL A 1 91  ? 14.662  -2.430  -4.798  1.00 12.33 ? 203  VAL A CG2 1 
ATOM   681  N N   . ILE A 1 92  ? 9.992   -2.385  -5.114  1.00 10.82 ? 204  ILE A N   1 
ATOM   682  C CA  A ILE A 1 92  ? 8.637   -1.875  -4.952  0.50 10.53 ? 204  ILE A CA  1 
ATOM   683  C CA  B ILE A 1 92  ? 8.629   -1.889  -4.951  0.50 10.52 ? 204  ILE A CA  1 
ATOM   684  C C   . ILE A 1 92  ? 8.338   -1.688  -3.472  1.00 10.88 ? 204  ILE A C   1 
ATOM   685  O O   . ILE A 1 92  ? 8.718   -2.512  -2.650  1.00 11.85 ? 204  ILE A O   1 
ATOM   686  C CB  A ILE A 1 92  ? 7.606   -2.844  -5.565  0.50 12.74 ? 204  ILE A CB  1 
ATOM   687  C CB  B ILE A 1 92  ? 7.602   -2.900  -5.505  0.50 12.73 ? 204  ILE A CB  1 
ATOM   688  C CG1 A ILE A 1 92  ? 7.727   -2.848  -7.092  0.50 16.32 ? 204  ILE A CG1 1 
ATOM   689  C CG1 B ILE A 1 92  ? 7.794   -3.095  -7.012  0.50 16.70 ? 204  ILE A CG1 1 
ATOM   690  C CG2 A ILE A 1 92  ? 6.185   -2.483  -5.126  0.50 15.78 ? 204  ILE A CG2 1 
ATOM   691  C CG2 B ILE A 1 92  ? 6.172   -2.462  -5.178  0.50 15.91 ? 204  ILE A CG2 1 
ATOM   692  C CD1 A ILE A 1 92  ? 7.053   -4.027  -7.758  0.50 11.31 ? 204  ILE A CD1 1 
ATOM   693  C CD1 B ILE A 1 92  ? 7.465   -1.875  -7.832  0.50 12.60 ? 204  ILE A CD1 1 
ATOM   694  N N   . VAL A 1 93  ? 7.670   -0.594  -3.125  1.00 10.70 ? 205  VAL A N   1 
ATOM   695  C CA  . VAL A 1 93  ? 7.325   -0.360  -1.724  1.00 9.10  ? 205  VAL A CA  1 
ATOM   696  C C   . VAL A 1 93  ? 5.801   -0.332  -1.564  1.00 17.62 ? 205  VAL A C   1 
ATOM   697  O O   . VAL A 1 93  ? 5.128   0.525   -2.131  1.00 13.62 ? 205  VAL A O   1 
ATOM   698  C CB  . VAL A 1 93  ? 7.948   0.943   -1.204  1.00 14.37 ? 205  VAL A CB  1 
ATOM   699  C CG1 . VAL A 1 93  ? 7.520   1.203   0.240   1.00 8.62  ? 205  VAL A CG1 1 
ATOM   700  C CG2 . VAL A 1 93  ? 9.474   0.875   -1.314  1.00 11.41 ? 205  VAL A CG2 1 
ATOM   701  N N   . ASN A 1 94  ? 5.266   -1.299  -0.829  1.00 14.18 ? 206  ASN A N   1 
ATOM   702  C CA  . ASN A 1 94  ? 3.835   -1.335  -0.544  1.00 16.49 ? 206  ASN A CA  1 
ATOM   703  C C   . ASN A 1 94  ? 3.550   -0.486  0.686   1.00 18.15 ? 206  ASN A C   1 
ATOM   704  O O   . ASN A 1 94  ? 4.341   -0.465  1.625   1.00 15.30 ? 206  ASN A O   1 
ATOM   705  C CB  . ASN A 1 94  ? 3.359   -2.773  -0.324  1.00 14.60 ? 206  ASN A CB  1 
ATOM   706  C CG  . ASN A 1 94  ? 3.599   -3.659  -1.539  1.00 15.64 ? 206  ASN A CG  1 
ATOM   707  O OD1 . ASN A 1 94  ? 3.418   -3.236  -2.683  1.00 19.65 ? 206  ASN A OD1 1 
ATOM   708  N ND2 . ASN A 1 94  ? 3.998   -4.900  -1.292  1.00 20.72 ? 206  ASN A ND2 1 
ATOM   709  N N   . VAL A 1 95  ? 2.421   0.214   0.667   1.00 15.63 ? 207  VAL A N   1 
ATOM   710  C CA  . VAL A 1 95  ? 2.036   1.140   1.724   1.00 16.75 ? 207  VAL A CA  1 
ATOM   711  C C   . VAL A 1 95  ? 0.629   0.764   2.180   1.00 20.96 ? 207  VAL A C   1 
ATOM   712  O O   . VAL A 1 95  ? -0.295  0.706   1.353   1.00 16.02 ? 207  VAL A O   1 
ATOM   713  C CB  . VAL A 1 95  ? 2.009   2.599   1.183   1.00 17.96 ? 207  VAL A CB  1 
ATOM   714  C CG1 . VAL A 1 95  ? 1.604   3.593   2.281   1.00 15.08 ? 207  VAL A CG1 1 
ATOM   715  C CG2 . VAL A 1 95  ? 3.354   2.980   0.571   1.00 13.38 ? 207  VAL A CG2 1 
ATOM   716  N N   . PRO A 1 96  ? 0.457   0.491   3.486   1.00 21.33 ? 208  PRO A N   1 
ATOM   717  C CA  . PRO A 1 96  ? -0.864  0.087   4.000   1.00 24.45 ? 208  PRO A CA  1 
ATOM   718  C C   . PRO A 1 96  ? -1.874  1.221   3.834   1.00 12.48 ? 208  PRO A C   1 
ATOM   719  O O   . PRO A 1 96  ? -1.482  2.384   3.783   1.00 13.95 ? 208  PRO A O   1 
ATOM   720  C CB  . PRO A 1 96  ? -0.609  -0.195  5.494   1.00 23.44 ? 208  PRO A CB  1 
ATOM   721  C CG  . PRO A 1 96  ? 0.896   -0.283  5.641   1.00 34.45 ? 208  PRO A CG  1 
ATOM   722  C CD  . PRO A 1 96  ? 1.474   0.576   4.553   1.00 27.58 ? 208  PRO A CD  1 
ATOM   723  N N   . PRO A 1 97  ? -3.162  0.880   3.741   1.00 18.43 ? 209  PRO A N   1 
ATOM   724  C CA  . PRO A 1 97  ? -4.192  1.897   3.493   1.00 14.21 ? 209  PRO A CA  1 
ATOM   725  C C   . PRO A 1 97  ? -4.302  2.861   4.665   1.00 13.91 ? 209  PRO A C   1 
ATOM   726  O O   . PRO A 1 97  ? -4.073  2.474   5.800   1.00 16.75 ? 209  PRO A O   1 
ATOM   727  C CB  . PRO A 1 97  ? -5.483  1.071   3.379   1.00 18.51 ? 209  PRO A CB  1 
ATOM   728  C CG  . PRO A 1 97  ? -5.016  -0.345  3.078   1.00 18.97 ? 209  PRO A CG  1 
ATOM   729  C CD  . PRO A 1 97  ? -3.735  -0.473  3.857   1.00 15.61 ? 209  PRO A CD  1 
ATOM   730  N N   . ALA A 1 98  ? -4.647  4.109   4.375   1.00 15.69 ? 210  ALA A N   1 
ATOM   731  C CA  . ALA A 1 98  ? -4.927  5.098   5.402   1.00 21.29 ? 210  ALA A CA  1 
ATOM   732  C C   . ALA A 1 98  ? -6.144  5.858   4.900   1.00 19.56 ? 210  ALA A C   1 
ATOM   733  O O   . ALA A 1 98  ? -6.090  6.503   3.855   1.00 18.19 ? 210  ALA A O   1 
ATOM   734  C CB  . ALA A 1 98  ? -3.731  6.037   5.587   1.00 18.37 ? 210  ALA A CB  1 
ATOM   735  N N   . ILE A 1 99  ? -7.254  5.736   5.619   1.00 17.13 ? 211  ILE A N   1 
ATOM   736  C CA  . ILE A 1 99  ? -8.511  6.344   5.197   1.00 16.72 ? 211  ILE A CA  1 
ATOM   737  C C   . ILE A 1 99  ? -8.604  7.821   5.571   1.00 16.91 ? 211  ILE A C   1 
ATOM   738  O O   . ILE A 1 99  ? -8.213  8.227   6.665   1.00 17.61 ? 211  ILE A O   1 
ATOM   739  C CB  . ILE A 1 99  ? -9.706  5.605   5.829   1.00 18.57 ? 211  ILE A CB  1 
ATOM   740  C CG1 . ILE A 1 99  ? -9.906  4.252   5.137   1.00 16.57 ? 211  ILE A CG1 1 
ATOM   741  C CG2 . ILE A 1 99  ? -10.976 6.443   5.731   1.00 18.89 ? 211  ILE A CG2 1 
ATOM   742  C CD1 . ILE A 1 99  ? -10.764 3.262   5.934   1.00 14.76 ? 211  ILE A CD1 1 
ATOM   743  N N   . SER A 1 100 ? -9.122  8.625   4.652   1.00 15.52 ? 212  SER A N   1 
ATOM   744  C CA  . SER A 1 100 ? -9.566  9.963   4.992   1.00 21.86 ? 212  SER A CA  1 
ATOM   745  C C   . SER A 1 100 ? -11.103 9.971   4.983   1.00 20.55 ? 212  SER A C   1 
ATOM   746  O O   . SER A 1 100 ? -11.727 9.691   3.957   1.00 19.09 ? 212  SER A O   1 
ATOM   747  C CB  . SER A 1 100 ? -9.025  10.977  3.986   1.00 26.53 ? 212  SER A CB  1 
ATOM   748  O OG  . SER A 1 100 ? -9.591  12.254  4.217   1.00 38.68 ? 212  SER A OG  1 
ATOM   749  N N   . MET A 1 101 ? -11.693 10.252  6.138   1.00 25.04 ? 213  MET A N   1 
ATOM   750  C CA  . MET A 1 101 ? -13.139 10.407  6.274   1.00 22.84 ? 213  MET A CA  1 
ATOM   751  C C   . MET A 1 101 ? -13.360 11.733  6.997   1.00 23.71 ? 213  MET A C   1 
ATOM   752  O O   . MET A 1 101 ? -13.452 11.781  8.228   1.00 22.40 ? 213  MET A O   1 
ATOM   753  C CB  . MET A 1 101 ? -13.730 9.249   7.079   1.00 19.23 ? 213  MET A CB  1 
ATOM   754  C CG  . MET A 1 101 ? -15.247 9.316   7.248   1.00 21.59 ? 213  MET A CG  1 
ATOM   755  S SD  . MET A 1 101 ? -15.882 8.045   8.361   1.00 21.34 ? 213  MET A SD  1 
ATOM   756  C CE  . MET A 1 101 ? -16.200 6.699   7.243   1.00 24.01 ? 213  MET A CE  1 
ATOM   757  N N   . PRO A 1 102 ? -13.395 12.823  6.227   1.00 26.08 ? 214  PRO A N   1 
ATOM   758  C CA  . PRO A 1 102 ? -13.385 14.183  6.777   1.00 30.97 ? 214  PRO A CA  1 
ATOM   759  C C   . PRO A 1 102 ? -14.586 14.436  7.691   1.00 26.20 ? 214  PRO A C   1 
ATOM   760  O O   . PRO A 1 102 ? -14.429 15.063  8.733   1.00 34.55 ? 214  PRO A O   1 
ATOM   761  C CB  . PRO A 1 102 ? -13.440 15.068  5.529   1.00 33.09 ? 214  PRO A CB  1 
ATOM   762  C CG  . PRO A 1 102 ? -12.994 14.177  4.398   1.00 34.60 ? 214  PRO A CG  1 
ATOM   763  C CD  . PRO A 1 102 ? -13.472 12.815  4.756   1.00 29.55 ? 214  PRO A CD  1 
ATOM   764  N N   . GLN A 1 103 ? -15.761 13.936  7.315   1.00 22.13 ? 215  GLN A N   1 
ATOM   765  C CA  . GLN A 1 103 ? -16.946 14.059  8.168   1.00 20.11 ? 215  GLN A CA  1 
ATOM   766  C C   . GLN A 1 103 ? -17.351 12.691  8.713   1.00 18.39 ? 215  GLN A C   1 
ATOM   767  O O   . GLN A 1 103 ? -17.531 11.739  7.953   1.00 18.34 ? 215  GLN A O   1 
ATOM   768  C CB  . GLN A 1 103 ? -18.110 14.699  7.390   1.00 21.87 ? 215  GLN A CB  1 
ATOM   769  C CG  . GLN A 1 103 ? -19.378 14.931  8.233   1.00 20.87 ? 215  GLN A CG  1 
ATOM   770  C CD  . GLN A 1 103 ? -20.474 15.666  7.471   1.00 49.67 ? 215  GLN A CD  1 
ATOM   771  O OE1 . GLN A 1 103 ? -20.297 16.030  6.307   1.00 36.09 ? 215  GLN A OE1 1 
ATOM   772  N NE2 . GLN A 1 103 ? -21.613 15.888  8.126   1.00 31.52 ? 215  GLN A NE2 1 
ATOM   773  N N   . LYS A 1 104 ? -17.491 12.596  10.030  1.00 16.42 ? 216  LYS A N   1 
ATOM   774  C CA  . LYS A 1 104 ? -17.868 11.341  10.674  1.00 16.43 ? 216  LYS A CA  1 
ATOM   775  C C   . LYS A 1 104 ? -19.253 11.375  11.314  1.00 26.56 ? 216  LYS A C   1 
ATOM   776  O O   . LYS A 1 104 ? -19.785 10.338  11.707  1.00 20.96 ? 216  LYS A O   1 
ATOM   777  C CB  . LYS A 1 104 ? -16.833 10.957  11.726  1.00 18.05 ? 216  LYS A CB  1 
ATOM   778  C CG  . LYS A 1 104 ? -15.481 10.606  11.116  1.00 29.91 ? 216  LYS A CG  1 
ATOM   779  C CD  . LYS A 1 104 ? -14.547 10.011  12.154  1.00 39.10 ? 216  LYS A CD  1 
ATOM   780  C CE  . LYS A 1 104 ? -13.242 9.567   11.519  1.00 47.69 ? 216  LYS A CE  1 
ATOM   781  N NZ  . LYS A 1 104 ? -12.557 10.695  10.821  1.00 42.50 ? 216  LYS A NZ  1 
ATOM   782  N N   . SER A 1 105 ? -19.833 12.568  11.416  1.00 14.84 ? 217  SER A N   1 
ATOM   783  C CA  . SER A 1 105 ? -21.149 12.730  12.036  1.00 23.20 ? 217  SER A CA  1 
ATOM   784  C C   . SER A 1 105 ? -22.109 13.397  11.075  1.00 23.10 ? 217  SER A C   1 
ATOM   785  O O   . SER A 1 105 ? -21.784 14.421  10.474  1.00 18.80 ? 217  SER A O   1 
ATOM   786  C CB  . SER A 1 105 ? -21.040 13.565  13.309  1.00 26.12 ? 217  SER A CB  1 
ATOM   787  O OG  . SER A 1 105 ? -20.161 12.938  14.220  1.00 31.01 ? 217  SER A OG  1 
ATOM   788  N N   . PHE A 1 106 ? -23.286 12.798  10.926  1.00 14.63 ? 218  PHE A N   1 
ATOM   789  C CA  . PHE A 1 106 ? -24.298 13.255  9.977   1.00 18.69 ? 218  PHE A CA  1 
ATOM   790  C C   . PHE A 1 106 ? -25.664 13.256  10.667  1.00 20.34 ? 218  PHE A C   1 
ATOM   791  O O   . PHE A 1 106 ? -25.916 12.421  11.544  1.00 13.18 ? 218  PHE A O   1 
ATOM   792  C CB  . PHE A 1 106 ? -24.367 12.307  8.774   1.00 15.16 ? 218  PHE A CB  1 
ATOM   793  C CG  . PHE A 1 106 ? -23.078 12.213  7.994   1.00 24.64 ? 218  PHE A CG  1 
ATOM   794  C CD1 . PHE A 1 106 ? -22.901 12.945  6.828   1.00 24.38 ? 218  PHE A CD1 1 
ATOM   795  C CD2 . PHE A 1 106 ? -22.045 11.390  8.426   1.00 21.25 ? 218  PHE A CD2 1 
ATOM   796  C CE1 . PHE A 1 106 ? -21.714 12.860  6.104   1.00 24.19 ? 218  PHE A CE1 1 
ATOM   797  C CE2 . PHE A 1 106 ? -20.855 11.302  7.712   1.00 20.10 ? 218  PHE A CE2 1 
ATOM   798  C CZ  . PHE A 1 106 ? -20.693 12.037  6.552   1.00 20.98 ? 218  PHE A CZ  1 
ATOM   799  N N   . ASN A 1 107 ? -26.534 14.179  10.266  1.00 15.77 ? 219  ASN A N   1 
ATOM   800  C CA  . ASN A 1 107 ? -27.918 14.213  10.747  1.00 12.82 ? 219  ASN A CA  1 
ATOM   801  C C   . ASN A 1 107 ? -28.895 14.115  9.593   1.00 20.32 ? 219  ASN A C   1 
ATOM   802  O O   . ASN A 1 107 ? -28.626 14.603  8.504   1.00 19.64 ? 219  ASN A O   1 
ATOM   803  C CB  . ASN A 1 107 ? -28.233 15.546  11.408  1.00 21.26 ? 219  ASN A CB  1 
ATOM   804  C CG  . ASN A 1 107 ? -27.472 15.770  12.664  1.00 42.92 ? 219  ASN A CG  1 
ATOM   805  O OD1 . ASN A 1 107 ? -27.118 14.837  13.392  1.00 28.09 ? 219  ASN A OD1 1 
ATOM   806  N ND2 . ASN A 1 107 ? -27.227 17.032  12.946  1.00 33.14 ? 219  ASN A ND2 1 
ATOM   807  N N   . ALA A 1 108 ? -30.060 13.546  9.865   1.00 16.34 ? 220  ALA A N   1 
ATOM   808  C CA  . ALA A 1 108 ? -31.133 13.492  8.898   1.00 17.67 ? 220  ALA A CA  1 
ATOM   809  C C   . ALA A 1 108 ? -32.421 13.357  9.690   1.00 14.60 ? 220  ALA A C   1 
ATOM   810  O O   . ALA A 1 108 ? -32.381 13.053  10.879  1.00 12.02 ? 220  ALA A O   1 
ATOM   811  C CB  . ALA A 1 108 ? -30.952 12.310  7.969   1.00 15.71 ? 220  ALA A CB  1 
ATOM   812  N N   . THR A 1 109 ? -33.553 13.602  9.034   1.00 14.11 ? 221  THR A N   1 
ATOM   813  C CA  . THR A 1 109 ? -34.864 13.428  9.658   1.00 15.97 ? 221  THR A CA  1 
ATOM   814  C C   . THR A 1 109 ? -35.575 12.273  8.969   1.00 15.21 ? 221  THR A C   1 
ATOM   815  O O   . THR A 1 109 ? -35.569 12.172  7.740   1.00 19.41 ? 221  THR A O   1 
ATOM   816  C CB  . THR A 1 109 ? -35.702 14.708  9.552   1.00 21.74 ? 221  THR A CB  1 
ATOM   817  O OG1 . THR A 1 109 ? -35.016 15.757  10.230  1.00 17.14 ? 221  THR A OG1 1 
ATOM   818  C CG2 . THR A 1 109 ? -37.087 14.526  10.187  1.00 12.36 ? 221  THR A CG2 1 
ATOM   819  N N   . ALA A 1 110 ? -36.151 11.385  9.768   1.00 14.14 ? 222  ALA A N   1 
ATOM   820  C CA  . ALA A 1 110 ? -36.783 10.184  9.247   1.00 14.37 ? 222  ALA A CA  1 
ATOM   821  C C   . ALA A 1 110 ? -38.055 10.504  8.463   1.00 16.84 ? 222  ALA A C   1 
ATOM   822  O O   . ALA A 1 110 ? -38.737 11.487  8.753   1.00 12.09 ? 222  ALA A O   1 
ATOM   823  C CB  . ALA A 1 110 ? -37.107 9.225   10.395  1.00 15.21 ? 222  ALA A CB  1 
ATOM   824  N N   . GLU A 1 111 ? -38.342 9.672   7.465   1.00 12.29 ? 223  GLU A N   1 
ATOM   825  C CA  . GLU A 1 111 ? -39.643 9.650   6.799   1.00 13.03 ? 223  GLU A CA  1 
ATOM   826  C C   . GLU A 1 111 ? -39.966 10.933  6.037   1.00 17.39 ? 223  GLU A C   1 
ATOM   827  O O   . GLU A 1 111 ? -41.130 11.305  5.888   1.00 16.24 ? 223  GLU A O   1 
ATOM   828  C CB  . GLU A 1 111 ? -40.744 9.277   7.808   1.00 14.38 ? 223  GLU A CB  1 
ATOM   829  C CG  . GLU A 1 111 ? -40.432 7.931   8.514   1.00 15.63 ? 223  GLU A CG  1 
ATOM   830  C CD  . GLU A 1 111 ? -41.579 7.377   9.340   1.00 18.91 ? 223  GLU A CD  1 
ATOM   831  O OE1 . GLU A 1 111 ? -41.521 6.181   9.692   1.00 18.78 ? 223  GLU A OE1 1 
ATOM   832  O OE2 . GLU A 1 111 ? -42.525 8.125   9.661   1.00 15.62 ? 223  GLU A OE2 1 
ATOM   833  N N   . ARG A 1 112 ? -38.927 11.589  5.530   1.00 11.49 ? 224  ARG A N   1 
ATOM   834  C CA  . ARG A 1 112 ? -39.114 12.755  4.675   1.00 13.64 ? 224  ARG A CA  1 
ATOM   835  C C   . ARG A 1 112 ? -38.471 12.551  3.318   1.00 18.17 ? 224  ARG A C   1 
ATOM   836  O O   . ARG A 1 112 ? -38.315 13.497  2.565   1.00 16.07 ? 224  ARG A O   1 
ATOM   837  C CB  . ARG A 1 112 ? -38.561 14.023  5.337   1.00 15.04 ? 224  ARG A CB  1 
ATOM   838  C CG  . ARG A 1 112 ? -39.313 14.412  6.593   1.00 11.28 ? 224  ARG A CG  1 
ATOM   839  C CD  . ARG A 1 112 ? -38.705 15.650  7.254   1.00 16.12 ? 224  ARG A CD  1 
ATOM   840  N NE  . ARG A 1 112 ? -38.838 16.848  6.433   1.00 22.82 ? 224  ARG A NE  1 
ATOM   841  C CZ  . ARG A 1 112 ? -39.815 17.747  6.555   1.00 33.09 ? 224  ARG A CZ  1 
ATOM   842  N NH1 . ARG A 1 112 ? -40.767 17.591  7.467   1.00 19.07 ? 224  ARG A NH1 1 
ATOM   843  N NH2 . ARG A 1 112 ? -39.837 18.814  5.766   1.00 23.67 ? 224  ARG A NH2 1 
ATOM   844  N N   . GLY A 1 113 ? -38.108 11.314  3.001   1.00 12.36 ? 225  GLY A N   1 
ATOM   845  C CA  . GLY A 1 113 ? -37.499 11.025  1.715   1.00 12.11 ? 225  GLY A CA  1 
ATOM   846  C C   . GLY A 1 113 ? -36.055 11.510  1.606   1.00 21.07 ? 225  GLY A C   1 
ATOM   847  O O   . GLY A 1 113 ? -35.512 11.614  0.512   1.00 20.66 ? 225  GLY A O   1 
ATOM   848  N N   . GLU A 1 114 ? -35.428 11.807  2.741   1.00 17.28 ? 226  GLU A N   1 
ATOM   849  C CA  . GLU A 1 114 ? -34.073 12.339  2.736   1.00 13.97 ? 226  GLU A CA  1 
ATOM   850  C C   . GLU A 1 114 ? -33.047 11.275  2.355   1.00 17.74 ? 226  GLU A C   1 
ATOM   851  O O   . GLU A 1 114 ? -33.261 10.092  2.583   1.00 16.25 ? 226  GLU A O   1 
ATOM   852  C CB  . GLU A 1 114 ? -33.726 12.926  4.109   1.00 13.98 ? 226  GLU A CB  1 
ATOM   853  C CG  . GLU A 1 114 ? -34.566 14.140  4.442   1.00 20.97 ? 226  GLU A CG  1 
ATOM   854  C CD  . GLU A 1 114 ? -34.150 14.816  5.721   1.00 24.30 ? 226  GLU A CD  1 
ATOM   855  O OE1 . GLU A 1 114 ? -33.154 14.384  6.344   1.00 19.98 ? 226  GLU A OE1 1 
ATOM   856  O OE2 . GLU A 1 114 ? -34.824 15.792  6.105   1.00 21.82 ? 226  GLU A OE2 1 
ATOM   857  N N   . GLU A 1 115 ? -31.930 11.704  1.781   1.00 18.33 ? 227  GLU A N   1 
ATOM   858  C CA  . GLU A 1 115 ? -30.800 10.800  1.566   1.00 19.12 ? 227  GLU A CA  1 
ATOM   859  C C   . GLU A 1 115 ? -29.566 11.432  2.197   1.00 24.77 ? 227  GLU A C   1 
ATOM   860  O O   . GLU A 1 115 ? -29.561 12.625  2.487   1.00 17.60 ? 227  GLU A O   1 
ATOM   861  C CB  . GLU A 1 115 ? -30.579 10.511  0.073   1.00 18.13 ? 227  GLU A CB  1 
ATOM   862  C CG  . GLU A 1 115 ? -30.189 11.729  -0.761  1.00 24.16 ? 227  GLU A CG  1 
ATOM   863  C CD  . GLU A 1 115 ? -29.731 11.364  -2.176  1.00 34.41 ? 227  GLU A CD  1 
ATOM   864  O OE1 . GLU A 1 115 ? -30.348 10.483  -2.813  1.00 31.39 ? 227  GLU A OE1 1 
ATOM   865  O OE2 . GLU A 1 115 ? -28.742 11.958  -2.647  1.00 39.10 ? 227  GLU A OE2 1 
ATOM   866  N N   . MET A 1 116 ? -28.534 10.633  2.442   1.00 16.62 ? 228  MET A N   1 
ATOM   867  C CA  . MET A 1 116 ? -27.294 11.168  2.998   1.00 14.81 ? 228  MET A CA  1 
ATOM   868  C C   . MET A 1 116 ? -26.118 10.424  2.369   1.00 19.46 ? 228  MET A C   1 
ATOM   869  O O   . MET A 1 116 ? -26.191 9.216   2.136   1.00 17.43 ? 228  MET A O   1 
ATOM   870  C CB  . MET A 1 116 ? -27.277 11.014  4.519   1.00 18.18 ? 228  MET A CB  1 
ATOM   871  C CG  . MET A 1 116 ? -26.078 11.658  5.204   1.00 26.20 ? 228  MET A CG  1 
ATOM   872  S SD  . MET A 1 116 ? -26.059 13.453  5.018   1.00 38.01 ? 228  MET A SD  1 
ATOM   873  C CE  . MET A 1 116 ? -27.707 13.846  5.641   1.00 24.76 ? 228  MET A CE  1 
ATOM   874  N N   . THR A 1 117 ? -25.047 11.147  2.065   1.00 17.57 ? 229  THR A N   1 
ATOM   875  C CA  . THR A 1 117 ? -23.883 10.525  1.438   1.00 20.14 ? 229  THR A CA  1 
ATOM   876  C C   . THR A 1 117 ? -22.682 10.551  2.378   1.00 19.81 ? 229  THR A C   1 
ATOM   877  O O   . THR A 1 117 ? -22.333 11.598  2.903   1.00 16.15 ? 229  THR A O   1 
ATOM   878  C CB  . THR A 1 117 ? -23.535 11.213  0.111   1.00 26.64 ? 229  THR A CB  1 
ATOM   879  O OG1 . THR A 1 117 ? -24.611 11.005  -0.816  1.00 20.18 ? 229  THR A OG1 1 
ATOM   880  C CG2 . THR A 1 117 ? -22.228 10.640  -0.486  1.00 18.42 ? 229  THR A CG2 1 
ATOM   881  N N   . PHE A 1 118 ? -22.080 9.389   2.610   1.00 14.53 ? 230  PHE A N   1 
ATOM   882  C CA  . PHE A 1 118 ? -20.857 9.295   3.425   1.00 14.66 ? 230  PHE A CA  1 
ATOM   883  C C   . PHE A 1 118 ? -19.660 9.143   2.490   1.00 13.18 ? 230  PHE A C   1 
ATOM   884  O O   . PHE A 1 118 ? -19.739 8.445   1.476   1.00 19.16 ? 230  PHE A O   1 
ATOM   885  C CB  . PHE A 1 118 ? -20.898 8.085   4.368   1.00 18.54 ? 230  PHE A CB  1 
ATOM   886  C CG  . PHE A 1 118 ? -22.196 7.932   5.115   1.00 17.98 ? 230  PHE A CG  1 
ATOM   887  C CD1 . PHE A 1 118 ? -22.929 6.756   5.028   1.00 23.23 ? 230  PHE A CD1 1 
ATOM   888  C CD2 . PHE A 1 118 ? -22.696 8.972   5.885   1.00 30.63 ? 230  PHE A CD2 1 
ATOM   889  C CE1 . PHE A 1 118 ? -24.133 6.618   5.704   1.00 28.06 ? 230  PHE A CE1 1 
ATOM   890  C CE2 . PHE A 1 118 ? -23.907 8.843   6.563   1.00 29.17 ? 230  PHE A CE2 1 
ATOM   891  C CZ  . PHE A 1 118 ? -24.624 7.667   6.471   1.00 20.18 ? 230  PHE A CZ  1 
ATOM   892  N N   . SER A 1 119 ? -18.554 9.783   2.839   1.00 19.49 ? 231  SER A N   1 
ATOM   893  C CA  . SER A 1 119 ? -17.368 9.759   1.992   1.00 24.32 ? 231  SER A CA  1 
ATOM   894  C C   . SER A 1 119 ? -16.174 9.117   2.682   1.00 16.89 ? 231  SER A C   1 
ATOM   895  O O   . SER A 1 119 ? -15.880 9.400   3.839   1.00 17.04 ? 231  SER A O   1 
ATOM   896  C CB  . SER A 1 119 ? -16.994 11.179  1.550   1.00 27.63 ? 231  SER A CB  1 
ATOM   897  O OG  . SER A 1 119 ? -17.983 11.714  0.693   1.00 32.56 ? 231  SER A OG  1 
ATOM   898  N N   . CYS A 1 120 ? -15.482 8.261   1.938   1.00 17.07 ? 232  CYS A N   1 
ATOM   899  C CA  A CYS A 1 120 ? -14.301 7.568   2.431   0.50 18.02 ? 232  CYS A CA  1 
ATOM   900  C CA  B CYS A 1 120 ? -14.280 7.601   2.424   0.50 17.91 ? 232  CYS A CA  1 
ATOM   901  C C   . CYS A 1 120 ? -13.296 7.438   1.287   1.00 21.11 ? 232  CYS A C   1 
ATOM   902  O O   . CYS A 1 120 ? -13.572 6.754   0.303   1.00 21.02 ? 232  CYS A O   1 
ATOM   903  C CB  A CYS A 1 120 ? -14.700 6.170   2.914   0.50 18.75 ? 232  CYS A CB  1 
ATOM   904  C CB  B CYS A 1 120 ? -14.603 6.220   2.983   0.50 18.78 ? 232  CYS A CB  1 
ATOM   905  S SG  A CYS A 1 120 ? -13.370 5.126   3.546   0.50 15.70 ? 232  CYS A SG  1 
ATOM   906  S SG  B CYS A 1 120 ? -14.761 6.194   4.762   0.50 38.09 ? 232  CYS A SG  1 
ATOM   907  N N   . ARG A 1 121 ? -12.150 8.083   1.413   1.00 14.18 ? 233  ARG A N   1 
ATOM   908  C CA  . ARG A 1 121 ? -11.081 7.895   0.427   1.00 20.88 ? 233  ARG A CA  1 
ATOM   909  C C   . ARG A 1 121 ? -9.874  7.286   1.140   1.00 28.11 ? 233  ARG A C   1 
ATOM   910  O O   . ARG A 1 121 ? -9.717  7.451   2.344   1.00 22.70 ? 233  ARG A O   1 
ATOM   911  C CB  . ARG A 1 121 ? -10.711 9.235   -0.200  1.00 24.85 ? 233  ARG A CB  1 
ATOM   912  C CG  . ARG A 1 121 ? -11.913 10.091  -0.550  1.00 50.08 ? 233  ARG A CG  1 
ATOM   913  C CD  . ARG A 1 121 ? -11.600 11.092  -1.649  1.00 38.35 ? 233  ARG A CD  1 
ATOM   914  N NE  . ARG A 1 121 ? -11.920 10.563  -2.973  1.00 79.34 ? 233  ARG A NE  1 
ATOM   915  C CZ  . ARG A 1 121 ? -11.024 10.298  -3.919  1.00 69.03 ? 233  ARG A CZ  1 
ATOM   916  N NH1 . ARG A 1 121 ? -9.734  10.521  -3.701  1.00 56.41 ? 233  ARG A NH1 1 
ATOM   917  N NH2 . ARG A 1 121 ? -11.423 9.818   -5.092  1.00 53.51 ? 233  ARG A NH2 1 
ATOM   918  N N   . ALA A 1 122 ? -9.015  6.587   0.414   1.00 19.47 ? 234  ALA A N   1 
ATOM   919  C CA  . ALA A 1 122 ? -7.865  5.962   1.056   1.00 23.13 ? 234  ALA A CA  1 
ATOM   920  C C   . ALA A 1 122 ? -6.610  6.088   0.207   1.00 18.31 ? 234  ALA A C   1 
ATOM   921  O O   . ALA A 1 122 ? -6.663  5.992   -1.017  1.00 24.78 ? 234  ALA A O   1 
ATOM   922  C CB  . ALA A 1 122 ? -8.156  4.493   1.360   1.00 23.13 ? 234  ALA A CB  1 
ATOM   923  N N   . SER A 1 123 ? -5.487  6.330   0.865   1.00 22.32 ? 235  SER A N   1 
ATOM   924  C CA  . SER A 1 123 ? -4.195  6.268   0.201   1.00 23.71 ? 235  SER A CA  1 
ATOM   925  C C   . SER A 1 123 ? -3.644  4.868   0.441   1.00 25.35 ? 235  SER A C   1 
ATOM   926  O O   . SER A 1 123 ? -4.159  4.136   1.285   1.00 19.57 ? 235  SER A O   1 
ATOM   927  C CB  . SER A 1 123 ? -3.255  7.317   0.782   1.00 18.70 ? 235  SER A CB  1 
ATOM   928  O OG  . SER A 1 123 ? -3.077  7.117   2.177   1.00 30.02 ? 235  SER A OG  1 
ATOM   929  N N   . GLY A 1 124 ? -2.602  4.495   -0.295  1.00 21.87 ? 236  GLY A N   1 
ATOM   930  C CA  . GLY A 1 124 ? -2.019  3.173   -0.156  1.00 21.05 ? 236  GLY A CA  1 
ATOM   931  C C   . GLY A 1 124 ? -1.530  2.593   -1.474  1.00 23.32 ? 236  GLY A C   1 
ATOM   932  O O   . GLY A 1 124 ? -1.953  3.014   -2.547  1.00 17.92 ? 236  GLY A O   1 
ATOM   933  N N   . SER A 1 125 ? -0.633  1.618   -1.384  1.00 13.86 ? 237  SER A N   1 
ATOM   934  C CA  . SER A 1 125 ? -0.103  0.931   -2.555  1.00 17.08 ? 237  SER A CA  1 
ATOM   935  C C   . SER A 1 125 ? 0.127   -0.520  -2.197  1.00 16.60 ? 237  SER A C   1 
ATOM   936  O O   . SER A 1 125 ? 0.803   -0.813  -1.213  1.00 17.66 ? 237  SER A O   1 
ATOM   937  C CB  . SER A 1 125 ? 1.228   1.549   -3.006  1.00 21.10 ? 237  SER A CB  1 
ATOM   938  O OG  . SER A 1 125 ? 1.176   2.963   -3.009  1.00 27.68 ? 237  SER A OG  1 
ATOM   939  N N   . PRO A 1 126 ? -0.436  -1.441  -2.992  1.00 14.79 ? 238  PRO A N   1 
ATOM   940  C CA  . PRO A 1 126 ? -1.283  -1.152  -4.163  1.00 20.85 ? 238  PRO A CA  1 
ATOM   941  C C   . PRO A 1 126 ? -2.580  -0.427  -3.792  1.00 21.24 ? 238  PRO A C   1 
ATOM   942  O O   . PRO A 1 126 ? -2.941  -0.347  -2.614  1.00 18.69 ? 238  PRO A O   1 
ATOM   943  C CB  . PRO A 1 126 ? -1.623  -2.551  -4.710  1.00 21.00 ? 238  PRO A CB  1 
ATOM   944  C CG  . PRO A 1 126 ? -0.536  -3.459  -4.159  1.00 22.04 ? 238  PRO A CG  1 
ATOM   945  C CD  . PRO A 1 126 ? -0.205  -2.881  -2.805  1.00 12.67 ? 238  PRO A CD  1 
ATOM   946  N N   . GLU A 1 127 ? -3.269  0.093   -4.802  1.00 22.28 ? 239  GLU A N   1 
ATOM   947  C CA  . GLU A 1 127 ? -4.515  0.826   -4.609  1.00 19.61 ? 239  GLU A CA  1 
ATOM   948  C C   . GLU A 1 127 ? -5.463  0.025   -3.725  1.00 13.41 ? 239  GLU A C   1 
ATOM   949  O O   . GLU A 1 127 ? -5.786  -1.116  -4.048  1.00 18.46 ? 239  GLU A O   1 
ATOM   950  C CB  . GLU A 1 127 ? -5.190  1.058   -5.965  1.00 20.54 ? 239  GLU A CB  1 
ATOM   951  C CG  . GLU A 1 127 ? -6.363  1.988   -5.871  1.00 18.61 ? 239  GLU A CG  1 
ATOM   952  C CD  . GLU A 1 127 ? -7.160  2.043   -7.159  1.00 26.79 ? 239  GLU A CD  1 
ATOM   953  O OE1 . GLU A 1 127 ? -6.736  1.434   -8.170  1.00 21.39 ? 239  GLU A OE1 1 
ATOM   954  O OE2 . GLU A 1 127 ? -8.209  2.707   -7.146  1.00 24.84 ? 239  GLU A OE2 1 
ATOM   955  N N   . PRO A 1 128 ? -5.902  0.620   -2.608  1.00 12.60 ? 240  PRO A N   1 
ATOM   956  C CA  . PRO A 1 128 ? -6.773  -0.065  -1.651  1.00 13.68 ? 240  PRO A CA  1 
ATOM   957  C C   . PRO A 1 128 ? -8.175  -0.226  -2.194  1.00 20.08 ? 240  PRO A C   1 
ATOM   958  O O   . PRO A 1 128 ? -8.678  0.666   -2.871  1.00 18.15 ? 240  PRO A O   1 
ATOM   959  C CB  . PRO A 1 128 ? -6.805  0.888   -0.449  1.00 16.87 ? 240  PRO A CB  1 
ATOM   960  C CG  . PRO A 1 128 ? -5.666  1.833   -0.652  1.00 25.32 ? 240  PRO A CG  1 
ATOM   961  C CD  . PRO A 1 128 ? -5.508  1.953   -2.131  1.00 14.89 ? 240  PRO A CD  1 
ATOM   962  N N   . ALA A 1 129 ? -8.791  -1.365  -1.905  1.00 15.40 ? 241  ALA A N   1 
ATOM   963  C CA  . ALA A 1 129 ? -10.189 -1.577  -2.251  1.00 16.48 ? 241  ALA A CA  1 
ATOM   964  C C   . ALA A 1 129 ? -11.042 -1.079  -1.078  1.00 20.28 ? 241  ALA A C   1 
ATOM   965  O O   . ALA A 1 129 ? -10.780 -1.408  0.078   1.00 17.08 ? 241  ALA A O   1 
ATOM   966  C CB  . ALA A 1 129 ? -10.447 -3.057  -2.508  1.00 19.99 ? 241  ALA A CB  1 
ATOM   967  N N   . ILE A 1 130 ? -12.055 -0.278  -1.383  1.00 23.47 ? 242  ILE A N   1 
ATOM   968  C CA  . ILE A 1 130 ? -12.932 0.276   -0.360  1.00 17.12 ? 242  ILE A CA  1 
ATOM   969  C C   . ILE A 1 130 ? -14.272 -0.451  -0.346  1.00 22.38 ? 242  ILE A C   1 
ATOM   970  O O   . ILE A 1 130 ? -14.864 -0.692  -1.393  1.00 17.37 ? 242  ILE A O   1 
ATOM   971  C CB  . ILE A 1 130 ? -13.151 1.782   -0.593  1.00 18.37 ? 242  ILE A CB  1 
ATOM   972  C CG1 . ILE A 1 130 ? -11.828 2.533   -0.387  1.00 22.26 ? 242  ILE A CG1 1 
ATOM   973  C CG2 . ILE A 1 130 ? -14.205 2.322   0.346   1.00 20.65 ? 242  ILE A CG2 1 
ATOM   974  C CD1 . ILE A 1 130 ? -11.942 4.020   -0.618  1.00 30.50 ? 242  ILE A CD1 1 
ATOM   975  N N   . SER A 1 131 ? -14.721 -0.834  0.844   1.00 21.99 ? 243  SER A N   1 
ATOM   976  C CA  A SER A 1 131 ? -16.020 -1.477  1.027   0.50 16.76 ? 243  SER A CA  1 
ATOM   977  C CA  B SER A 1 131 ? -16.029 -1.450  1.006   0.50 16.82 ? 243  SER A CA  1 
ATOM   978  C C   . SER A 1 131 ? -16.710 -0.870  2.241   1.00 21.23 ? 243  SER A C   1 
ATOM   979  O O   . SER A 1 131 ? -16.041 -0.401  3.161   1.00 15.23 ? 243  SER A O   1 
ATOM   980  C CB  A SER A 1 131 ? -15.861 -2.986  1.251   0.50 20.50 ? 243  SER A CB  1 
ATOM   981  C CB  B SER A 1 131 ? -15.886 -2.967  1.138   0.50 20.51 ? 243  SER A CB  1 
ATOM   982  O OG  A SER A 1 131 ? -15.198 -3.615  0.173   0.50 20.71 ? 243  SER A OG  1 
ATOM   983  O OG  B SER A 1 131 ? -14.865 -3.288  2.065   0.50 18.00 ? 243  SER A OG  1 
ATOM   984  N N   . TRP A 1 132 ? -18.043 -0.894  2.251   1.00 13.71 ? 244  TRP A N   1 
ATOM   985  C CA  . TRP A 1 132 ? -18.804 -0.351  3.365   1.00 11.47 ? 244  TRP A CA  1 
ATOM   986  C C   . TRP A 1 132 ? -19.534 -1.470  4.084   1.00 19.49 ? 244  TRP A C   1 
ATOM   987  O O   . TRP A 1 132 ? -19.975 -2.442  3.457   1.00 15.12 ? 244  TRP A O   1 
ATOM   988  C CB  . TRP A 1 132 ? -19.815 0.701   2.884   1.00 11.14 ? 244  TRP A CB  1 
ATOM   989  C CG  . TRP A 1 132 ? -19.178 1.959   2.404   1.00 12.44 ? 244  TRP A CG  1 
ATOM   990  C CD1 . TRP A 1 132 ? -18.645 2.188   1.165   1.00 15.33 ? 244  TRP A CD1 1 
ATOM   991  C CD2 . TRP A 1 132 ? -19.002 3.170   3.148   1.00 13.50 ? 244  TRP A CD2 1 
ATOM   992  N NE1 . TRP A 1 132 ? -18.146 3.470   1.098   1.00 14.15 ? 244  TRP A NE1 1 
ATOM   993  C CE2 . TRP A 1 132 ? -18.356 4.094   2.300   1.00 16.27 ? 244  TRP A CE2 1 
ATOM   994  C CE3 . TRP A 1 132 ? -19.332 3.564   4.449   1.00 13.94 ? 244  TRP A CE3 1 
ATOM   995  C CZ2 . TRP A 1 132 ? -18.031 5.385   2.711   1.00 12.51 ? 244  TRP A CZ2 1 
ATOM   996  C CZ3 . TRP A 1 132 ? -19.005 4.847   4.855   1.00 15.36 ? 244  TRP A CZ3 1 
ATOM   997  C CH2 . TRP A 1 132 ? -18.361 5.738   3.992   1.00 12.14 ? 244  TRP A CH2 1 
ATOM   998  N N   . PHE A 1 133 ? -19.674 -1.317  5.399   1.00 14.92 ? 245  PHE A N   1 
ATOM   999  C CA  . PHE A 1 133 ? -20.339 -2.318  6.225   1.00 15.56 ? 245  PHE A CA  1 
ATOM   1000 C C   . PHE A 1 133 ? -21.385 -1.687  7.132   1.00 16.34 ? 245  PHE A C   1 
ATOM   1001 O O   . PHE A 1 133 ? -21.227 -0.564  7.614   1.00 13.44 ? 245  PHE A O   1 
ATOM   1002 C CB  . PHE A 1 133 ? -19.318 -3.086  7.070   1.00 12.63 ? 245  PHE A CB  1 
ATOM   1003 C CG  . PHE A 1 133 ? -18.339 -3.868  6.245   1.00 18.25 ? 245  PHE A CG  1 
ATOM   1004 C CD1 . PHE A 1 133 ? -18.531 -5.222  6.020   1.00 21.76 ? 245  PHE A CD1 1 
ATOM   1005 C CD2 . PHE A 1 133 ? -17.263 -3.238  5.645   1.00 17.75 ? 245  PHE A CD2 1 
ATOM   1006 C CE1 . PHE A 1 133 ? -17.639 -5.944  5.232   1.00 26.72 ? 245  PHE A CE1 1 
ATOM   1007 C CE2 . PHE A 1 133 ? -16.378 -3.944  4.857   1.00 17.10 ? 245  PHE A CE2 1 
ATOM   1008 C CZ  . PHE A 1 133 ? -16.568 -5.302  4.651   1.00 20.08 ? 245  PHE A CZ  1 
ATOM   1009 N N   . ARG A 1 134 ? -22.440 -2.442  7.379   1.00 14.63 ? 246  ARG A N   1 
ATOM   1010 C CA  . ARG A 1 134 ? -23.521 -1.996  8.241   1.00 18.25 ? 246  ARG A CA  1 
ATOM   1011 C C   . ARG A 1 134 ? -23.869 -3.200  9.107   1.00 21.50 ? 246  ARG A C   1 
ATOM   1012 O O   . ARG A 1 134 ? -24.210 -4.270  8.587   1.00 18.30 ? 246  ARG A O   1 
ATOM   1013 C CB  . ARG A 1 134 ? -24.705 -1.552  7.382   1.00 17.83 ? 246  ARG A CB  1 
ATOM   1014 C CG  . ARG A 1 134 ? -25.991 -1.293  8.139   1.00 21.26 ? 246  ARG A CG  1 
ATOM   1015 C CD  . ARG A 1 134 ? -25.841 -0.196  9.184   1.00 17.58 ? 246  ARG A CD  1 
ATOM   1016 N NE  . ARG A 1 134 ? -27.165 0.202   9.657   1.00 20.52 ? 246  ARG A NE  1 
ATOM   1017 C CZ  . ARG A 1 134 ? -27.411 1.171   10.528  1.00 25.49 ? 246  ARG A CZ  1 
ATOM   1018 N NH1 . ARG A 1 134 ? -26.414 1.879   11.063  1.00 12.31 ? 246  ARG A NH1 1 
ATOM   1019 N NH2 . ARG A 1 134 ? -28.669 1.427   10.867  1.00 16.80 ? 246  ARG A NH2 1 
ATOM   1020 N N   . ASN A 1 135 ? -23.705 -3.043  10.417  1.00 19.92 ? 247  ASN A N   1 
ATOM   1021 C CA  . ASN A 1 135 ? -23.853 -4.150  11.356  1.00 25.46 ? 247  ASN A CA  1 
ATOM   1022 C C   . ASN A 1 135 ? -22.941 -5.325  11.025  1.00 28.18 ? 247  ASN A C   1 
ATOM   1023 O O   . ASN A 1 135 ? -23.321 -6.470  11.209  1.00 30.43 ? 247  ASN A O   1 
ATOM   1024 C CB  . ASN A 1 135 ? -25.309 -4.615  11.400  1.00 25.15 ? 247  ASN A CB  1 
ATOM   1025 C CG  . ASN A 1 135 ? -26.275 -3.468  11.662  1.00 34.72 ? 247  ASN A CG  1 
ATOM   1026 O OD1 . ASN A 1 135 ? -27.327 -3.365  11.032  1.00 49.58 ? 247  ASN A OD1 1 
ATOM   1027 N ND2 . ASN A 1 135 ? -25.907 -2.588  12.588  1.00 42.26 ? 247  ASN A ND2 1 
ATOM   1028 N N   . GLY A 1 136 ? -21.746 -5.039  10.521  1.00 24.21 ? 248  GLY A N   1 
ATOM   1029 C CA  . GLY A 1 136 ? -20.797 -6.083  10.162  1.00 16.13 ? 248  GLY A CA  1 
ATOM   1030 C C   . GLY A 1 136 ? -21.070 -6.762  8.830   1.00 25.37 ? 248  GLY A C   1 
ATOM   1031 O O   . GLY A 1 136 ? -20.324 -7.640  8.400   1.00 25.57 ? 248  GLY A O   1 
ATOM   1032 N N   . LYS A 1 137 ? -22.149 -6.362  8.172   1.00 16.01 ? 249  LYS A N   1 
ATOM   1033 C CA  . LYS A 1 137 ? -22.508 -6.942  6.878   1.00 20.52 ? 249  LYS A CA  1 
ATOM   1034 C C   . LYS A 1 137 ? -22.109 -6.053  5.714   1.00 20.82 ? 249  LYS A C   1 
ATOM   1035 O O   . LYS A 1 137 ? -22.352 -4.843  5.727   1.00 17.68 ? 249  LYS A O   1 
ATOM   1036 C CB  . LYS A 1 137 ? -24.012 -7.227  6.823   1.00 23.34 ? 249  LYS A CB  1 
ATOM   1037 C CG  . LYS A 1 137 ? -24.456 -8.273  7.830   1.00 31.27 ? 249  LYS A CG  1 
ATOM   1038 C CD  . LYS A 1 137 ? -25.943 -8.164  8.150   1.00 41.15 ? 249  LYS A CD  1 
ATOM   1039 C CE  . LYS A 1 137 ? -26.370 -9.255  9.116   1.00 48.81 ? 249  LYS A CE  1 
ATOM   1040 N NZ  . LYS A 1 137 ? -26.112 -10.615 8.559   1.00 46.60 ? 249  LYS A NZ  1 
ATOM   1041 N N   . LEU A 1 138 ? -21.515 -6.671  4.696   1.00 18.80 ? 250  LEU A N   1 
ATOM   1042 C CA  . LEU A 1 138 ? -21.120 -5.960  3.495   1.00 21.49 ? 250  LEU A CA  1 
ATOM   1043 C C   . LEU A 1 138 ? -22.331 -5.304  2.843   1.00 21.93 ? 250  LEU A C   1 
ATOM   1044 O O   . LEU A 1 138 ? -23.349 -5.950  2.607   1.00 25.18 ? 250  LEU A O   1 
ATOM   1045 C CB  . LEU A 1 138 ? -20.458 -6.913  2.496   1.00 16.13 ? 250  LEU A CB  1 
ATOM   1046 C CG  . LEU A 1 138 ? -20.070 -6.255  1.174   1.00 25.92 ? 250  LEU A CG  1 
ATOM   1047 C CD1 . LEU A 1 138 ? -18.956 -5.240  1.404   1.00 16.36 ? 250  LEU A CD1 1 
ATOM   1048 C CD2 . LEU A 1 138 ? -19.637 -7.315  0.166   1.00 29.20 ? 250  LEU A CD2 1 
ATOM   1049 N N   . ILE A 1 139 ? -22.211 -4.015  2.559   1.00 15.29 ? 251  ILE A N   1 
ATOM   1050 C CA  . ILE A 1 139 ? -23.261 -3.275  1.874   1.00 20.56 ? 251  ILE A CA  1 
ATOM   1051 C C   . ILE A 1 139 ? -23.060 -3.409  0.369   1.00 27.68 ? 251  ILE A C   1 
ATOM   1052 O O   . ILE A 1 139 ? -21.970 -3.142  -0.138  1.00 26.25 ? 251  ILE A O   1 
ATOM   1053 C CB  . ILE A 1 139 ? -23.213 -1.781  2.220   1.00 20.46 ? 251  ILE A CB  1 
ATOM   1054 C CG1 . ILE A 1 139 ? -23.764 -1.537  3.630   1.00 23.08 ? 251  ILE A CG1 1 
ATOM   1055 C CG2 . ILE A 1 139 ? -24.015 -0.969  1.188   1.00 19.55 ? 251  ILE A CG2 1 
ATOM   1056 C CD1 . ILE A 1 139 ? -23.601 -0.111  4.116   1.00 19.41 ? 251  ILE A CD1 1 
ATOM   1057 N N   . GLU A 1 140 ? -24.104 -3.831  -0.333  1.00 25.61 ? 252  GLU A N   1 
ATOM   1058 C CA  . GLU A 1 140 ? -24.086 -3.882  -1.796  1.00 28.78 ? 252  GLU A CA  1 
ATOM   1059 C C   . GLU A 1 140 ? -25.151 -2.961  -2.389  1.00 28.13 ? 252  GLU A C   1 
ATOM   1060 O O   . GLU A 1 140 ? -26.213 -2.768  -1.799  1.00 28.07 ? 252  GLU A O   1 
ATOM   1061 C CB  . GLU A 1 140 ? -24.278 -5.311  -2.292  1.00 34.57 ? 252  GLU A CB  1 
ATOM   1062 C CG  . GLU A 1 140 ? -23.003 -6.131  -2.249  1.00 48.23 ? 252  GLU A CG  1 
ATOM   1063 C CD  . GLU A 1 140 ? -23.265 -7.614  -2.329  1.00 60.28 ? 252  GLU A CD  1 
ATOM   1064 O OE1 . GLU A 1 140 ? -24.352 -8.049  -1.890  1.00 70.84 ? 252  GLU A OE1 1 
ATOM   1065 O OE2 . GLU A 1 140 ? -22.381 -8.347  -2.825  1.00 79.51 ? 252  GLU A OE2 1 
ATOM   1066 N N   . GLU A 1 141 ? -24.846 -2.381  -3.545  1.00 26.26 ? 253  GLU A N   1 
ATOM   1067 C CA  . GLU A 1 141 ? -25.730 -1.407  -4.177  1.00 33.47 ? 253  GLU A CA  1 
ATOM   1068 C C   . GLU A 1 141 ? -27.083 -2.026  -4.502  1.00 35.83 ? 253  GLU A C   1 
ATOM   1069 O O   . GLU A 1 141 ? -27.169 -3.164  -4.964  1.00 32.05 ? 253  GLU A O   1 
ATOM   1070 C CB  . GLU A 1 141 ? -25.083 -0.796  -5.427  1.00 30.10 ? 253  GLU A CB  1 
ATOM   1071 C CG  . GLU A 1 141 ? -25.930 0.277   -6.095  1.00 44.36 ? 253  GLU A CG  1 
ATOM   1072 C CD  . GLU A 1 141 ? -25.165 1.089   -7.125  1.00 43.45 ? 253  GLU A CD  1 
ATOM   1073 O OE1 . GLU A 1 141 ? -24.349 1.947   -6.729  1.00 30.98 ? 253  GLU A OE1 1 
ATOM   1074 O OE2 . GLU A 1 141 ? -25.390 0.884   -8.335  1.00 79.51 ? 253  GLU A OE2 1 
ATOM   1075 N N   . ASN A 1 142 ? -28.138 -1.269  -4.218  1.00 38.42 ? 254  ASN A N   1 
ATOM   1076 C CA  . ASN A 1 142 ? -29.506 -1.680  -4.498  1.00 33.31 ? 254  ASN A CA  1 
ATOM   1077 C C   . ASN A 1 142 ? -30.403 -0.447  -4.421  1.00 36.26 ? 254  ASN A C   1 
ATOM   1078 O O   . ASN A 1 142 ? -29.930 0.668   -4.644  1.00 39.21 ? 254  ASN A O   1 
ATOM   1079 C CB  . ASN A 1 142 ? -29.967 -2.782  -3.534  1.00 27.30 ? 254  ASN A CB  1 
ATOM   1080 C CG  . ASN A 1 142 ? -29.899 -2.353  -2.070  1.00 40.54 ? 254  ASN A CG  1 
ATOM   1081 O OD1 . ASN A 1 142 ? -29.755 -1.172  -1.758  1.00 27.18 ? 254  ASN A OD1 1 
ATOM   1082 N ND2 . ASN A 1 142 ? -30.009 -3.321  -1.166  1.00 35.97 ? 254  ASN A ND2 1 
ATOM   1083 N N   . GLU A 1 143 ? -31.678 -0.625  -4.093  1.00 31.98 ? 255  GLU A N   1 
ATOM   1084 C CA  . GLU A 1 143 ? -32.587 0.519   -4.004  1.00 42.83 ? 255  GLU A CA  1 
ATOM   1085 C C   . GLU A 1 143 ? -32.318 1.412   -2.786  1.00 29.85 ? 255  GLU A C   1 
ATOM   1086 O O   . GLU A 1 143 ? -32.577 2.614   -2.813  1.00 38.33 ? 255  GLU A O   1 
ATOM   1087 C CB  . GLU A 1 143 ? -34.045 0.058   -4.023  1.00 46.41 ? 255  GLU A CB  1 
ATOM   1088 C CG  . GLU A 1 143 ? -34.518 -0.396  -5.397  1.00 67.06 ? 255  GLU A CG  1 
ATOM   1089 C CD  . GLU A 1 143 ? -36.032 -0.470  -5.502  1.00 79.51 ? 255  GLU A CD  1 
ATOM   1090 O OE1 . GLU A 1 143 ? -36.718 -0.248  -4.479  1.00 79.51 ? 255  GLU A OE1 1 
ATOM   1091 O OE2 . GLU A 1 143 ? -36.535 -0.750  -6.612  1.00 79.51 ? 255  GLU A OE2 1 
ATOM   1092 N N   . LYS A 1 144 ? -31.781 0.815   -1.728  1.00 28.91 ? 256  LYS A N   1 
ATOM   1093 C CA  . LYS A 1 144 ? -31.507 1.529   -0.482  1.00 26.19 ? 256  LYS A CA  1 
ATOM   1094 C C   . LYS A 1 144 ? -30.141 2.227   -0.481  1.00 27.38 ? 256  LYS A C   1 
ATOM   1095 O O   . LYS A 1 144 ? -30.010 3.358   -0.011  1.00 24.62 ? 256  LYS A O   1 
ATOM   1096 C CB  . LYS A 1 144 ? -31.573 0.545   0.686   1.00 24.19 ? 256  LYS A CB  1 
ATOM   1097 C CG  . LYS A 1 144 ? -31.388 1.180   2.046   1.00 25.31 ? 256  LYS A CG  1 
ATOM   1098 C CD  . LYS A 1 144 ? -32.499 2.149   2.323   1.00 31.62 ? 256  LYS A CD  1 
ATOM   1099 C CE  . LYS A 1 144 ? -32.437 2.665   3.736   1.00 21.01 ? 256  LYS A CE  1 
ATOM   1100 N NZ  . LYS A 1 144 ? -33.667 3.459   4.032   1.00 21.13 ? 256  LYS A NZ  1 
ATOM   1101 N N   . TYR A 1 145 ? -29.130 1.540   -1.007  1.00 19.22 ? 257  TYR A N   1 
ATOM   1102 C CA  . TYR A 1 145 ? -27.753 2.031   -0.959  1.00 17.96 ? 257  TYR A CA  1 
ATOM   1103 C C   . TYR A 1 145 ? -27.186 2.260   -2.355  1.00 24.76 ? 257  TYR A C   1 
ATOM   1104 O O   . TYR A 1 145 ? -27.235 1.372   -3.207  1.00 25.37 ? 257  TYR A O   1 
ATOM   1105 C CB  . TYR A 1 145 ? -26.857 1.023   -0.228  1.00 14.97 ? 257  TYR A CB  1 
ATOM   1106 C CG  . TYR A 1 145 ? -27.341 0.666   1.158   1.00 15.56 ? 257  TYR A CG  1 
ATOM   1107 C CD1 . TYR A 1 145 ? -27.345 1.610   2.175   1.00 12.82 ? 257  TYR A CD1 1 
ATOM   1108 C CD2 . TYR A 1 145 ? -27.772 -0.618  1.450   1.00 18.99 ? 257  TYR A CD2 1 
ATOM   1109 C CE1 . TYR A 1 145 ? -27.782 1.286   3.450   1.00 17.50 ? 257  TYR A CE1 1 
ATOM   1110 C CE2 . TYR A 1 145 ? -28.206 -0.957  2.720   1.00 22.00 ? 257  TYR A CE2 1 
ATOM   1111 C CZ  . TYR A 1 145 ? -28.210 0.003   3.713   1.00 26.01 ? 257  TYR A CZ  1 
ATOM   1112 O OH  . TYR A 1 145 ? -28.645 -0.325  4.974   1.00 25.16 ? 257  TYR A OH  1 
ATOM   1113 N N   . ILE A 1 146 ? -26.644 3.452   -2.579  1.00 19.47 ? 258  ILE A N   1 
ATOM   1114 C CA  . ILE A 1 146 ? -25.954 3.756   -3.817  1.00 18.02 ? 258  ILE A CA  1 
ATOM   1115 C C   . ILE A 1 146 ? -24.444 3.857   -3.549  1.00 19.85 ? 258  ILE A C   1 
ATOM   1116 O O   . ILE A 1 146 ? -24.029 4.526   -2.608  1.00 20.11 ? 258  ILE A O   1 
ATOM   1117 C CB  . ILE A 1 146 ? -26.446 5.088   -4.424  1.00 21.78 ? 258  ILE A CB  1 
ATOM   1118 C CG1 . ILE A 1 146 ? -27.978 5.143   -4.451  1.00 30.63 ? 258  ILE A CG1 1 
ATOM   1119 C CG2 . ILE A 1 146 ? -25.854 5.291   -5.813  1.00 30.63 ? 258  ILE A CG2 1 
ATOM   1120 C CD1 . ILE A 1 146 ? -28.635 3.891   -4.976  1.00 33.36 ? 258  ILE A CD1 1 
ATOM   1121 N N   . LEU A 1 147 ? -23.632 3.195   -4.368  1.00 23.13 ? 259  LEU A N   1 
ATOM   1122 C CA  . LEU A 1 147 ? -22.172 3.334   -4.262  1.00 23.79 ? 259  LEU A CA  1 
ATOM   1123 C C   . LEU A 1 147 ? -21.594 4.004   -5.506  1.00 31.92 ? 259  LEU A C   1 
ATOM   1124 O O   . LEU A 1 147 ? -21.853 3.577   -6.633  1.00 24.98 ? 259  LEU A O   1 
ATOM   1125 C CB  . LEU A 1 147 ? -21.508 1.978   -4.003  1.00 20.40 ? 259  LEU A CB  1 
ATOM   1126 C CG  . LEU A 1 147 ? -21.781 1.368   -2.616  1.00 19.13 ? 259  LEU A CG  1 
ATOM   1127 C CD1 . LEU A 1 147 ? -21.668 -0.158  -2.640  1.00 24.55 ? 259  LEU A CD1 1 
ATOM   1128 C CD2 . LEU A 1 147 ? -20.860 1.961   -1.552  1.00 20.00 ? 259  LEU A CD2 1 
ATOM   1129 N N   . LYS A 1 148 ? -20.818 5.061   -5.288  1.00 22.92 ? 260  LYS A N   1 
ATOM   1130 C CA  . LYS A 1 148 ? -20.247 5.860   -6.370  1.00 29.53 ? 260  LYS A CA  1 
ATOM   1131 C C   . LYS A 1 148 ? -18.748 6.102   -6.192  1.00 29.50 ? 260  LYS A C   1 
ATOM   1132 O O   . LYS A 1 148 ? -18.219 6.064   -5.077  1.00 20.95 ? 260  LYS A O   1 
ATOM   1133 C CB  . LYS A 1 148 ? -20.964 7.215   -6.462  1.00 23.47 ? 260  LYS A CB  1 
ATOM   1134 C CG  . LYS A 1 148 ? -21.800 7.412   -7.716  1.00 56.95 ? 260  LYS A CG  1 
ATOM   1135 C CD  . LYS A 1 148 ? -22.827 6.311   -7.919  1.00 46.99 ? 260  LYS A CD  1 
ATOM   1136 C CE  . LYS A 1 148 ? -23.620 6.544   -9.200  1.00 61.90 ? 260  LYS A CE  1 
ATOM   1137 N NZ  . LYS A 1 148 ? -24.630 5.483   -9.466  1.00 61.33 ? 260  LYS A NZ  1 
ATOM   1138 N N   . GLY A 1 149 ? -18.068 6.365   -7.300  1.00 26.95 ? 261  GLY A N   1 
ATOM   1139 C CA  . GLY A 1 149 ? -16.671 6.750   -7.264  1.00 19.92 ? 261  GLY A CA  1 
ATOM   1140 C C   . GLY A 1 149 ? -15.761 5.700   -6.663  1.00 23.48 ? 261  GLY A C   1 
ATOM   1141 O O   . GLY A 1 149 ? -15.017 5.978   -5.723  1.00 25.19 ? 261  GLY A O   1 
ATOM   1142 N N   . SER A 1 150 ? -15.814 4.494   -7.213  1.00 22.52 ? 262  SER A N   1 
ATOM   1143 C CA  . SER A 1 150 ? -15.006 3.391   -6.706  1.00 39.10 ? 262  SER A CA  1 
ATOM   1144 C C   . SER A 1 150 ? -15.324 3.129   -5.235  1.00 31.39 ? 262  SER A C   1 
ATOM   1145 O O   . SER A 1 150 ? -14.422 2.889   -4.431  1.00 22.69 ? 262  SER A O   1 
ATOM   1146 C CB  . SER A 1 150 ? -13.507 3.680   -6.880  1.00 32.63 ? 262  SER A CB  1 
ATOM   1147 O OG  . SER A 1 150 ? -13.163 3.887   -8.241  1.00 29.93 ? 262  SER A OG  1 
ATOM   1148 N N   . ASN A 1 151 ? -16.609 3.190   -4.894  1.00 24.59 ? 263  ASN A N   1 
ATOM   1149 C CA  . ASN A 1 151 ? -17.074 2.937   -3.535  1.00 20.21 ? 263  ASN A CA  1 
ATOM   1150 C C   . ASN A 1 151 ? -16.638 3.968   -2.500  1.00 16.96 ? 263  ASN A C   1 
ATOM   1151 O O   . ASN A 1 151 ? -16.765 3.726   -1.302  1.00 23.66 ? 263  ASN A O   1 
ATOM   1152 C CB  . ASN A 1 151 ? -16.631 1.558   -3.052  1.00 17.76 ? 263  ASN A CB  1 
ATOM   1153 C CG  . ASN A 1 151 ? -17.403 0.441   -3.688  1.00 36.17 ? 263  ASN A CG  1 
ATOM   1154 O OD1 . ASN A 1 151 ? -18.280 0.668   -4.521  1.00 24.89 ? 263  ASN A OD1 1 
ATOM   1155 N ND2 . ASN A 1 151 ? -17.087 -0.788  -3.293  1.00 29.16 ? 263  ASN A ND2 1 
ATOM   1156 N N   . THR A 1 152 ? -16.130 5.113   -2.941  1.00 16.81 ? 264  THR A N   1 
ATOM   1157 C CA  . THR A 1 152 ? -15.707 6.131   -1.980  1.00 19.10 ? 264  THR A CA  1 
ATOM   1158 C C   . THR A 1 152 ? -16.888 6.941   -1.452  1.00 21.49 ? 264  THR A C   1 
ATOM   1159 O O   . THR A 1 152 ? -16.771 7.618   -0.431  1.00 21.20 ? 264  THR A O   1 
ATOM   1160 C CB  . THR A 1 152 ? -14.679 7.097   -2.571  1.00 23.44 ? 264  THR A CB  1 
ATOM   1161 O OG1 . THR A 1 152 ? -15.242 7.735   -3.725  1.00 22.82 ? 264  THR A OG1 1 
ATOM   1162 C CG2 . THR A 1 152 ? -13.387 6.350   -2.949  1.00 23.05 ? 264  THR A CG2 1 
ATOM   1163 N N   . GLU A 1 153 ? -18.018 6.877   -2.154  1.00 18.93 ? 265  GLU A N   1 
ATOM   1164 C CA  . GLU A 1 153 ? -19.223 7.569   -1.697  1.00 25.54 ? 265  GLU A CA  1 
ATOM   1165 C C   . GLU A 1 153 ? -20.394 6.612   -1.541  1.00 14.52 ? 265  GLU A C   1 
ATOM   1166 O O   . GLU A 1 153 ? -20.846 6.006   -2.503  1.00 18.04 ? 265  GLU A O   1 
ATOM   1167 C CB  . GLU A 1 153 ? -19.589 8.721   -2.633  1.00 16.94 ? 265  GLU A CB  1 
ATOM   1168 C CG  . GLU A 1 153 ? -18.486 9.758   -2.724  1.00 35.14 ? 265  GLU A CG  1 
ATOM   1169 C CD  . GLU A 1 153 ? -18.958 11.077  -3.283  1.00 51.00 ? 265  GLU A CD  1 
ATOM   1170 O OE1 . GLU A 1 153 ? -19.770 11.062  -4.227  1.00 48.63 ? 265  GLU A OE1 1 
ATOM   1171 O OE2 . GLU A 1 153 ? -18.510 12.130  -2.783  1.00 71.28 ? 265  GLU A OE2 1 
ATOM   1172 N N   . LEU A 1 154 ? -20.862 6.479   -0.305  1.00 16.32 ? 266  LEU A N   1 
ATOM   1173 C CA  . LEU A 1 154 ? -22.018 5.650   -0.006  1.00 19.36 ? 266  LEU A CA  1 
ATOM   1174 C C   . LEU A 1 154 ? -23.204 6.573   0.245   1.00 19.44 ? 266  LEU A C   1 
ATOM   1175 O O   . LEU A 1 154 ? -23.130 7.450   1.097   1.00 15.26 ? 266  LEU A O   1 
ATOM   1176 C CB  . LEU A 1 154 ? -21.764 4.813   1.248   1.00 18.41 ? 266  LEU A CB  1 
ATOM   1177 C CG  . LEU A 1 154 ? -22.990 4.118   1.857   1.00 17.12 ? 266  LEU A CG  1 
ATOM   1178 C CD1 . LEU A 1 154 ? -23.575 3.118   0.869   1.00 16.57 ? 266  LEU A CD1 1 
ATOM   1179 C CD2 . LEU A 1 154 ? -22.618 3.422   3.153   1.00 13.91 ? 266  LEU A CD2 1 
ATOM   1180 N N   . THR A 1 155 ? -24.291 6.366   -0.489  1.00 20.56 ? 267  THR A N   1 
ATOM   1181 C CA  . THR A 1 155 ? -25.513 7.140   -0.277  1.00 20.74 ? 267  THR A CA  1 
ATOM   1182 C C   . THR A 1 155 ? -26.599 6.260   0.335   1.00 18.87 ? 267  THR A C   1 
ATOM   1183 O O   . THR A 1 155 ? -26.930 5.199   -0.206  1.00 16.13 ? 267  THR A O   1 
ATOM   1184 C CB  . THR A 1 155 ? -26.040 7.743   -1.600  1.00 26.34 ? 267  THR A CB  1 
ATOM   1185 O OG1 . THR A 1 155 ? -25.089 8.690   -2.105  1.00 19.02 ? 267  THR A OG1 1 
ATOM   1186 C CG2 . THR A 1 155 ? -27.390 8.436   -1.383  1.00 19.05 ? 267  THR A CG2 1 
ATOM   1187 N N   . VAL A 1 156 ? -27.141 6.686   1.471   1.00 13.39 ? 268  VAL A N   1 
ATOM   1188 C CA  . VAL A 1 156 ? -28.268 5.974   2.056   1.00 16.90 ? 268  VAL A CA  1 
ATOM   1189 C C   . VAL A 1 156 ? -29.525 6.741   1.661   1.00 16.37 ? 268  VAL A C   1 
ATOM   1190 O O   . VAL A 1 156 ? -29.640 7.924   1.947   1.00 14.83 ? 268  VAL A O   1 
ATOM   1191 C CB  . VAL A 1 156 ? -28.150 5.883   3.580   1.00 19.90 ? 268  VAL A CB  1 
ATOM   1192 C CG1 . VAL A 1 156 ? -29.353 5.134   4.167   1.00 13.03 ? 268  VAL A CG1 1 
ATOM   1193 C CG2 . VAL A 1 156 ? -26.819 5.198   3.963   1.00 13.47 ? 268  VAL A CG2 1 
ATOM   1194 N N   . ARG A 1 157 ? -30.444 6.067   0.977   1.00 19.59 ? 269  ARG A N   1 
ATOM   1195 C CA  . ARG A 1 157 ? -31.649 6.714   0.452   1.00 18.33 ? 269  ARG A CA  1 
ATOM   1196 C C   . ARG A 1 157 ? -32.864 6.522   1.361   1.00 13.46 ? 269  ARG A C   1 
ATOM   1197 O O   . ARG A 1 157 ? -32.901 5.595   2.160   1.00 14.77 ? 269  ARG A O   1 
ATOM   1198 C CB  . ARG A 1 157 ? -31.962 6.155   -0.935  1.00 18.16 ? 269  ARG A CB  1 
ATOM   1199 C CG  . ARG A 1 157 ? -30.834 6.391   -1.937  1.00 26.48 ? 269  ARG A CG  1 
ATOM   1200 C CD  . ARG A 1 157 ? -31.237 5.974   -3.340  1.00 32.51 ? 269  ARG A CD  1 
ATOM   1201 N NE  . ARG A 1 157 ? -32.398 6.723   -3.810  1.00 41.89 ? 269  ARG A NE  1 
ATOM   1202 C CZ  . ARG A 1 157 ? -33.579 6.175   -4.077  1.00 51.35 ? 269  ARG A CZ  1 
ATOM   1203 N NH1 . ARG A 1 157 ? -34.589 6.929   -4.498  1.00 40.04 ? 269  ARG A NH1 1 
ATOM   1204 N NH2 . ARG A 1 157 ? -33.746 4.869   -3.931  1.00 46.04 ? 269  ARG A NH2 1 
ATOM   1205 N N   . ASN A 1 158 ? -33.863 7.391   1.219   1.00 17.52 ? 270  ASN A N   1 
ATOM   1206 C CA  . ASN A 1 158 ? -35.120 7.239   1.960   1.00 14.87 ? 270  ASN A CA  1 
ATOM   1207 C C   . ASN A 1 158 ? -34.909 6.933   3.437   1.00 14.93 ? 270  ASN A C   1 
ATOM   1208 O O   . ASN A 1 158 ? -35.365 5.913   3.959   1.00 13.67 ? 270  ASN A O   1 
ATOM   1209 C CB  . ASN A 1 158 ? -36.007 6.187   1.292   1.00 18.22 ? 270  ASN A CB  1 
ATOM   1210 C CG  . ASN A 1 158 ? -36.481 6.634   -0.075  1.00 29.32 ? 270  ASN A CG  1 
ATOM   1211 O OD1 . ASN A 1 158 ? -37.044 7.716   -0.218  1.00 20.96 ? 270  ASN A OD1 1 
ATOM   1212 N ND2 . ASN A 1 158 ? -36.228 5.823   -1.091  1.00 22.28 ? 270  ASN A ND2 1 
ATOM   1213 N N   . ILE A 1 159 ? -34.211 7.846   4.101   1.00 15.54 ? 271  ILE A N   1 
ATOM   1214 C CA  . ILE A 1 159 ? -33.836 7.653   5.489   1.00 15.34 ? 271  ILE A CA  1 
ATOM   1215 C C   . ILE A 1 159 ? -35.054 7.521   6.416   1.00 17.07 ? 271  ILE A C   1 
ATOM   1216 O O   . ILE A 1 159 ? -35.984 8.341   6.383   1.00 14.94 ? 271  ILE A O   1 
ATOM   1217 C CB  . ILE A 1 159 ? -32.883 8.774   5.957   1.00 14.69 ? 271  ILE A CB  1 
ATOM   1218 C CG1 . ILE A 1 159 ? -31.518 8.590   5.269   1.00 16.40 ? 271  ILE A CG1 1 
ATOM   1219 C CG2 . ILE A 1 159 ? -32.756 8.769   7.487   1.00 11.11 ? 271  ILE A CG2 1 
ATOM   1220 C CD1 . ILE A 1 159 ? -30.578 9.783   5.374   1.00 17.82 ? 271  ILE A CD1 1 
ATOM   1221 N N   . ILE A 1 160 ? -35.037 6.461   7.221   1.00 11.41 ? 272  ILE A N   1 
ATOM   1222 C CA  . ILE A 1 160 ? -36.012 6.247   8.287   1.00 15.67 ? 272  ILE A CA  1 
ATOM   1223 C C   . ILE A 1 160 ? -35.246 5.908   9.568   1.00 18.65 ? 272  ILE A C   1 
ATOM   1224 O O   . ILE A 1 160 ? -34.017 5.846   9.553   1.00 14.60 ? 272  ILE A O   1 
ATOM   1225 C CB  . ILE A 1 160 ? -36.985 5.126   7.918   1.00 15.33 ? 272  ILE A CB  1 
ATOM   1226 C CG1 . ILE A 1 160 ? -36.214 3.844   7.600   1.00 14.29 ? 272  ILE A CG1 1 
ATOM   1227 C CG2 . ILE A 1 160 ? -37.814 5.543   6.701   1.00 11.78 ? 272  ILE A CG2 1 
ATOM   1228 C CD1 . ILE A 1 160 ? -37.111 2.669   7.199   1.00 15.31 ? 272  ILE A CD1 1 
ATOM   1229 N N   . ASN A 1 161 ? -35.942 5.697   10.682  1.00 14.98 ? 273  ASN A N   1 
ATOM   1230 C CA  . ASN A 1 161 ? -35.231 5.572   11.957  1.00 18.67 ? 273  ASN A CA  1 
ATOM   1231 C C   . ASN A 1 161 ? -34.224 4.434   12.017  1.00 18.35 ? 273  ASN A C   1 
ATOM   1232 O O   . ASN A 1 161 ? -33.166 4.580   12.618  1.00 21.79 ? 273  ASN A O   1 
ATOM   1233 C CB  . ASN A 1 161 ? -36.194 5.483   13.133  1.00 15.31 ? 273  ASN A CB  1 
ATOM   1234 C CG  . ASN A 1 161 ? -36.975 6.741   13.305  1.00 21.87 ? 273  ASN A CG  1 
ATOM   1235 O OD1 . ASN A 1 161 ? -38.010 6.928   12.674  1.00 18.47 ? 273  ASN A OD1 1 
ATOM   1236 N ND2 . ASN A 1 161 ? -36.464 7.639   14.117  1.00 20.44 ? 273  ASN A ND2 1 
ATOM   1237 N N   . SER A 1 162 ? -34.553 3.319   11.376  1.00 14.23 ? 274  SER A N   1 
ATOM   1238 C CA  . SER A 1 162 ? -33.697 2.145   11.413  1.00 25.74 ? 274  SER A CA  1 
ATOM   1239 C C   . SER A 1 162 ? -32.368 2.338   10.672  1.00 22.13 ? 274  SER A C   1 
ATOM   1240 O O   . SER A 1 162 ? -31.527 1.457   10.688  1.00 20.01 ? 274  SER A O   1 
ATOM   1241 C CB  . SER A 1 162 ? -34.427 0.923   10.857  1.00 14.19 ? 274  SER A CB  1 
ATOM   1242 O OG  . SER A 1 162 ? -34.851 1.142   9.528   1.00 21.14 ? 274  SER A OG  1 
ATOM   1243 N N   . ASP A 1 163 ? -32.190 3.481   10.020  1.00 16.53 ? 275  ASP A N   1 
ATOM   1244 C CA  . ASP A 1 163 ? -30.930 3.778   9.342   1.00 17.21 ? 275  ASP A CA  1 
ATOM   1245 C C   . ASP A 1 163 ? -29.942 4.480   10.269  1.00 10.21 ? 275  ASP A C   1 
ATOM   1246 O O   . ASP A 1 163 ? -28.794 4.695   9.897   1.00 13.80 ? 275  ASP A O   1 
ATOM   1247 C CB  . ASP A 1 163 ? -31.172 4.659   8.114   1.00 13.39 ? 275  ASP A CB  1 
ATOM   1248 C CG  . ASP A 1 163 ? -31.951 3.948   7.028   1.00 17.77 ? 275  ASP A CG  1 
ATOM   1249 O OD1 . ASP A 1 163 ? -31.699 2.753   6.797   1.00 14.62 ? 275  ASP A OD1 1 
ATOM   1250 O OD2 . ASP A 1 163 ? -32.810 4.593   6.395   1.00 16.98 ? 275  ASP A OD2 1 
ATOM   1251 N N   . GLY A 1 164 ? -30.405 4.862   11.455  1.00 11.90 ? 276  GLY A N   1 
ATOM   1252 C CA  . GLY A 1 164 ? -29.578 5.584   12.404  1.00 11.13 ? 276  GLY A CA  1 
ATOM   1253 C C   . GLY A 1 164 ? -28.459 4.683   12.912  1.00 17.82 ? 276  GLY A C   1 
ATOM   1254 O O   . GLY A 1 164 ? -28.572 3.458   12.871  1.00 14.43 ? 276  GLY A O   1 
ATOM   1255 N N   . GLY A 1 165 ? -27.378 5.284   13.396  1.00 13.89 ? 277  GLY A N   1 
ATOM   1256 C CA  . GLY A 1 165 ? -26.295 4.493   13.941  1.00 14.22 ? 277  GLY A CA  1 
ATOM   1257 C C   . GLY A 1 165 ? -25.118 4.461   12.989  1.00 14.79 ? 277  GLY A C   1 
ATOM   1258 O O   . GLY A 1 165 ? -25.045 5.261   12.053  1.00 14.63 ? 277  GLY A O   1 
ATOM   1259 N N   . PRO A 1 166 ? -24.177 3.541   13.228  1.00 13.79 ? 278  PRO A N   1 
ATOM   1260 C CA  . PRO A 1 166 ? -22.906 3.648   12.511  1.00 11.88 ? 278  PRO A CA  1 
ATOM   1261 C C   . PRO A 1 166 ? -22.854 2.880   11.191  1.00 16.90 ? 278  PRO A C   1 
ATOM   1262 O O   . PRO A 1 166 ? -23.621 1.938   10.956  1.00 12.67 ? 278  PRO A O   1 
ATOM   1263 C CB  . PRO A 1 166 ? -21.902 3.048   13.505  1.00 16.54 ? 278  PRO A CB  1 
ATOM   1264 C CG  . PRO A 1 166 ? -22.694 2.038   14.255  1.00 13.96 ? 278  PRO A CG  1 
ATOM   1265 C CD  . PRO A 1 166 ? -24.112 2.584   14.350  1.00 10.24 ? 278  PRO A CD  1 
ATOM   1266 N N   . TYR A 1 167 ? -21.943 3.335   10.338  1.00 12.17 ? 279  TYR A N   1 
ATOM   1267 C CA  . TYR A 1 167 ? -21.631 2.726   9.058   1.00 14.79 ? 279  TYR A CA  1 
ATOM   1268 C C   . TYR A 1 167 ? -20.110 2.701   9.035   1.00 21.20 ? 279  TYR A C   1 
ATOM   1269 O O   . TYR A 1 167 ? -19.475 3.679   9.417   1.00 16.50 ? 279  TYR A O   1 
ATOM   1270 C CB  . TYR A 1 167 ? -22.148 3.599   7.907   1.00 13.01 ? 279  TYR A CB  1 
ATOM   1271 C CG  . TYR A 1 167 ? -23.659 3.629   7.825   1.00 17.07 ? 279  TYR A CG  1 
ATOM   1272 C CD1 . TYR A 1 167 ? -24.404 4.464   8.650   1.00 18.09 ? 279  TYR A CD1 1 
ATOM   1273 C CD2 . TYR A 1 167 ? -24.344 2.797   6.941   1.00 13.82 ? 279  TYR A CD2 1 
ATOM   1274 C CE1 . TYR A 1 167 ? -25.809 4.477   8.589   1.00 9.83  ? 279  TYR A CE1 1 
ATOM   1275 C CE2 . TYR A 1 167 ? -25.732 2.797   6.883   1.00 14.93 ? 279  TYR A CE2 1 
ATOM   1276 C CZ  . TYR A 1 167 ? -26.457 3.635   7.711   1.00 17.38 ? 279  TYR A CZ  1 
ATOM   1277 O OH  . TYR A 1 167 ? -27.836 3.645   7.658   1.00 16.81 ? 279  TYR A OH  1 
ATOM   1278 N N   . VAL A 1 168 ? -19.523 1.590   8.617   1.00 15.73 ? 280  VAL A N   1 
ATOM   1279 C CA  . VAL A 1 168 ? -18.061 1.493   8.596   1.00 15.98 ? 280  VAL A CA  1 
ATOM   1280 C C   . VAL A 1 168 ? -17.525 1.370   7.183   1.00 18.49 ? 280  VAL A C   1 
ATOM   1281 O O   . VAL A 1 168 ? -18.046 0.602   6.379   1.00 15.80 ? 280  VAL A O   1 
ATOM   1282 C CB  . VAL A 1 168 ? -17.576 0.261   9.381   1.00 13.56 ? 280  VAL A CB  1 
ATOM   1283 C CG1 . VAL A 1 168 ? -16.116 -0.051  9.039   1.00 13.42 ? 280  VAL A CG1 1 
ATOM   1284 C CG2 . VAL A 1 168 ? -17.773 0.477   10.872  1.00 12.85 ? 280  VAL A CG2 1 
ATOM   1285 N N   . CYS A 1 169 ? -16.490 2.134   6.867   1.00 14.28 ? 281  CYS A N   1 
ATOM   1286 C CA  A CYS A 1 169 ? -15.776 1.963   5.609   0.50 14.16 ? 281  CYS A CA  1 
ATOM   1287 C CA  B CYS A 1 169 ? -15.801 1.909   5.607   0.50 14.17 ? 281  CYS A CA  1 
ATOM   1288 C C   . CYS A 1 169 ? -14.439 1.280   5.889   1.00 19.64 ? 281  CYS A C   1 
ATOM   1289 O O   . CYS A 1 169 ? -13.719 1.696   6.796   1.00 18.10 ? 281  CYS A O   1 
ATOM   1290 C CB  A CYS A 1 169 ? -15.539 3.321   4.955   0.50 19.29 ? 281  CYS A CB  1 
ATOM   1291 C CB  B CYS A 1 169 ? -15.656 3.202   4.816   0.50 19.50 ? 281  CYS A CB  1 
ATOM   1292 S SG  A CYS A 1 169 ? -14.252 3.315   3.695   0.50 15.85 ? 281  CYS A SG  1 
ATOM   1293 S SG  B CYS A 1 169 ? -14.483 4.336   5.533   0.50 18.93 ? 281  CYS A SG  1 
ATOM   1294 N N   . ARG A 1 170 ? -14.118 0.242   5.121   1.00 20.31 ? 282  ARG A N   1 
ATOM   1295 C CA  . ARG A 1 170 ? -12.834 -0.451  5.236   1.00 18.98 ? 282  ARG A CA  1 
ATOM   1296 C C   . ARG A 1 170 ? -12.026 -0.290  3.953   1.00 19.60 ? 282  ARG A C   1 
ATOM   1297 O O   . ARG A 1 170 ? -12.573 -0.327  2.862   1.00 16.53 ? 282  ARG A O   1 
ATOM   1298 C CB  . ARG A 1 170 ? -13.037 -1.941  5.511   1.00 23.63 ? 282  ARG A CB  1 
ATOM   1299 C CG  . ARG A 1 170 ? -13.681 -2.232  6.837   1.00 31.31 ? 282  ARG A CG  1 
ATOM   1300 C CD  . ARG A 1 170 ? -13.516 -3.692  7.256   1.00 38.94 ? 282  ARG A CD  1 
ATOM   1301 N NE  . ARG A 1 170 ? -13.908 -3.847  8.654   1.00 39.90 ? 282  ARG A NE  1 
ATOM   1302 C CZ  . ARG A 1 170 ? -15.056 -4.378  9.057   1.00 49.61 ? 282  ARG A CZ  1 
ATOM   1303 N NH1 . ARG A 1 170 ? -15.920 -4.838  8.163   1.00 37.87 ? 282  ARG A NH1 1 
ATOM   1304 N NH2 . ARG A 1 170 ? -15.332 -4.462  10.353  1.00 42.31 ? 282  ARG A NH2 1 
ATOM   1305 N N   . ALA A 1 171 ? -10.718 -0.121  4.093   1.00 15.05 ? 283  ALA A N   1 
ATOM   1306 C CA  . ALA A 1 171 ? -9.839  0.034   2.946   1.00 11.41 ? 283  ALA A CA  1 
ATOM   1307 C C   . ALA A 1 171 ? -8.755  -1.020  3.109   1.00 19.81 ? 283  ALA A C   1 
ATOM   1308 O O   . ALA A 1 171 ? -8.093  -1.078  4.140   1.00 16.46 ? 283  ALA A O   1 
ATOM   1309 C CB  . ALA A 1 171 ? -9.243  1.429   2.915   1.00 12.91 ? 283  ALA A CB  1 
ATOM   1310 N N   . THR A 1 172 ? -8.592  -1.866  2.100   1.00 16.19 ? 284  THR A N   1 
ATOM   1311 C CA  A THR A 1 172 ? -7.729  -3.036  2.216   0.50 16.26 ? 284  THR A CA  1 
ATOM   1312 C CA  B THR A 1 172 ? -7.708  -3.014  2.228   0.50 16.17 ? 284  THR A CA  1 
ATOM   1313 C C   . THR A 1 172 ? -6.767  -3.158  1.038   1.00 16.36 ? 284  THR A C   1 
ATOM   1314 O O   . THR A 1 172 ? -7.159  -2.965  -0.112  1.00 18.09 ? 284  THR A O   1 
ATOM   1315 C CB  A THR A 1 172 ? -8.572  -4.332  2.264   0.50 18.11 ? 284  THR A CB  1 
ATOM   1316 C CB  B THR A 1 172 ? -8.517  -4.314  2.349   0.50 18.16 ? 284  THR A CB  1 
ATOM   1317 O OG1 A THR A 1 172 ? -9.682  -4.156  3.152   0.50 19.10 ? 284  THR A OG1 1 
ATOM   1318 O OG1 B THR A 1 172 ? -9.304  -4.488  1.170   0.50 21.90 ? 284  THR A OG1 1 
ATOM   1319 C CG2 A THR A 1 172 ? -7.731  -5.510  2.728   0.50 13.69 ? 284  THR A CG2 1 
ATOM   1320 C CG2 B THR A 1 172 ? -9.442  -4.252  3.539   0.50 20.93 ? 284  THR A CG2 1 
ATOM   1321 N N   . ASN A 1 173 ? -5.512  -3.488  1.326   1.00 15.73 ? 285  ASN A N   1 
ATOM   1322 C CA  . ASN A 1 173 ? -4.596  -3.923  0.268   1.00 15.24 ? 285  ASN A CA  1 
ATOM   1323 C C   . ASN A 1 173 ? -3.697  -5.012  0.828   1.00 23.04 ? 285  ASN A C   1 
ATOM   1324 O O   . ASN A 1 173 ? -3.891  -5.423  1.974   1.00 20.12 ? 285  ASN A O   1 
ATOM   1325 C CB  . ASN A 1 173 ? -3.845  -2.763  -0.413  1.00 15.05 ? 285  ASN A CB  1 
ATOM   1326 C CG  . ASN A 1 173 ? -2.829  -2.074  0.483   1.00 14.31 ? 285  ASN A CG  1 
ATOM   1327 O OD1 . ASN A 1 173 ? -2.352  -0.981  0.158   1.00 20.20 ? 285  ASN A OD1 1 
ATOM   1328 N ND2 . ASN A 1 173 ? -2.485  -2.691  1.591   1.00 13.25 ? 285  ASN A ND2 1 
ATOM   1329 N N   . LYS A 1 174 ? -2.734  -5.490  0.043   1.00 20.78 ? 286  LYS A N   1 
ATOM   1330 C CA  . LYS A 1 174 ? -1.925  -6.638  0.471   1.00 23.32 ? 286  LYS A CA  1 
ATOM   1331 C C   . LYS A 1 174 ? -1.109  -6.306  1.718   1.00 21.65 ? 286  LYS A C   1 
ATOM   1332 O O   . LYS A 1 174 ? -0.719  -7.195  2.472   1.00 28.97 ? 286  LYS A O   1 
ATOM   1333 C CB  . LYS A 1 174 ? -1.011  -7.133  -0.666  1.00 21.47 ? 286  LYS A CB  1 
ATOM   1334 C CG  . LYS A 1 174 ? 0.009   -6.098  -1.152  1.00 27.26 ? 286  LYS A CG  1 
ATOM   1335 C CD  . LYS A 1 174 ? 0.657   -6.498  -2.480  1.00 30.59 ? 286  LYS A CD  1 
ATOM   1336 C CE  . LYS A 1 174 ? 1.611   -7.668  -2.319  1.00 32.65 ? 286  LYS A CE  1 
ATOM   1337 N NZ  . LYS A 1 174 ? 2.190   -8.064  -3.633  1.00 36.99 ? 286  LYS A NZ  1 
ATOM   1338 N N   . ALA A 1 175 ? -0.865  -5.017  1.932   1.00 14.78 ? 287  ALA A N   1 
ATOM   1339 C CA  . ALA A 1 175 ? -0.004  -4.564  3.015   1.00 20.43 ? 287  ALA A CA  1 
ATOM   1340 C C   . ALA A 1 175 ? -0.748  -4.251  4.316   1.00 28.51 ? 287  ALA A C   1 
ATOM   1341 O O   . ALA A 1 175 ? -0.121  -4.011  5.341   1.00 22.84 ? 287  ALA A O   1 
ATOM   1342 C CB  . ALA A 1 175 ? 0.816   -3.356  2.573   1.00 18.33 ? 287  ALA A CB  1 
ATOM   1343 N N   . GLY A 1 176 ? -2.077  -4.246  4.287   1.00 21.49 ? 288  GLY A N   1 
ATOM   1344 C CA  . GLY A 1 176 ? -2.810  -3.938  5.500   1.00 19.03 ? 288  GLY A CA  1 
ATOM   1345 C C   . GLY A 1 176 ? -4.240  -3.486  5.293   1.00 25.23 ? 288  GLY A C   1 
ATOM   1346 O O   . GLY A 1 176 ? -4.781  -3.557  4.192   1.00 17.50 ? 288  GLY A O   1 
ATOM   1347 N N   . GLU A 1 177 ? -4.853  -3.020  6.373   1.00 20.40 ? 289  GLU A N   1 
ATOM   1348 C CA  . GLU A 1 177 ? -6.244  -2.598  6.338   1.00 20.91 ? 289  GLU A CA  1 
ATOM   1349 C C   . GLU A 1 177 ? -6.422  -1.390  7.241   1.00 25.20 ? 289  GLU A C   1 
ATOM   1350 O O   . GLU A 1 177 ? -5.743  -1.259  8.252   1.00 20.88 ? 289  GLU A O   1 
ATOM   1351 C CB  . GLU A 1 177 ? -7.141  -3.737  6.814   1.00 17.20 ? 289  GLU A CB  1 
ATOM   1352 C CG  . GLU A 1 177 ? -8.639  -3.499  6.637   1.00 34.32 ? 289  GLU A CG  1 
ATOM   1353 C CD  . GLU A 1 177 ? -9.474  -4.695  7.085   1.00 52.06 ? 289  GLU A CD  1 
ATOM   1354 O OE1 . GLU A 1 177 ? -10.235 -5.244  6.260   1.00 49.10 ? 289  GLU A OE1 1 
ATOM   1355 O OE2 . GLU A 1 177 ? -9.359  -5.096  8.263   1.00 59.44 ? 289  GLU A OE2 1 
ATOM   1356 N N   . ASP A 1 178 ? -7.313  -0.490  6.851   1.00 15.30 ? 290  ASP A N   1 
ATOM   1357 C CA  . ASP A 1 178 ? -7.729  0.591   7.732   1.00 15.48 ? 290  ASP A CA  1 
ATOM   1358 C C   . ASP A 1 178 ? -9.260  0.574   7.771   1.00 19.65 ? 290  ASP A C   1 
ATOM   1359 O O   . ASP A 1 178 ? -9.897  0.014   6.876   1.00 15.73 ? 290  ASP A O   1 
ATOM   1360 C CB  . ASP A 1 178 ? -7.229  1.931   7.209   1.00 16.67 ? 290  ASP A CB  1 
ATOM   1361 C CG  . ASP A 1 178 ? -7.332  3.039   8.247   1.00 18.82 ? 290  ASP A CG  1 
ATOM   1362 O OD1 . ASP A 1 178 ? -7.598  2.739   9.426   1.00 20.33 ? 290  ASP A OD1 1 
ATOM   1363 O OD2 . ASP A 1 178 ? -7.140  4.209   7.886   1.00 21.33 ? 290  ASP A OD2 1 
ATOM   1364 N N   . GLU A 1 179 ? -9.846  1.163   8.806   1.00 16.52 ? 291  GLU A N   1 
ATOM   1365 C CA  . GLU A 1 179 ? -11.306 1.265   8.890   1.00 16.53 ? 291  GLU A CA  1 
ATOM   1366 C C   . GLU A 1 179 ? -11.695 2.505   9.677   1.00 21.72 ? 291  GLU A C   1 
ATOM   1367 O O   . GLU A 1 179 ? -10.997 2.899   10.611  1.00 17.09 ? 291  GLU A O   1 
ATOM   1368 C CB  . GLU A 1 179 ? -11.913 0.016   9.528   1.00 16.58 ? 291  GLU A CB  1 
ATOM   1369 C CG  . GLU A 1 179 ? -11.429 -0.261  10.940  1.00 25.51 ? 291  GLU A CG  1 
ATOM   1370 C CD  . GLU A 1 179 ? -10.007 -0.809  10.980  1.00 48.07 ? 291  GLU A CD  1 
ATOM   1371 O OE1 . GLU A 1 179 ? -9.719  -1.788  10.261  1.00 39.13 ? 291  GLU A OE1 1 
ATOM   1372 O OE2 . GLU A 1 179 ? -9.176  -0.263  11.733  1.00 35.19 ? 291  GLU A OE2 1 
ATOM   1373 N N   . LYS A 1 180 ? -12.796 3.133   9.273   1.00 12.57 ? 292  LYS A N   1 
ATOM   1374 C CA  . LYS A 1 180 ? -13.304 4.317   9.957   1.00 13.10 ? 292  LYS A CA  1 
ATOM   1375 C C   . LYS A 1 180 ? -14.815 4.181   10.053  1.00 17.85 ? 292  LYS A C   1 
ATOM   1376 O O   . LYS A 1 180 ? -15.434 3.554   9.197   1.00 16.04 ? 292  LYS A O   1 
ATOM   1377 C CB  . LYS A 1 180 ? -12.965 5.580   9.180   1.00 18.31 ? 292  LYS A CB  1 
ATOM   1378 C CG  . LYS A 1 180 ? -11.480 5.860   9.052   1.00 23.95 ? 292  LYS A CG  1 
ATOM   1379 C CD  . LYS A 1 180 ? -10.951 6.621   10.240  1.00 21.78 ? 292  LYS A CD  1 
ATOM   1380 C CE  . LYS A 1 180 ? -9.530  7.125   9.951   1.00 27.56 ? 292  LYS A CE  1 
ATOM   1381 N NZ  . LYS A 1 180 ? -8.697  7.110   11.177  1.00 31.59 ? 292  LYS A NZ  1 
ATOM   1382 N N   . GLN A 1 181 ? -15.391 4.796   11.080  1.00 13.89 ? 293  GLN A N   1 
ATOM   1383 C CA  . GLN A 1 181 ? -16.790 4.604   11.412  1.00 15.78 ? 293  GLN A CA  1 
ATOM   1384 C C   . GLN A 1 181 ? -17.510 5.941   11.393  1.00 16.75 ? 293  GLN A C   1 
ATOM   1385 O O   . GLN A 1 181 ? -17.108 6.872   12.076  1.00 15.78 ? 293  GLN A O   1 
ATOM   1386 C CB  . GLN A 1 181 ? -16.872 3.986   12.797  1.00 12.77 ? 293  GLN A CB  1 
ATOM   1387 C CG  . GLN A 1 181 ? -18.247 3.539   13.225  1.00 17.62 ? 293  GLN A CG  1 
ATOM   1388 C CD  . GLN A 1 181 ? -18.186 2.760   14.510  1.00 18.55 ? 293  GLN A CD  1 
ATOM   1389 O OE1 . GLN A 1 181 ? -17.634 3.235   15.510  1.00 17.58 ? 293  GLN A OE1 1 
ATOM   1390 N NE2 . GLN A 1 181 ? -18.730 1.548   14.493  1.00 13.12 ? 293  GLN A NE2 1 
ATOM   1391 N N   . ALA A 1 182 ? -18.555 6.050   10.587  1.00 13.71 ? 294  ALA A N   1 
ATOM   1392 C CA  . ALA A 1 182 ? -19.385 7.256   10.601  1.00 18.51 ? 294  ALA A CA  1 
ATOM   1393 C C   . ALA A 1 182 ? -20.698 6.951   11.321  1.00 18.04 ? 294  ALA A C   1 
ATOM   1394 O O   . ALA A 1 182 ? -21.137 5.803   11.349  1.00 15.73 ? 294  ALA A O   1 
ATOM   1395 C CB  . ALA A 1 182 ? -19.649 7.753   9.179   1.00 14.54 ? 294  ALA A CB  1 
ATOM   1396 N N   . PHE A 1 183 ? -21.311 7.970   11.921  1.00 16.35 ? 295  PHE A N   1 
ATOM   1397 C CA  . PHE A 1 183 ? -22.599 7.779   12.588  1.00 15.34 ? 295  PHE A CA  1 
ATOM   1398 C C   . PHE A 1 183 ? -23.648 8.683   11.972  1.00 12.86 ? 295  PHE A C   1 
ATOM   1399 O O   . PHE A 1 183 ? -23.404 9.871   11.769  1.00 13.98 ? 295  PHE A O   1 
ATOM   1400 C CB  . PHE A 1 183 ? -22.507 8.087   14.087  1.00 15.11 ? 295  PHE A CB  1 
ATOM   1401 C CG  . PHE A 1 183 ? -21.922 6.965   14.921  1.00 21.41 ? 295  PHE A CG  1 
ATOM   1402 C CD1 . PHE A 1 183 ? -22.752 6.115   15.646  1.00 13.26 ? 295  PHE A CD1 1 
ATOM   1403 C CD2 . PHE A 1 183 ? -20.548 6.787   15.009  1.00 19.00 ? 295  PHE A CD2 1 
ATOM   1404 C CE1 . PHE A 1 183 ? -22.224 5.098   16.435  1.00 17.42 ? 295  PHE A CE1 1 
ATOM   1405 C CE2 . PHE A 1 183 ? -20.011 5.767   15.799  1.00 13.94 ? 295  PHE A CE2 1 
ATOM   1406 C CZ  . PHE A 1 183 ? -20.849 4.927   16.507  1.00 17.52 ? 295  PHE A CZ  1 
ATOM   1407 N N   . LEU A 1 184 ? -24.818 8.120   11.692  1.00 15.47 ? 296  LEU A N   1 
ATOM   1408 C CA  . LEU A 1 184 ? -25.955 8.920   11.241  1.00 14.34 ? 296  LEU A CA  1 
ATOM   1409 C C   . LEU A 1 184 ? -26.958 9.081   12.380  1.00 13.47 ? 296  LEU A C   1 
ATOM   1410 O O   . LEU A 1 184 ? -27.485 8.089   12.878  1.00 12.97 ? 296  LEU A O   1 
ATOM   1411 C CB  . LEU A 1 184 ? -26.636 8.234   10.057  1.00 15.62 ? 296  LEU A CB  1 
ATOM   1412 C CG  . LEU A 1 184 ? -27.937 8.855   9.550   1.00 15.91 ? 296  LEU A CG  1 
ATOM   1413 C CD1 . LEU A 1 184 ? -27.654 10.213  8.966   1.00 7.44  ? 296  LEU A CD1 1 
ATOM   1414 C CD2 . LEU A 1 184 ? -28.596 7.953   8.503   1.00 12.09 ? 296  LEU A CD2 1 
ATOM   1415 N N   . GLN A 1 185 ? -27.200 10.315  12.808  1.00 13.23 ? 297  GLN A N   1 
ATOM   1416 C CA  . GLN A 1 185 ? -28.267 10.571  13.771  1.00 12.61 ? 297  GLN A CA  1 
ATOM   1417 C C   . GLN A 1 185 ? -29.560 10.830  13.012  1.00 17.09 ? 297  GLN A C   1 
ATOM   1418 O O   . GLN A 1 185 ? -29.602 11.685  12.127  1.00 18.07 ? 297  GLN A O   1 
ATOM   1419 C CB  . GLN A 1 185 ? -27.943 11.775  14.645  1.00 19.38 ? 297  GLN A CB  1 
ATOM   1420 C CG  . GLN A 1 185 ? -28.894 11.942  15.829  1.00 20.89 ? 297  GLN A CG  1 
ATOM   1421 C CD  . GLN A 1 185 ? -28.261 12.720  16.957  1.00 26.66 ? 297  GLN A CD  1 
ATOM   1422 O OE1 . GLN A 1 185 ? -27.756 13.832  16.768  1.00 35.49 ? 297  GLN A OE1 1 
ATOM   1423 N NE2 . GLN A 1 185 ? -28.273 12.139  18.138  1.00 21.89 ? 297  GLN A NE2 1 
ATOM   1424 N N   . VAL A 1 186 ? -30.612 10.089  13.348  1.00 15.54 ? 298  VAL A N   1 
ATOM   1425 C CA  . VAL A 1 186 ? -31.896 10.274  12.677  1.00 12.77 ? 298  VAL A CA  1 
ATOM   1426 C C   . VAL A 1 186 ? -32.909 10.859  13.647  1.00 16.59 ? 298  VAL A C   1 
ATOM   1427 O O   . VAL A 1 186 ? -33.172 10.283  14.697  1.00 13.27 ? 298  VAL A O   1 
ATOM   1428 C CB  . VAL A 1 186 ? -32.440 8.972   12.061  1.00 13.80 ? 298  VAL A CB  1 
ATOM   1429 C CG1 . VAL A 1 186 ? -33.729 9.260   11.295  1.00 11.12 ? 298  VAL A CG1 1 
ATOM   1430 C CG2 . VAL A 1 186 ? -31.412 8.378   11.122  1.00 9.75  ? 298  VAL A CG2 1 
ATOM   1431 N N   . PHE A 1 187 ? -33.462 12.011  13.283  1.00 12.53 ? 299  PHE A N   1 
ATOM   1432 C CA  . PHE A 1 187 ? -34.438 12.709  14.116  1.00 14.49 ? 299  PHE A CA  1 
ATOM   1433 C C   . PHE A 1 187 ? -35.842 12.307  13.697  1.00 15.83 ? 299  PHE A C   1 
ATOM   1434 O O   . PHE A 1 187 ? -36.055 11.943  12.547  1.00 14.65 ? 299  PHE A O   1 
ATOM   1435 C CB  . PHE A 1 187 ? -34.284 14.223  13.938  1.00 12.76 ? 299  PHE A CB  1 
ATOM   1436 C CG  . PHE A 1 187 ? -32.975 14.770  14.469  1.00 25.43 ? 299  PHE A CG  1 
ATOM   1437 C CD1 . PHE A 1 187 ? -32.702 14.759  15.827  1.00 24.43 ? 299  PHE A CD1 1 
ATOM   1438 C CD2 . PHE A 1 187 ? -32.032 15.304  13.610  1.00 24.84 ? 299  PHE A CD2 1 
ATOM   1439 C CE1 . PHE A 1 187 ? -31.493 15.271  16.326  1.00 20.69 ? 299  PHE A CE1 1 
ATOM   1440 C CE2 . PHE A 1 187 ? -30.830 15.816  14.095  1.00 29.87 ? 299  PHE A CE2 1 
ATOM   1441 C CZ  . PHE A 1 187 ? -30.561 15.795  15.453  1.00 20.36 ? 299  PHE A CZ  1 
ATOM   1442 N N   . VAL A 1 188 ? -36.796 12.370  14.623  1.00 15.41 ? 300  VAL A N   1 
ATOM   1443 C CA  . VAL A 1 188 ? -38.203 12.272  14.238  1.00 17.61 ? 300  VAL A CA  1 
ATOM   1444 C C   . VAL A 1 188 ? -38.656 13.668  13.783  1.00 26.10 ? 300  VAL A C   1 
ATOM   1445 O O   . VAL A 1 188 ? -38.133 14.674  14.249  1.00 18.89 ? 300  VAL A O   1 
ATOM   1446 C CB  . VAL A 1 188 ? -39.098 11.774  15.402  1.00 25.55 ? 300  VAL A CB  1 
ATOM   1447 C CG1 . VAL A 1 188 ? -38.620 10.406  15.901  1.00 10.89 ? 300  VAL A CG1 1 
ATOM   1448 C CG2 . VAL A 1 188 ? -39.105 12.787  16.537  1.00 28.89 ? 300  VAL A CG2 1 
ATOM   1449 N N   . GLN A 1 189 ? -39.615 13.730  12.868  1.00 13.73 ? 301  GLN A N   1 
ATOM   1450 C CA  . GLN A 1 189 ? -40.101 15.008  12.365  1.00 16.27 ? 301  GLN A CA  1 
ATOM   1451 C C   . GLN A 1 189 ? -40.610 15.874  13.512  1.00 24.21 ? 301  GLN A C   1 
ATOM   1452 O O   . GLN A 1 189 ? -41.288 15.361  14.404  1.00 24.04 ? 301  GLN A O   1 
ATOM   1453 C CB  . GLN A 1 189 ? -41.237 14.790  11.372  1.00 21.99 ? 301  GLN A CB  1 
ATOM   1454 C CG  . GLN A 1 189 ? -40.851 14.051  10.112  1.00 25.95 ? 301  GLN A CG  1 
ATOM   1455 C CD  . GLN A 1 189 ? -41.894 14.232  9.037   1.00 18.38 ? 301  GLN A CD  1 
ATOM   1456 O OE1 . GLN A 1 189 ? -41.976 15.294  8.427   1.00 16.85 ? 301  GLN A OE1 1 
ATOM   1457 N NE2 . GLN A 1 189 ? -42.711 13.208  8.813   1.00 14.77 ? 301  GLN A NE2 1 
HETATM 1458 S S   . SO4 B 2 .   ? -9.452  11.518  9.061   1.00 79.51 ? 1282 SO4 A S   1 
HETATM 1459 O O1  . SO4 B 2 .   ? -7.859  11.041  8.953   1.00 79.51 ? 1282 SO4 A O1  1 
HETATM 1460 O O2  . SO4 B 2 .   ? -9.714  12.876  8.136   1.00 60.99 ? 1282 SO4 A O2  1 
HETATM 1461 O O3  . SO4 B 2 .   ? -9.819  11.864  10.647  1.00 79.51 ? 1282 SO4 A O3  1 
HETATM 1462 O O4  . SO4 B 2 .   ? -10.417 10.282  8.517   1.00 47.31 ? 1282 SO4 A O4  1 
HETATM 1463 S S   . SO4 C 2 .   ? -22.224 6.642   -13.495 1.00 68.99 ? 1283 SO4 A S   1 
HETATM 1464 O O1  . SO4 C 2 .   ? -22.123 8.297   -13.559 1.00 54.87 ? 1283 SO4 A O1  1 
HETATM 1465 O O2  . SO4 C 2 .   ? -20.770 6.006   -12.995 1.00 79.51 ? 1283 SO4 A O2  1 
HETATM 1466 O O3  . SO4 C 2 .   ? -23.412 6.215   -12.411 1.00 79.51 ? 1283 SO4 A O3  1 
HETATM 1467 O O4  . SO4 C 2 .   ? -22.599 6.045   -14.998 1.00 54.25 ? 1283 SO4 A O4  1 
HETATM 1468 C C1  . NAG D 3 .   ? 7.149   9.230   1.830   1.00 65.44 ? 1284 NAG A C1  1 
HETATM 1469 C C2  . NAG D 3 .   ? 8.178   10.369  1.937   1.00 48.59 ? 1284 NAG A C2  1 
HETATM 1470 C C3  . NAG D 3 .   ? 7.457   11.622  1.414   1.00 70.83 ? 1284 NAG A C3  1 
HETATM 1471 C C4  . NAG D 3 .   ? 6.707   11.327  0.078   1.00 73.88 ? 1284 NAG A C4  1 
HETATM 1472 C C5  . NAG D 3 .   ? 6.385   9.840   -0.297  1.00 51.44 ? 1284 NAG A C5  1 
HETATM 1473 C C6  . NAG D 3 .   ? 6.754   9.605   -1.773  1.00 47.93 ? 1284 NAG A C6  1 
HETATM 1474 C C7  . NAG D 3 .   ? 10.122  10.333  3.554   1.00 55.16 ? 1284 NAG A C7  1 
HETATM 1475 C C8  . NAG D 3 .   ? 10.670  10.331  4.994   1.00 52.89 ? 1284 NAG A C8  1 
HETATM 1476 N N2  . NAG D 3 .   ? 8.681   10.461  3.318   1.00 50.25 ? 1284 NAG A N2  1 
HETATM 1477 O O3  . NAG D 3 .   ? 8.341   12.711  1.224   1.00 73.47 ? 1284 NAG A O3  1 
HETATM 1478 O O4  . NAG D 3 .   ? 5.496   12.054  0.128   1.00 71.48 ? 1284 NAG A O4  1 
HETATM 1479 O O5  . NAG D 3 .   ? 7.149   8.859   0.445   1.00 36.12 ? 1284 NAG A O5  1 
HETATM 1480 O O6  . NAG D 3 .   ? 5.641   9.003   -2.376  1.00 32.96 ? 1284 NAG A O6  1 
HETATM 1481 O O7  . NAG D 3 .   ? 10.864  10.205  2.629   1.00 52.46 ? 1284 NAG A O7  1 
HETATM 1482 C C1  . NAG E 3 .   ? -26.390 17.306  15.315  1.00 63.26 ? 1285 NAG A C1  1 
HETATM 1483 C C2  . NAG E 3 .   ? -25.553 18.372  14.586  1.00 48.29 ? 1285 NAG A C2  1 
HETATM 1484 C C3  . NAG E 3 .   ? -25.068 19.307  15.706  1.00 52.93 ? 1285 NAG A C3  1 
HETATM 1485 C C4  . NAG E 3 .   ? -26.239 19.754  16.636  1.00 49.97 ? 1285 NAG A C4  1 
HETATM 1486 C C5  . NAG E 3 .   ? -27.534 18.872  16.661  1.00 66.02 ? 1285 NAG A C5  1 
HETATM 1487 C C6  . NAG E 3 .   ? -28.793 19.771  16.633  1.00 56.98 ? 1285 NAG A C6  1 
HETATM 1488 C C7  . NAG E 3 .   ? -24.345 17.869  12.384  1.00 47.90 ? 1285 NAG A C7  1 
HETATM 1489 C C8  . NAG E 3 .   ? -23.247 17.089  11.633  1.00 54.85 ? 1285 NAG A C8  1 
HETATM 1490 N N2  . NAG E 3 .   ? -24.468 17.712  13.840  1.00 52.54 ? 1285 NAG A N2  1 
HETATM 1491 O O3  . NAG E 3 .   ? -24.404 20.438  15.188  1.00 54.02 ? 1285 NAG A O3  1 
HETATM 1492 O O4  . NAG E 3 .   ? -25.711 19.823  17.944  1.00 72.95 ? 1285 NAG A O4  1 
HETATM 1493 O O5  . NAG E 3 .   ? -27.655 17.927  15.569  1.00 45.87 ? 1285 NAG A O5  1 
HETATM 1494 O O6  . NAG E 3 .   ? -29.133 20.082  15.300  1.00 74.25 ? 1285 NAG A O6  1 
HETATM 1495 O O7  . NAG E 3 .   ? -25.161 18.487  11.768  1.00 42.70 ? 1285 NAG A O7  1 
HETATM 1496 C C1  . GOL F 4 .   ? -8.030  -2.999  -7.529  1.00 68.60 ? 1286 GOL A C1  1 
HETATM 1497 O O1  . GOL F 4 .   ? -7.526  -3.085  -6.214  1.00 77.34 ? 1286 GOL A O1  1 
HETATM 1498 C C2  . GOL F 4 .   ? -8.949  -1.759  -7.589  1.00 77.62 ? 1286 GOL A C2  1 
HETATM 1499 O O2  . GOL F 4 .   ? -10.117 -2.064  -8.321  1.00 79.51 ? 1286 GOL A O2  1 
HETATM 1500 C C3  . GOL F 4 .   ? -9.338  -1.382  -6.140  1.00 41.84 ? 1286 GOL A C3  1 
HETATM 1501 O O3  . GOL F 4 .   ? -10.326 -0.375  -6.185  1.00 56.12 ? 1286 GOL A O3  1 
HETATM 1502 C C1  . GOL G 4 .   ? -18.576 3.349   -9.996  1.00 53.13 ? 1287 GOL A C1  1 
HETATM 1503 O O1  . GOL G 4 .   ? -17.324 3.654   -9.420  1.00 42.11 ? 1287 GOL A O1  1 
HETATM 1504 C C2  . GOL G 4 .   ? -19.145 4.616   -10.676 1.00 55.38 ? 1287 GOL A C2  1 
HETATM 1505 O O2  . GOL G 4 .   ? -20.406 4.927   -10.126 1.00 75.95 ? 1287 GOL A O2  1 
HETATM 1506 C C3  . GOL G 4 .   ? -18.188 5.807   -10.437 1.00 56.06 ? 1287 GOL A C3  1 
HETATM 1507 O O3  . GOL G 4 .   ? -18.960 6.943   -10.111 1.00 66.27 ? 1287 GOL A O3  1 
HETATM 1508 C C1  . GOL H 4 .   ? 14.519  1.353   12.156  1.00 77.98 ? 1288 GOL A C1  1 
HETATM 1509 O O1  . GOL H 4 .   ? 15.126  1.420   10.882  1.00 35.22 ? 1288 GOL A O1  1 
HETATM 1510 C C2  . GOL H 4 .   ? 12.980  1.337   12.002  1.00 62.03 ? 1288 GOL A C2  1 
HETATM 1511 O O2  . GOL H 4 .   ? 12.623  0.569   10.869  1.00 60.20 ? 1288 GOL A O2  1 
HETATM 1512 C C3  . GOL H 4 .   ? 12.366  0.705   13.275  1.00 66.22 ? 1288 GOL A C3  1 
HETATM 1513 O O3  . GOL H 4 .   ? 11.723  -0.503  12.930  1.00 79.51 ? 1288 GOL A O3  1 
HETATM 1514 C C1  . GOL I 4 .   ? -27.287 -4.578  3.904   1.00 64.39 ? 1289 GOL A C1  1 
HETATM 1515 O O1  . GOL I 4 .   ? -26.309 -5.371  3.266   1.00 50.71 ? 1289 GOL A O1  1 
HETATM 1516 C C2  . GOL I 4 .   ? -27.073 -4.702  5.431   1.00 71.09 ? 1289 GOL A C2  1 
HETATM 1517 O O2  . GOL I 4 .   ? -25.735 -4.377  5.744   1.00 53.36 ? 1289 GOL A O2  1 
HETATM 1518 C C3  . GOL I 4 .   ? -28.030 -3.745  6.181   1.00 44.65 ? 1289 GOL A C3  1 
HETATM 1519 O O3  . GOL I 4 .   ? -28.301 -4.302  7.448   1.00 67.56 ? 1289 GOL A O3  1 
HETATM 1520 O O   . HOH J 5 .   ? 38.326  -21.320 -10.210 1.00 55.06 ? 1001 HOH A O   1 
HETATM 1521 O O   . HOH J 5 .   ? 27.789  -20.493 -14.432 1.00 60.76 ? 1002 HOH A O   1 
HETATM 1522 O O   . HOH J 5 .   ? 19.207  -19.337 -9.645  1.00 21.72 ? 1003 HOH A O   1 
HETATM 1523 O O   . HOH J 5 .   ? 25.275  -22.826 -8.643  1.00 54.63 ? 1004 HOH A O   1 
HETATM 1524 O O   . HOH J 5 .   ? 15.555  -13.123 -3.391  1.00 23.86 ? 1005 HOH A O   1 
HETATM 1525 O O   . HOH J 5 .   ? 17.410  -8.850  -11.936 1.00 18.73 ? 1006 HOH A O   1 
HETATM 1526 O O   . HOH J 5 .   ? 17.208  -11.988 -5.421  1.00 15.58 ? 1007 HOH A O   1 
HETATM 1527 O O   . HOH J 5 .   ? 9.352   -10.877 -12.544 1.00 39.00 ? 1008 HOH A O   1 
HETATM 1528 O O   . HOH J 5 .   ? 11.429  -7.768  -14.221 1.00 57.42 ? 1009 HOH A O   1 
HETATM 1529 O O   . HOH J 5 .   ? 9.341   -10.993 -8.356  1.00 17.40 ? 1010 HOH A O   1 
HETATM 1530 O O   . HOH J 5 .   ? 13.606  -9.529  -1.088  1.00 16.14 ? 1011 HOH A O   1 
HETATM 1531 O O   . HOH J 5 .   ? 11.044  -8.966  -0.877  1.00 21.94 ? 1012 HOH A O   1 
HETATM 1532 O O   . HOH J 5 .   ? 9.146   -9.603  -3.010  1.00 26.06 ? 1013 HOH A O   1 
HETATM 1533 O O   . HOH J 5 .   ? 6.810   -7.637  1.163   1.00 44.38 ? 1014 HOH A O   1 
HETATM 1534 O O   . HOH J 5 .   ? 9.465   -8.325  2.271   1.00 44.70 ? 1015 HOH A O   1 
HETATM 1535 O O   . HOH J 5 .   ? 5.018   -9.042  -0.672  1.00 57.12 ? 1016 HOH A O   1 
HETATM 1536 O O   . HOH J 5 .   ? 0.131   -2.287  8.680   1.00 51.25 ? 1017 HOH A O   1 
HETATM 1537 O O   . HOH J 5 .   ? 3.837   0.575   6.620   1.00 28.14 ? 1018 HOH A O   1 
HETATM 1538 O O   . HOH J 5 .   ? 3.566   3.338   6.471   1.00 44.88 ? 1019 HOH A O   1 
HETATM 1539 O O   . HOH J 5 .   ? 4.360   6.885   1.735   1.00 33.74 ? 1020 HOH A O   1 
HETATM 1540 O O   . HOH J 5 .   ? 2.498   6.850   3.828   1.00 40.49 ? 1021 HOH A O   1 
HETATM 1541 O O   . HOH J 5 .   ? 6.787   -1.550  8.726   1.00 47.80 ? 1022 HOH A O   1 
HETATM 1542 O O   . HOH J 5 .   ? 12.090  -6.894  7.369   1.00 49.04 ? 1023 HOH A O   1 
HETATM 1543 O O   . HOH J 5 .   ? 12.350  -4.508  9.336   1.00 26.19 ? 1024 HOH A O   1 
HETATM 1544 O O   . HOH J 5 .   ? 13.763  -7.409  3.882   1.00 21.39 ? 1025 HOH A O   1 
HETATM 1545 O O   . HOH J 5 .   ? 14.724  -9.653  1.540   1.00 21.58 ? 1026 HOH A O   1 
HETATM 1546 O O   . HOH J 5 .   ? 26.213  -12.060 -3.413  1.00 29.91 ? 1027 HOH A O   1 
HETATM 1547 O O   . HOH J 5 .   ? 29.613  -13.980 -3.454  1.00 39.37 ? 1028 HOH A O   1 
HETATM 1548 O O   . HOH J 5 .   ? 37.434  -18.137 -4.611  1.00 51.65 ? 1029 HOH A O   1 
HETATM 1549 O O   . HOH J 5 .   ? 38.626  -15.543 -3.732  1.00 49.90 ? 1030 HOH A O   1 
HETATM 1550 O O   . HOH J 5 .   ? 37.107  -9.774  -7.158  1.00 39.89 ? 1031 HOH A O   1 
HETATM 1551 O O   . HOH J 5 .   ? 31.383  -11.733 -2.848  1.00 38.25 ? 1032 HOH A O   1 
HETATM 1552 O O   . HOH J 5 .   ? 32.694  -3.399  -3.821  1.00 44.42 ? 1033 HOH A O   1 
HETATM 1553 O O   . HOH J 5 .   ? 27.739  -0.203  -3.043  1.00 34.09 ? 1034 HOH A O   1 
HETATM 1554 O O   . HOH J 5 .   ? 13.364  -12.209 -2.061  1.00 43.34 ? 1035 HOH A O   1 
HETATM 1555 O O   . HOH J 5 .   ? 6.480   -12.929 -11.830 1.00 57.53 ? 1036 HOH A O   1 
HETATM 1556 O O   . HOH J 5 .   ? 6.559   -10.583 -9.277  1.00 44.34 ? 1037 HOH A O   1 
HETATM 1557 O O   . HOH J 5 .   ? 7.940   -6.067  -13.966 1.00 48.41 ? 1038 HOH A O   1 
HETATM 1558 O O   . HOH J 5 .   ? 9.667   -11.324 0.184   1.00 49.50 ? 1039 HOH A O   1 
HETATM 1559 O O   . HOH J 5 .   ? 7.056   -10.087 -4.797  1.00 47.18 ? 1040 HOH A O   1 
HETATM 1560 O O   . HOH J 5 .   ? 5.990   4.249   8.088   1.00 48.55 ? 1041 HOH A O   1 
HETATM 1561 O O   . HOH J 5 .   ? 26.727  8.208   3.024   1.00 66.30 ? 1042 HOH A O   1 
HETATM 1562 O O   . HOH J 5 .   ? 22.958  2.481   7.171   1.00 35.92 ? 1043 HOH A O   1 
HETATM 1563 O O   . HOH J 5 .   ? 19.276  5.809   9.337   1.00 37.57 ? 1044 HOH A O   1 
HETATM 1564 O O   . HOH J 5 .   ? 28.014  -0.167  3.255   1.00 34.11 ? 1045 HOH A O   1 
HETATM 1565 O O   . HOH J 5 .   ? 23.676  -12.228 -1.288  1.00 26.66 ? 1046 HOH A O   1 
HETATM 1566 O O   . HOH J 5 .   ? 31.788  -7.687  -2.282  1.00 32.10 ? 1047 HOH A O   1 
HETATM 1567 O O   . HOH J 5 .   ? 30.300  -7.384  1.442   1.00 49.95 ? 1048 HOH A O   1 
HETATM 1568 O O   . HOH J 5 .   ? 16.170  -7.382  8.542   1.00 56.63 ? 1049 HOH A O   1 
HETATM 1569 O O   . HOH J 5 .   ? 21.572  0.517   6.054   1.00 20.72 ? 1050 HOH A O   1 
HETATM 1570 O O   . HOH J 5 .   ? 17.790  -5.625  6.954   1.00 39.15 ? 1051 HOH A O   1 
HETATM 1571 O O   . HOH J 5 .   ? 13.432  9.075   6.939   1.00 54.08 ? 1052 HOH A O   1 
HETATM 1572 O O   . HOH J 5 .   ? 42.723  -14.289 -6.328  1.00 52.27 ? 1053 HOH A O   1 
HETATM 1573 O O   . HOH J 5 .   ? 15.253  10.501  -1.953  1.00 57.13 ? 1054 HOH A O   1 
HETATM 1574 O O   . HOH J 5 .   ? -0.141  -1.738  -7.958  1.00 51.16 ? 1055 HOH A O   1 
HETATM 1575 O O   . HOH J 5 .   ? 14.951  7.368   9.059   1.00 42.90 ? 1056 HOH A O   1 
HETATM 1576 O O   . HOH J 5 .   ? 9.170   4.929   6.119   1.00 36.74 ? 1057 HOH A O   1 
HETATM 1577 O O   . HOH J 5 .   ? 12.310  6.691   5.384   1.00 26.29 ? 1058 HOH A O   1 
HETATM 1578 O O   . HOH J 5 .   ? 18.279  7.738   -2.787  1.00 47.03 ? 1059 HOH A O   1 
HETATM 1579 O O   . HOH J 5 .   ? 6.401   7.826   5.653   1.00 55.48 ? 1060 HOH A O   1 
HETATM 1580 O O   . HOH J 5 .   ? 9.196   7.625   6.457   1.00 49.81 ? 1061 HOH A O   1 
HETATM 1581 O O   . HOH J 5 .   ? 41.547  -11.595 -6.099  1.00 49.39 ? 1062 HOH A O   1 
HETATM 1582 O O   . HOH J 5 .   ? 2.802   2.563   -6.985  1.00 47.85 ? 1063 HOH A O   1 
HETATM 1583 O O   . HOH J 5 .   ? 13.596  8.438   -0.581  1.00 35.97 ? 1064 HOH A O   1 
HETATM 1584 O O   . HOH J 5 .   ? 14.500  7.609   -4.513  1.00 42.92 ? 1065 HOH A O   1 
HETATM 1585 O O   . HOH J 5 .   ? 14.758  -3.241  -15.239 1.00 40.83 ? 1066 HOH A O   1 
HETATM 1586 O O   . HOH J 5 .   ? 16.336  -6.069  -16.004 1.00 44.08 ? 1067 HOH A O   1 
HETATM 1587 O O   . HOH J 5 .   ? 2.775   -2.369  -6.884  1.00 40.66 ? 1068 HOH A O   1 
HETATM 1588 O O   . HOH J 5 .   ? 14.410  4.135   -10.753 1.00 22.55 ? 1069 HOH A O   1 
HETATM 1589 O O   . HOH J 5 .   ? -6.943  10.299  0.678   1.00 40.52 ? 1070 HOH A O   1 
HETATM 1590 O O   . HOH J 5 .   ? 16.419  5.794   -2.952  1.00 32.10 ? 1071 HOH A O   1 
HETATM 1591 O O   . HOH J 5 .   ? 26.508  0.551   -14.335 1.00 30.07 ? 1072 HOH A O   1 
HETATM 1592 O O   . HOH J 5 .   ? 30.479  1.121   -10.480 1.00 51.27 ? 1073 HOH A O   1 
HETATM 1593 O O   . HOH J 5 .   ? 27.833  -1.731  -13.783 1.00 35.21 ? 1074 HOH A O   1 
HETATM 1594 O O   . HOH J 5 .   ? -38.978 17.937  10.852  1.00 36.27 ? 1075 HOH A O   1 
HETATM 1595 O O   . HOH J 5 .   ? -45.299 11.329  11.317  1.00 14.12 ? 1076 HOH A O   1 
HETATM 1596 O O   . HOH J 5 .   ? -31.507 17.280  10.317  1.00 49.58 ? 1077 HOH A O   1 
HETATM 1597 O O   . HOH J 5 .   ? -32.512 17.017  2.655   1.00 49.14 ? 1078 HOH A O   1 
HETATM 1598 O O   . HOH J 5 .   ? 37.207  -3.496  -10.415 1.00 59.79 ? 1079 HOH A O   1 
HETATM 1599 O O   . HOH J 5 .   ? 39.383  -11.191 -8.408  1.00 42.23 ? 1080 HOH A O   1 
HETATM 1600 O O   . HOH J 5 .   ? 40.693  -10.866 -18.842 1.00 51.11 ? 1081 HOH A O   1 
HETATM 1601 O O   . HOH J 5 .   ? 35.891  -4.980  -19.084 1.00 52.83 ? 1082 HOH A O   1 
HETATM 1602 O O   . HOH J 5 .   ? 38.107  -11.639 -19.233 1.00 43.55 ? 1083 HOH A O   1 
HETATM 1603 O O   . HOH J 5 .   ? -18.027 -9.770  3.432   1.00 48.82 ? 1084 HOH A O   1 
HETATM 1604 O O   . HOH J 5 .   ? 24.754  -9.074  -18.568 1.00 18.64 ? 1085 HOH A O   1 
HETATM 1605 O O   . HOH J 5 .   ? 26.665  -13.169 -15.556 1.00 31.15 ? 1086 HOH A O   1 
HETATM 1606 O O   . HOH J 5 .   ? 16.763  -1.479  -16.270 1.00 36.78 ? 1087 HOH A O   1 
HETATM 1607 O O   . HOH J 5 .   ? 14.567  -5.749  -13.735 1.00 36.33 ? 1088 HOH A O   1 
HETATM 1608 O O   . HOH J 5 .   ? 19.421  -3.890  -17.476 1.00 19.54 ? 1089 HOH A O   1 
HETATM 1609 O O   . HOH J 5 .   ? -13.721 12.510  0.813   1.00 60.29 ? 1090 HOH A O   1 
HETATM 1610 O O   . HOH J 5 .   ? 9.322   0.350   -8.729  1.00 35.42 ? 1091 HOH A O   1 
HETATM 1611 O O   . HOH J 5 .   ? -33.023 -2.795  11.772  1.00 42.99 ? 1092 HOH A O   1 
HETATM 1612 O O   . HOH J 5 .   ? 4.684   -5.787  1.405   1.00 33.08 ? 1093 HOH A O   1 
HETATM 1613 O O   . HOH J 5 .   ? 3.053   -0.919  -4.331  1.00 32.53 ? 1094 HOH A O   1 
HETATM 1614 O O   . HOH J 5 .   ? 2.750   -4.499  -5.075  1.00 28.98 ? 1095 HOH A O   1 
HETATM 1615 O O   . HOH J 5 .   ? 0.175   3.977   5.862   1.00 49.65 ? 1096 HOH A O   1 
HETATM 1616 O O   . HOH J 5 .   ? -3.248  3.272   8.447   1.00 45.64 ? 1097 HOH A O   1 
HETATM 1617 O O   . HOH J 5 .   ? -3.200  0.395   7.574   1.00 37.91 ? 1098 HOH A O   1 
HETATM 1618 O O   . HOH J 5 .   ? -3.940  -8.824  3.550   1.00 47.70 ? 1099 HOH A O   1 
HETATM 1619 O O   . HOH J 5 .   ? -3.509  -12.108 4.152   1.00 71.32 ? 1100 HOH A O   1 
HETATM 1620 O O   . HOH J 5 .   ? 0.153   -4.679  -7.817  1.00 55.22 ? 1101 HOH A O   1 
HETATM 1621 O O   . HOH J 5 .   ? -5.729  9.377   3.510   1.00 38.70 ? 1102 HOH A O   1 
HETATM 1622 O O   . HOH J 5 .   ? -16.562 13.806  4.374   1.00 43.15 ? 1103 HOH A O   1 
HETATM 1623 O O   . HOH J 5 .   ? -19.000 15.324  3.814   1.00 40.94 ? 1104 HOH A O   1 
HETATM 1624 O O   . HOH J 5 .   ? -23.695 17.684  6.806   1.00 43.93 ? 1105 HOH A O   1 
HETATM 1625 O O   . HOH J 5 .   ? -22.544 16.530  4.436   1.00 56.38 ? 1106 HOH A O   1 
HETATM 1626 O O   . HOH J 5 .   ? -44.954 13.374  13.080  1.00 34.00 ? 1107 HOH A O   1 
HETATM 1627 O O   . HOH J 5 .   ? -17.603 15.023  12.003  1.00 35.48 ? 1108 HOH A O   1 
HETATM 1628 O O   . HOH J 5 .   ? -29.378 16.511  6.880   1.00 33.31 ? 1109 HOH A O   1 
HETATM 1629 O O   . HOH J 5 .   ? -28.154 19.340  11.596  1.00 36.43 ? 1110 HOH A O   1 
HETATM 1630 O O   . HOH J 5 .   ? -25.428 16.352  8.535   1.00 27.22 ? 1111 HOH A O   1 
HETATM 1631 O O   . HOH J 5 .   ? -36.105 10.924  5.425   1.00 13.85 ? 1112 HOH A O   1 
HETATM 1632 O O   . HOH J 5 .   ? -36.074 17.369  12.082  1.00 34.80 ? 1113 HOH A O   1 
HETATM 1633 O O   . HOH J 5 .   ? -41.404 3.948   8.039   1.00 23.61 ? 1114 HOH A O   1 
HETATM 1634 O O   . HOH J 5 .   ? -42.666 10.745  10.483  1.00 14.01 ? 1115 HOH A O   1 
HETATM 1635 O O   . HOH J 5 .   ? -37.372 16.258  1.996   1.00 48.72 ? 1116 HOH A O   1 
HETATM 1636 O O   . HOH J 5 .   ? -34.020 9.528   -0.782  1.00 20.79 ? 1117 HOH A O   1 
HETATM 1637 O O   . HOH J 5 .   ? -36.612 17.078  4.539   1.00 21.38 ? 1118 HOH A O   1 
HETATM 1638 O O   . HOH J 5 .   ? -33.248 17.131  7.997   1.00 37.59 ? 1119 HOH A O   1 
HETATM 1639 O O   . HOH J 5 .   ? -31.939 14.667  1.036   1.00 26.25 ? 1120 HOH A O   1 
HETATM 1640 O O   . HOH J 5 .   ? -29.223 8.949   -5.118  1.00 58.79 ? 1121 HOH A O   1 
HETATM 1641 O O   . HOH J 5 .   ? -19.782 12.839  2.685   1.00 32.31 ? 1122 HOH A O   1 
HETATM 1642 O O   . HOH J 5 .   ? -26.720 12.868  -0.910  1.00 38.09 ? 1123 HOH A O   1 
HETATM 1643 O O   . HOH J 5 .   ? -24.052 12.190  -3.579  1.00 41.87 ? 1124 HOH A O   1 
HETATM 1644 O O   . HOH J 5 .   ? -25.575 14.198  1.406   1.00 37.50 ? 1125 HOH A O   1 
HETATM 1645 O O   . HOH J 5 .   ? -23.224 14.382  2.998   1.00 38.05 ? 1126 HOH A O   1 
HETATM 1646 O O   . HOH J 5 .   ? -17.307 11.358  5.181   1.00 25.89 ? 1127 HOH A O   1 
HETATM 1647 O O   . HOH J 5 .   ? -11.790 11.720  -7.107  1.00 44.58 ? 1128 HOH A O   1 
HETATM 1648 O O   . HOH J 5 .   ? -6.326  5.213   -3.680  1.00 27.35 ? 1129 HOH A O   1 
HETATM 1649 O O   . HOH J 5 .   ? -2.994  9.662   3.510   1.00 51.90 ? 1130 HOH A O   1 
HETATM 1650 O O   . HOH J 5 .   ? -1.389  5.081   3.049   1.00 28.32 ? 1131 HOH A O   1 
HETATM 1651 O O   . HOH J 5 .   ? -3.829  4.473   -4.026  1.00 23.13 ? 1132 HOH A O   1 
HETATM 1652 O O   . HOH J 5 .   ? -1.697  6.568   -2.143  1.00 24.97 ? 1133 HOH A O   1 
HETATM 1653 O O   . HOH J 5 .   ? 0.883   5.142   -1.512  1.00 24.01 ? 1134 HOH A O   1 
HETATM 1654 O O   . HOH J 5 .   ? -5.549  -3.832  -3.474  1.00 28.71 ? 1135 HOH A O   1 
HETATM 1655 O O   . HOH J 5 .   ? -4.730  -0.052  -9.122  1.00 30.05 ? 1136 HOH A O   1 
HETATM 1656 O O   . HOH J 5 .   ? -9.911  2.708   -9.027  1.00 31.14 ? 1137 HOH A O   1 
HETATM 1657 O O   . HOH J 5 .   ? -14.493 -3.024  -2.961  1.00 39.68 ? 1138 HOH A O   1 
HETATM 1658 O O   . HOH J 5 .   ? -12.157 -3.187  1.673   1.00 29.05 ? 1139 HOH A O   1 
HETATM 1659 O O   . HOH J 5 .   ? -15.183 -6.551  0.805   1.00 51.74 ? 1140 HOH A O   1 
HETATM 1660 O O   . HOH J 5 .   ? -29.770 -0.938  8.789   1.00 32.10 ? 1141 HOH A O   1 
HETATM 1661 O O   . HOH J 5 .   ? -27.489 -0.191  14.132  1.00 41.03 ? 1142 HOH A O   1 
HETATM 1662 O O   . HOH J 5 .   ? -23.775 -8.922  12.055  1.00 28.87 ? 1143 HOH A O   1 
HETATM 1663 O O   . HOH J 5 .   ? -22.798 -0.735  11.604  1.00 25.91 ? 1144 HOH A O   1 
HETATM 1664 O O   . HOH J 5 .   ? -17.620 -7.660  8.414   1.00 27.29 ? 1145 HOH A O   1 
HETATM 1665 O O   . HOH J 5 .   ? -20.446 -2.576  10.358  1.00 21.62 ? 1146 HOH A O   1 
HETATM 1666 O O   . HOH J 5 .   ? -28.213 -12.331 10.013  1.00 57.39 ? 1147 HOH A O   1 
HETATM 1667 O O   . HOH J 5 .   ? -24.072 -8.566  2.630   1.00 40.01 ? 1148 HOH A O   1 
HETATM 1668 O O   . HOH J 5 .   ? -20.600 -9.614  4.956   1.00 31.50 ? 1149 HOH A O   1 
HETATM 1669 O O   . HOH J 5 .   ? -19.422 -1.926  -0.041  1.00 17.72 ? 1150 HOH A O   1 
HETATM 1670 O O   . HOH J 5 .   ? -20.595 -4.180  -2.449  1.00 42.80 ? 1151 HOH A O   1 
HETATM 1671 O O   . HOH J 5 .   ? -26.753 -4.122  0.720   1.00 39.86 ? 1152 HOH A O   1 
HETATM 1672 O O   . HOH J 5 .   ? -22.097 -2.854  -4.773  1.00 46.93 ? 1153 HOH A O   1 
HETATM 1673 O O   . HOH J 5 .   ? -25.424 -5.089  -6.164  1.00 47.26 ? 1154 HOH A O   1 
HETATM 1674 O O   . HOH J 5 .   ? -30.842 -2.192  -7.410  1.00 60.50 ? 1155 HOH A O   1 
HETATM 1675 O O   . HOH J 5 .   ? -35.937 -3.577  -5.568  1.00 69.29 ? 1156 HOH A O   1 
HETATM 1676 O O   . HOH J 5 .   ? -35.451 0.789   4.746   1.00 47.71 ? 1157 HOH A O   1 
HETATM 1677 O O   . HOH J 5 .   ? -21.551 0.965   -7.881  1.00 48.38 ? 1158 HOH A O   1 
HETATM 1678 O O   . HOH J 5 .   ? -22.977 3.072   -9.320  1.00 53.01 ? 1159 HOH A O   1 
HETATM 1679 O O   . HOH J 5 .   ? -28.238 7.674   -9.221  1.00 72.20 ? 1160 HOH A O   1 
HETATM 1680 O O   . HOH J 5 .   ? -14.551 1.673   -10.262 1.00 47.03 ? 1161 HOH A O   1 
HETATM 1681 O O   . HOH J 5 .   ? -12.449 0.783   -4.096  1.00 29.19 ? 1162 HOH A O   1 
HETATM 1682 O O   . HOH J 5 .   ? -18.727 2.825   -6.887  1.00 24.09 ? 1163 HOH A O   1 
HETATM 1683 O O   . HOH J 5 .   ? -17.937 -3.299  -2.148  1.00 47.38 ? 1164 HOH A O   1 
HETATM 1684 O O   . HOH J 5 .   ? -20.201 -0.806  -6.016  1.00 38.07 ? 1165 HOH A O   1 
HETATM 1685 O O   . HOH J 5 .   ? -14.487 10.340  -3.870  1.00 37.96 ? 1166 HOH A O   1 
HETATM 1686 O O   . HOH J 5 .   ? -22.273 9.999   -4.550  1.00 27.42 ? 1167 HOH A O   1 
HETATM 1687 O O   . HOH J 5 .   ? -15.461 11.473  -1.554  1.00 49.81 ? 1168 HOH A O   1 
HETATM 1688 O O   . HOH J 5 .   ? -23.098 7.469   -3.550  1.00 24.35 ? 1169 HOH A O   1 
HETATM 1689 O O   . HOH J 5 .   ? -26.222 9.799   -4.921  1.00 49.09 ? 1170 HOH A O   1 
HETATM 1690 O O   . HOH J 5 .   ? -36.690 3.273   3.475   1.00 31.73 ? 1171 HOH A O   1 
HETATM 1691 O O   . HOH J 5 .   ? -34.885 3.269   -1.120  1.00 31.88 ? 1172 HOH A O   1 
HETATM 1692 O O   . HOH J 5 .   ? -39.033 5.409   10.818  1.00 20.04 ? 1173 HOH A O   1 
HETATM 1693 O O   . HOH J 5 .   ? -40.023 8.735   12.885  1.00 19.33 ? 1174 HOH A O   1 
HETATM 1694 O O   . HOH J 5 .   ? -31.151 -0.748  12.323  1.00 40.97 ? 1175 HOH A O   1 
HETATM 1695 O O   . HOH J 5 .   ? -36.934 -0.829  9.113   1.00 41.50 ? 1176 HOH A O   1 
HETATM 1696 O O   . HOH J 5 .   ? -37.630 2.792   11.062  1.00 26.09 ? 1177 HOH A O   1 
HETATM 1697 O O   . HOH J 5 .   ? -33.504 0.688   7.145   1.00 24.59 ? 1178 HOH A O   1 
HETATM 1698 O O   . HOH J 5 .   ? -29.278 1.614   6.768   1.00 18.15 ? 1179 HOH A O   1 
HETATM 1699 O O   . HOH J 5 .   ? -17.781 -3.366  10.531  1.00 28.38 ? 1180 HOH A O   1 
HETATM 1700 O O   . HOH J 5 .   ? -13.882 -7.074  6.897   1.00 46.13 ? 1181 HOH A O   1 
HETATM 1701 O O   . HOH J 5 .   ? -12.095 -5.358  -0.216  1.00 46.21 ? 1182 HOH A O   1 
HETATM 1702 O O   . HOH J 5 .   ? 0.429   -6.690  -5.950  1.00 50.09 ? 1183 HOH A O   1 
HETATM 1703 O O   . HOH J 5 .   ? -1.578  -10.127 2.341   1.00 45.97 ? 1184 HOH A O   1 
HETATM 1704 O O   . HOH J 5 .   ? -3.267  -5.186  -2.731  1.00 17.63 ? 1185 HOH A O   1 
HETATM 1705 O O   . HOH J 5 .   ? -1.399  -7.935  5.600   1.00 59.23 ? 1186 HOH A O   1 
HETATM 1706 O O   . HOH J 5 .   ? 1.680   -6.364  6.284   1.00 49.91 ? 1187 HOH A O   1 
HETATM 1707 O O   . HOH J 5 .   ? -5.010  -6.643  5.029   1.00 58.10 ? 1188 HOH A O   1 
HETATM 1708 O O   . HOH J 5 .   ? -3.407  -3.537  9.036   1.00 32.92 ? 1189 HOH A O   1 
HETATM 1709 O O   . HOH J 5 .   ? -11.183 -7.722  8.002   1.00 53.76 ? 1190 HOH A O   1 
HETATM 1710 O O   . HOH J 5 .   ? -6.488  -1.653  11.171  1.00 44.34 ? 1191 HOH A O   1 
HETATM 1711 O O   . HOH J 5 .   ? -6.016  6.109   9.418   1.00 35.53 ? 1192 HOH A O   1 
HETATM 1712 O O   . HOH J 5 .   ? -8.275  4.271   11.588  1.00 29.19 ? 1193 HOH A O   1 
HETATM 1713 O O   . HOH J 5 .   ? -11.139 3.965   13.176  1.00 18.45 ? 1194 HOH A O   1 
HETATM 1714 O O   . HOH J 5 .   ? -9.151  1.939   12.959  1.00 30.11 ? 1195 HOH A O   1 
HETATM 1715 O O   . HOH J 5 .   ? -9.611  5.989   14.122  1.00 41.89 ? 1196 HOH A O   1 
HETATM 1716 O O   . HOH J 5 .   ? -13.774 5.474   13.383  1.00 20.95 ? 1197 HOH A O   1 
HETATM 1717 O O   . HOH J 5 .   ? -17.102 7.929   14.810  1.00 36.83 ? 1198 HOH A O   1 
HETATM 1718 O O   . HOH J 5 .   ? -17.896 3.646   18.242  1.00 15.81 ? 1199 HOH A O   1 
HETATM 1719 O O   . HOH J 5 .   ? -27.092 13.893  20.206  1.00 44.50 ? 1200 HOH A O   1 
HETATM 1720 O O   . HOH J 5 .   ? -34.812 8.621   15.982  1.00 19.72 ? 1201 HOH A O   1 
HETATM 1721 O O   . HOH J 5 .   ? -40.299 11.274  11.730  1.00 34.81 ? 1202 HOH A O   1 
HETATM 1722 O O   . HOH J 5 .   ? -42.571 13.078  14.440  1.00 34.08 ? 1203 HOH A O   1 
HETATM 1723 O O   . HOH J 5 .   ? -9.908  9.662   12.493  1.00 55.15 ? 1204 HOH A O   1 
HETATM 1724 O O   . HOH J 5 .   ? -8.912  14.466  5.925   1.00 62.45 ? 1205 HOH A O   1 
HETATM 1725 O O   . HOH J 5 .   ? 10.454  12.305  -1.161  1.00 52.12 ? 1206 HOH A O   1 
HETATM 1726 O O   . HOH J 5 .   ? -22.873 16.080  15.411  1.00 49.81 ? 1207 HOH A O   1 
HETATM 1727 O O   . HOH J 5 .   ? -9.613  -5.391  -5.496  1.00 47.75 ? 1208 HOH A O   1 
HETATM 1728 O O   . HOH J 5 .   ? -18.525 9.952   -10.359 1.00 58.01 ? 1209 HOH A O   1 
HETATM 1729 O O   . HOH J 5 .   ? 17.577  1.151   12.842  1.00 30.38 ? 1210 HOH A O   1 
# 
